data_4QEG
# 
_entry.id   4QEG 
# 
_audit_conform.dict_name       mmcif_pdbx.dic 
_audit_conform.dict_version    5.387 
_audit_conform.dict_location   http://mmcif.pdb.org/dictionaries/ascii/mmcif_pdbx.dic 
# 
loop_
_database_2.database_id 
_database_2.database_code 
_database_2.pdbx_database_accession 
_database_2.pdbx_DOI 
PDB   4QEG         pdb_00004qeg 10.2210/pdb4qeg/pdb 
RCSB  RCSB085951   ?            ?                   
WWPDB D_1000085951 ?            ?                   
# 
loop_
_pdbx_audit_revision_history.ordinal 
_pdbx_audit_revision_history.data_content_type 
_pdbx_audit_revision_history.major_revision 
_pdbx_audit_revision_history.minor_revision 
_pdbx_audit_revision_history.revision_date 
1 'Structure model' 1 0 2015-07-22 
2 'Structure model' 1 1 2016-10-05 
3 'Structure model' 1 2 2024-02-28 
# 
_pdbx_audit_revision_details.ordinal             1 
_pdbx_audit_revision_details.revision_ordinal    1 
_pdbx_audit_revision_details.data_content_type   'Structure model' 
_pdbx_audit_revision_details.provider            repository 
_pdbx_audit_revision_details.type                'Initial release' 
_pdbx_audit_revision_details.description         ? 
_pdbx_audit_revision_details.details             ? 
# 
loop_
_pdbx_audit_revision_group.ordinal 
_pdbx_audit_revision_group.revision_ordinal 
_pdbx_audit_revision_group.data_content_type 
_pdbx_audit_revision_group.group 
1 2 'Structure model' 'Database references'  
2 3 'Structure model' 'Data collection'      
3 3 'Structure model' 'Database references'  
4 3 'Structure model' 'Derived calculations' 
# 
loop_
_pdbx_audit_revision_category.ordinal 
_pdbx_audit_revision_category.revision_ordinal 
_pdbx_audit_revision_category.data_content_type 
_pdbx_audit_revision_category.category 
1 3 'Structure model' chem_comp_atom         
2 3 'Structure model' chem_comp_bond         
3 3 'Structure model' database_2             
4 3 'Structure model' pdbx_struct_conn_angle 
5 3 'Structure model' struct_conn            
6 3 'Structure model' struct_ref_seq_dif     
7 3 'Structure model' struct_site            
# 
loop_
_pdbx_audit_revision_item.ordinal 
_pdbx_audit_revision_item.revision_ordinal 
_pdbx_audit_revision_item.data_content_type 
_pdbx_audit_revision_item.item 
1  3 'Structure model' '_database_2.pdbx_DOI'                        
2  3 'Structure model' '_database_2.pdbx_database_accession'         
3  3 'Structure model' '_pdbx_struct_conn_angle.ptnr1_auth_comp_id'  
4  3 'Structure model' '_pdbx_struct_conn_angle.ptnr1_auth_seq_id'   
5  3 'Structure model' '_pdbx_struct_conn_angle.ptnr1_label_asym_id' 
6  3 'Structure model' '_pdbx_struct_conn_angle.ptnr1_label_atom_id' 
7  3 'Structure model' '_pdbx_struct_conn_angle.ptnr1_label_comp_id' 
8  3 'Structure model' '_pdbx_struct_conn_angle.ptnr1_label_seq_id'  
9  3 'Structure model' '_pdbx_struct_conn_angle.ptnr2_auth_seq_id'   
10 3 'Structure model' '_pdbx_struct_conn_angle.ptnr2_label_asym_id' 
11 3 'Structure model' '_pdbx_struct_conn_angle.ptnr3_auth_comp_id'  
12 3 'Structure model' '_pdbx_struct_conn_angle.ptnr3_auth_seq_id'   
13 3 'Structure model' '_pdbx_struct_conn_angle.ptnr3_label_asym_id' 
14 3 'Structure model' '_pdbx_struct_conn_angle.ptnr3_label_atom_id' 
15 3 'Structure model' '_pdbx_struct_conn_angle.ptnr3_label_comp_id' 
16 3 'Structure model' '_pdbx_struct_conn_angle.ptnr3_label_seq_id'  
17 3 'Structure model' '_pdbx_struct_conn_angle.value'               
18 3 'Structure model' '_struct_conn.pdbx_dist_value'                
19 3 'Structure model' '_struct_conn.ptnr1_auth_comp_id'             
20 3 'Structure model' '_struct_conn.ptnr1_auth_seq_id'              
21 3 'Structure model' '_struct_conn.ptnr1_label_asym_id'            
22 3 'Structure model' '_struct_conn.ptnr1_label_atom_id'            
23 3 'Structure model' '_struct_conn.ptnr1_label_comp_id'            
24 3 'Structure model' '_struct_conn.ptnr1_label_seq_id'             
25 3 'Structure model' '_struct_conn.ptnr2_auth_comp_id'             
26 3 'Structure model' '_struct_conn.ptnr2_auth_seq_id'              
27 3 'Structure model' '_struct_conn.ptnr2_label_asym_id'            
28 3 'Structure model' '_struct_conn.ptnr2_label_atom_id'            
29 3 'Structure model' '_struct_conn.ptnr2_label_comp_id'            
30 3 'Structure model' '_struct_ref_seq_dif.details'                 
31 3 'Structure model' '_struct_site.pdbx_auth_asym_id'              
32 3 'Structure model' '_struct_site.pdbx_auth_comp_id'              
33 3 'Structure model' '_struct_site.pdbx_auth_seq_id'               
# 
_pdbx_database_status.status_code                     REL 
_pdbx_database_status.entry_id                        4QEG 
_pdbx_database_status.recvd_initial_deposition_date   2014-05-16 
_pdbx_database_status.deposit_site                    RCSB 
_pdbx_database_status.process_site                    RCSB 
_pdbx_database_status.status_code_sf                  REL 
_pdbx_database_status.status_code_mr                  ? 
_pdbx_database_status.SG_entry                        ? 
_pdbx_database_status.status_code_cs                  ? 
_pdbx_database_status.methods_development_category    ? 
_pdbx_database_status.pdb_format_compatible           Y 
_pdbx_database_status.status_code_nmr_data            ? 
# 
loop_
_pdbx_database_related.db_name 
_pdbx_database_related.db_id 
_pdbx_database_related.details 
_pdbx_database_related.content_type 
PDB 2A38 . unspecified 
PDB 3B43 . unspecified 
PDB 2RIK . unspecified 
PDB 2NZI . unspecified 
PDB 3LPW . unspecified 
PDB 5JDE . unspecified 
PDB 5JDJ . unspecified 
# 
loop_
_audit_author.name 
_audit_author.pdbx_ordinal 
'Bogomolovas, J.' 1 
'Labeit, S.'      2 
'Mayans, O.'      3 
# 
_citation.id                        primary 
_citation.title                     
'Exploration of the pathological potential of isolated mSNPs in titin: the cardiomyopathy-linked mutation T2580I' 
_citation.journal_abbrev            'Open Biology' 
_citation.journal_volume            ? 
_citation.page_first                ? 
_citation.page_last                 ? 
_citation.year                      2016 
_citation.journal_id_ASTM           ? 
_citation.country                   UK 
_citation.journal_id_ISSN           2046-2441 
_citation.journal_id_CSD            ? 
_citation.book_publisher            ? 
_citation.pdbx_database_id_PubMed   ? 
_citation.pdbx_database_id_DOI      ? 
# 
loop_
_citation_author.citation_id 
_citation_author.name 
_citation_author.ordinal 
_citation_author.identifier_ORCID 
primary 'Bogomolovas, J.' 1  ? 
primary 'Labeit, S.'      2  ? 
primary 'Anderson, B.'    3  ? 
primary 'Williams, R.'    4  ? 
primary 'Lange, S.'       5  ? 
primary 'Simon, B.'       6  ? 
primary 'Khan, M.M.'      7  ? 
primary 'Rudolf, R.'      8  ? 
primary 'Bullard, B.'     9  ? 
primary 'Rigden, D.J.'    10 ? 
primary 'Granzier, H.'    11 ? 
primary 'Labiet, S.'      12 ? 
primary 'Mayans, O.'      13 ? 
# 
loop_
_entity.id 
_entity.type 
_entity.src_method 
_entity.pdbx_description 
_entity.formula_weight 
_entity.pdbx_number_of_molecules 
_entity.pdbx_ec 
_entity.pdbx_mutation 
_entity.pdbx_fragment 
_entity.details 
1 polymer     man Titin         10178.617 1   2.7.11.1 ? 'domain I10' ? 
2 non-polymer syn 'CALCIUM ION' 40.078    3   ?        ? ?            ? 
3 water       nat water         18.015    121 ?        ? ?            ? 
# 
_entity_name_com.entity_id   1 
_entity_name_com.name        'Connectin, Rhabdomyosarcoma antigen MU-RMS-40.14' 
# 
_entity_poly.entity_id                      1 
_entity_poly.type                           'polypeptide(L)' 
_entity_poly.nstd_linkage                   no 
_entity_poly.nstd_monomer                   no 
_entity_poly.pdbx_seq_one_letter_code       
;GAMETLHITKTMKNIEVPETKTASFECEVSHFNVPSMWLKNGVEIEMSEKFKIVVQGKLHQLIIMNTSTEDSAEYTFVCG
NDQVSATLTVT
;
_entity_poly.pdbx_seq_one_letter_code_can   
;GAMETLHITKTMKNIEVPETKTASFECEVSHFNVPSMWLKNGVEIEMSEKFKIVVQGKLHQLIIMNTSTEDSAEYTFVCG
NDQVSATLTVT
;
_entity_poly.pdbx_strand_id                 A 
_entity_poly.pdbx_target_identifier         ? 
# 
loop_
_pdbx_entity_nonpoly.entity_id 
_pdbx_entity_nonpoly.name 
_pdbx_entity_nonpoly.comp_id 
2 'CALCIUM ION' CA  
3 water         HOH 
# 
loop_
_entity_poly_seq.entity_id 
_entity_poly_seq.num 
_entity_poly_seq.mon_id 
_entity_poly_seq.hetero 
1 1  GLY n 
1 2  ALA n 
1 3  MET n 
1 4  GLU n 
1 5  THR n 
1 6  LEU n 
1 7  HIS n 
1 8  ILE n 
1 9  THR n 
1 10 LYS n 
1 11 THR n 
1 12 MET n 
1 13 LYS n 
1 14 ASN n 
1 15 ILE n 
1 16 GLU n 
1 17 VAL n 
1 18 PRO n 
1 19 GLU n 
1 20 THR n 
1 21 LYS n 
1 22 THR n 
1 23 ALA n 
1 24 SER n 
1 25 PHE n 
1 26 GLU n 
1 27 CYS n 
1 28 GLU n 
1 29 VAL n 
1 30 SER n 
1 31 HIS n 
1 32 PHE n 
1 33 ASN n 
1 34 VAL n 
1 35 PRO n 
1 36 SER n 
1 37 MET n 
1 38 TRP n 
1 39 LEU n 
1 40 LYS n 
1 41 ASN n 
1 42 GLY n 
1 43 VAL n 
1 44 GLU n 
1 45 ILE n 
1 46 GLU n 
1 47 MET n 
1 48 SER n 
1 49 GLU n 
1 50 LYS n 
1 51 PHE n 
1 52 LYS n 
1 53 ILE n 
1 54 VAL n 
1 55 VAL n 
1 56 GLN n 
1 57 GLY n 
1 58 LYS n 
1 59 LEU n 
1 60 HIS n 
1 61 GLN n 
1 62 LEU n 
1 63 ILE n 
1 64 ILE n 
1 65 MET n 
1 66 ASN n 
1 67 THR n 
1 68 SER n 
1 69 THR n 
1 70 GLU n 
1 71 ASP n 
1 72 SER n 
1 73 ALA n 
1 74 GLU n 
1 75 TYR n 
1 76 THR n 
1 77 PHE n 
1 78 VAL n 
1 79 CYS n 
1 80 GLY n 
1 81 ASN n 
1 82 ASP n 
1 83 GLN n 
1 84 VAL n 
1 85 SER n 
1 86 ALA n 
1 87 THR n 
1 88 LEU n 
1 89 THR n 
1 90 VAL n 
1 91 THR n 
# 
_entity_src_gen.entity_id                          1 
_entity_src_gen.pdbx_src_id                        1 
_entity_src_gen.pdbx_alt_source_flag               sample 
_entity_src_gen.pdbx_seq_type                      ? 
_entity_src_gen.pdbx_beg_seq_num                   ? 
_entity_src_gen.pdbx_end_seq_num                   ? 
_entity_src_gen.gene_src_common_name               human 
_entity_src_gen.gene_src_genus                     ? 
_entity_src_gen.pdbx_gene_src_gene                 TTN 
_entity_src_gen.gene_src_species                   ? 
_entity_src_gen.gene_src_strain                    ? 
_entity_src_gen.gene_src_tissue                    ? 
_entity_src_gen.gene_src_tissue_fraction           ? 
_entity_src_gen.gene_src_details                   ? 
_entity_src_gen.pdbx_gene_src_fragment             ? 
_entity_src_gen.pdbx_gene_src_scientific_name      'Homo sapiens' 
_entity_src_gen.pdbx_gene_src_ncbi_taxonomy_id     9606 
_entity_src_gen.pdbx_gene_src_variant              ? 
_entity_src_gen.pdbx_gene_src_cell_line            ? 
_entity_src_gen.pdbx_gene_src_atcc                 ? 
_entity_src_gen.pdbx_gene_src_organ                ? 
_entity_src_gen.pdbx_gene_src_organelle            ? 
_entity_src_gen.pdbx_gene_src_cell                 ? 
_entity_src_gen.pdbx_gene_src_cellular_location    ? 
_entity_src_gen.host_org_common_name               ? 
_entity_src_gen.pdbx_host_org_scientific_name      'Escherichia coli' 
_entity_src_gen.pdbx_host_org_ncbi_taxonomy_id     511693 
_entity_src_gen.host_org_genus                     ? 
_entity_src_gen.pdbx_host_org_gene                 ? 
_entity_src_gen.pdbx_host_org_organ                ? 
_entity_src_gen.host_org_species                   ? 
_entity_src_gen.pdbx_host_org_tissue               ? 
_entity_src_gen.pdbx_host_org_tissue_fraction      ? 
_entity_src_gen.pdbx_host_org_strain               BL21 
_entity_src_gen.pdbx_host_org_variant              ? 
_entity_src_gen.pdbx_host_org_cell_line            ? 
_entity_src_gen.pdbx_host_org_atcc                 ? 
_entity_src_gen.pdbx_host_org_culture_collection   ? 
_entity_src_gen.pdbx_host_org_cell                 ? 
_entity_src_gen.pdbx_host_org_organelle            ? 
_entity_src_gen.pdbx_host_org_cellular_location    ? 
_entity_src_gen.pdbx_host_org_vector_type          ? 
_entity_src_gen.pdbx_host_org_vector               ? 
_entity_src_gen.host_org_details                   ? 
_entity_src_gen.expression_system_id               ? 
_entity_src_gen.plasmid_name                       pETM11 
_entity_src_gen.plasmid_details                    ? 
_entity_src_gen.pdbx_description                   ? 
# 
loop_
_chem_comp.id 
_chem_comp.type 
_chem_comp.mon_nstd_flag 
_chem_comp.name 
_chem_comp.pdbx_synonyms 
_chem_comp.formula 
_chem_comp.formula_weight 
ALA 'L-peptide linking' y ALANINE         ? 'C3 H7 N O2'     89.093  
ASN 'L-peptide linking' y ASPARAGINE      ? 'C4 H8 N2 O3'    132.118 
ASP 'L-peptide linking' y 'ASPARTIC ACID' ? 'C4 H7 N O4'     133.103 
CA  non-polymer         . 'CALCIUM ION'   ? 'Ca 2'           40.078  
CYS 'L-peptide linking' y CYSTEINE        ? 'C3 H7 N O2 S'   121.158 
GLN 'L-peptide linking' y GLUTAMINE       ? 'C5 H10 N2 O3'   146.144 
GLU 'L-peptide linking' y 'GLUTAMIC ACID' ? 'C5 H9 N O4'     147.129 
GLY 'peptide linking'   y GLYCINE         ? 'C2 H5 N O2'     75.067  
HIS 'L-peptide linking' y HISTIDINE       ? 'C6 H10 N3 O2 1' 156.162 
HOH non-polymer         . WATER           ? 'H2 O'           18.015  
ILE 'L-peptide linking' y ISOLEUCINE      ? 'C6 H13 N O2'    131.173 
LEU 'L-peptide linking' y LEUCINE         ? 'C6 H13 N O2'    131.173 
LYS 'L-peptide linking' y LYSINE          ? 'C6 H15 N2 O2 1' 147.195 
MET 'L-peptide linking' y METHIONINE      ? 'C5 H11 N O2 S'  149.211 
PHE 'L-peptide linking' y PHENYLALANINE   ? 'C9 H11 N O2'    165.189 
PRO 'L-peptide linking' y PROLINE         ? 'C5 H9 N O2'     115.130 
SER 'L-peptide linking' y SERINE          ? 'C3 H7 N O3'     105.093 
THR 'L-peptide linking' y THREONINE       ? 'C4 H9 N O3'     119.119 
TRP 'L-peptide linking' y TRYPTOPHAN      ? 'C11 H12 N2 O2'  204.225 
TYR 'L-peptide linking' y TYROSINE        ? 'C9 H11 N O3'    181.189 
VAL 'L-peptide linking' y VALINE          ? 'C5 H11 N O2'    117.146 
# 
loop_
_pdbx_poly_seq_scheme.asym_id 
_pdbx_poly_seq_scheme.entity_id 
_pdbx_poly_seq_scheme.seq_id 
_pdbx_poly_seq_scheme.mon_id 
_pdbx_poly_seq_scheme.ndb_seq_num 
_pdbx_poly_seq_scheme.pdb_seq_num 
_pdbx_poly_seq_scheme.auth_seq_num 
_pdbx_poly_seq_scheme.pdb_mon_id 
_pdbx_poly_seq_scheme.auth_mon_id 
_pdbx_poly_seq_scheme.pdb_strand_id 
_pdbx_poly_seq_scheme.pdb_ins_code 
_pdbx_poly_seq_scheme.hetero 
A 1 1  GLY 1  2831 ?    ?   ?   A . n 
A 1 2  ALA 2  2832 ?    ?   ?   A . n 
A 1 3  MET 3  2833 2833 MET ALA A . n 
A 1 4  GLU 4  2834 2834 GLU GLU A . n 
A 1 5  THR 5  2835 2835 THR THR A . n 
A 1 6  LEU 6  2836 2836 LEU LEU A . n 
A 1 7  HIS 7  2837 2837 HIS HIS A . n 
A 1 8  ILE 8  2838 2838 ILE ILE A . n 
A 1 9  THR 9  2839 2839 THR THR A . n 
A 1 10 LYS 10 2840 2840 LYS LYS A . n 
A 1 11 THR 11 2841 2841 THR THR A . n 
A 1 12 MET 12 2842 2842 MET MET A . n 
A 1 13 LYS 13 2843 2843 LYS LYS A . n 
A 1 14 ASN 14 2844 2844 ASN ASN A . n 
A 1 15 ILE 15 2845 2845 ILE ILE A . n 
A 1 16 GLU 16 2846 2846 GLU GLU A . n 
A 1 17 VAL 17 2847 2847 VAL VAL A . n 
A 1 18 PRO 18 2848 2848 PRO PRO A . n 
A 1 19 GLU 19 2849 2849 GLU GLU A . n 
A 1 20 THR 20 2850 2850 THR THR A . n 
A 1 21 LYS 21 2851 2851 LYS LYS A . n 
A 1 22 THR 22 2852 2852 THR THR A . n 
A 1 23 ALA 23 2853 2853 ALA ALA A . n 
A 1 24 SER 24 2854 2854 SER SER A . n 
A 1 25 PHE 25 2855 2855 PHE PHE A . n 
A 1 26 GLU 26 2856 2856 GLU GLU A . n 
A 1 27 CYS 27 2857 2857 CYS CYS A . n 
A 1 28 GLU 28 2858 2858 GLU GLU A . n 
A 1 29 VAL 29 2859 2859 VAL VAL A . n 
A 1 30 SER 30 2860 2860 SER SER A . n 
A 1 31 HIS 31 2861 2861 HIS HIS A . n 
A 1 32 PHE 32 2862 2862 PHE PHE A . n 
A 1 33 ASN 33 2863 2863 ASN ASN A . n 
A 1 34 VAL 34 2864 2864 VAL VAL A . n 
A 1 35 PRO 35 2865 2865 PRO PRO A . n 
A 1 36 SER 36 2866 2866 SER SER A . n 
A 1 37 MET 37 2867 2867 MET MET A . n 
A 1 38 TRP 38 2868 2868 TRP TRP A . n 
A 1 39 LEU 39 2869 2869 LEU LEU A . n 
A 1 40 LYS 40 2870 2870 LYS LYS A . n 
A 1 41 ASN 41 2871 2871 ASN ASN A . n 
A 1 42 GLY 42 2872 2872 GLY GLY A . n 
A 1 43 VAL 43 2873 2873 VAL VAL A . n 
A 1 44 GLU 44 2874 2874 GLU GLU A . n 
A 1 45 ILE 45 2875 2875 ILE ILE A . n 
A 1 46 GLU 46 2876 2876 GLU GLU A . n 
A 1 47 MET 47 2877 2877 MET MET A . n 
A 1 48 SER 48 2878 2878 SER SER A . n 
A 1 49 GLU 49 2879 2879 GLU GLU A . n 
A 1 50 LYS 50 2880 2880 LYS LYS A . n 
A 1 51 PHE 51 2881 2881 PHE PHE A . n 
A 1 52 LYS 52 2882 2882 LYS LYS A . n 
A 1 53 ILE 53 2883 2883 ILE ILE A . n 
A 1 54 VAL 54 2884 2884 VAL VAL A . n 
A 1 55 VAL 55 2885 2885 VAL VAL A . n 
A 1 56 GLN 56 2886 2886 GLN GLN A . n 
A 1 57 GLY 57 2887 2887 GLY GLY A . n 
A 1 58 LYS 58 2888 2888 LYS LYS A . n 
A 1 59 LEU 59 2889 2889 LEU LEU A . n 
A 1 60 HIS 60 2890 2890 HIS HIS A . n 
A 1 61 GLN 61 2891 2891 GLN GLN A . n 
A 1 62 LEU 62 2892 2892 LEU LEU A . n 
A 1 63 ILE 63 2893 2893 ILE ILE A . n 
A 1 64 ILE 64 2894 2894 ILE ILE A . n 
A 1 65 MET 65 2895 2895 MET MET A . n 
A 1 66 ASN 66 2896 2896 ASN ASN A . n 
A 1 67 THR 67 2897 2897 THR THR A . n 
A 1 68 SER 68 2898 2898 SER SER A . n 
A 1 69 THR 69 2899 2899 THR THR A . n 
A 1 70 GLU 70 2900 2900 GLU GLU A . n 
A 1 71 ASP 71 2901 2901 ASP ASP A . n 
A 1 72 SER 72 2902 2902 SER SER A . n 
A 1 73 ALA 73 2903 2903 ALA ALA A . n 
A 1 74 GLU 74 2904 2904 GLU GLU A . n 
A 1 75 TYR 75 2905 2905 TYR TYR A . n 
A 1 76 THR 76 2906 2906 THR THR A . n 
A 1 77 PHE 77 2907 2907 PHE PHE A . n 
A 1 78 VAL 78 2908 2908 VAL VAL A . n 
A 1 79 CYS 79 2909 2909 CYS CYS A . n 
A 1 80 GLY 80 2910 2910 GLY GLY A . n 
A 1 81 ASN 81 2911 2911 ASN ASN A . n 
A 1 82 ASP 82 2912 2912 ASP ASP A . n 
A 1 83 GLN 83 2913 2913 GLN GLN A . n 
A 1 84 VAL 84 2914 2914 VAL VAL A . n 
A 1 85 SER 85 2915 2915 SER SER A . n 
A 1 86 ALA 86 2916 2916 ALA ALA A . n 
A 1 87 THR 87 2917 2917 THR THR A . n 
A 1 88 LEU 88 2918 2918 LEU LEU A . n 
A 1 89 THR 89 2919 2919 THR THR A . n 
A 1 90 VAL 90 2920 2920 VAL VAL A . n 
A 1 91 THR 91 2921 2921 THR THR A . n 
# 
loop_
_pdbx_nonpoly_scheme.asym_id 
_pdbx_nonpoly_scheme.entity_id 
_pdbx_nonpoly_scheme.mon_id 
_pdbx_nonpoly_scheme.ndb_seq_num 
_pdbx_nonpoly_scheme.pdb_seq_num 
_pdbx_nonpoly_scheme.auth_seq_num 
_pdbx_nonpoly_scheme.pdb_mon_id 
_pdbx_nonpoly_scheme.auth_mon_id 
_pdbx_nonpoly_scheme.pdb_strand_id 
_pdbx_nonpoly_scheme.pdb_ins_code 
B 2 CA  1   3001 1   CA  CA  A . 
C 2 CA  1   3002 2   CA  CA  A . 
D 2 CA  1   3003 3   CA  CA  A . 
E 3 HOH 1   3101 1   HOH HOH A . 
E 3 HOH 2   3102 2   HOH HOH A . 
E 3 HOH 3   3103 3   HOH HOH A . 
E 3 HOH 4   3104 4   HOH HOH A . 
E 3 HOH 5   3105 5   HOH HOH A . 
E 3 HOH 6   3106 6   HOH HOH A . 
E 3 HOH 7   3107 7   HOH HOH A . 
E 3 HOH 8   3108 8   HOH HOH A . 
E 3 HOH 9   3109 9   HOH HOH A . 
E 3 HOH 10  3110 10  HOH HOH A . 
E 3 HOH 11  3111 11  HOH HOH A . 
E 3 HOH 12  3112 12  HOH HOH A . 
E 3 HOH 13  3113 13  HOH HOH A . 
E 3 HOH 14  3114 14  HOH HOH A . 
E 3 HOH 15  3115 15  HOH HOH A . 
E 3 HOH 16  3116 16  HOH HOH A . 
E 3 HOH 17  3117 17  HOH HOH A . 
E 3 HOH 18  3118 18  HOH HOH A . 
E 3 HOH 19  3119 19  HOH HOH A . 
E 3 HOH 20  3120 20  HOH HOH A . 
E 3 HOH 21  3121 21  HOH HOH A . 
E 3 HOH 22  3122 22  HOH HOH A . 
E 3 HOH 23  3123 23  HOH HOH A . 
E 3 HOH 24  3124 24  HOH HOH A . 
E 3 HOH 25  3125 25  HOH HOH A . 
E 3 HOH 26  3126 26  HOH HOH A . 
E 3 HOH 27  3127 27  HOH HOH A . 
E 3 HOH 28  3128 28  HOH HOH A . 
E 3 HOH 29  3129 29  HOH HOH A . 
E 3 HOH 30  3130 30  HOH HOH A . 
E 3 HOH 31  3131 31  HOH HOH A . 
E 3 HOH 32  3132 32  HOH HOH A . 
E 3 HOH 33  3133 33  HOH HOH A . 
E 3 HOH 34  3134 34  HOH HOH A . 
E 3 HOH 35  3135 35  HOH HOH A . 
E 3 HOH 36  3136 36  HOH HOH A . 
E 3 HOH 37  3137 37  HOH HOH A . 
E 3 HOH 38  3138 38  HOH HOH A . 
E 3 HOH 39  3139 39  HOH HOH A . 
E 3 HOH 40  3140 40  HOH HOH A . 
E 3 HOH 41  3141 41  HOH HOH A . 
E 3 HOH 42  3142 42  HOH HOH A . 
E 3 HOH 43  3143 43  HOH HOH A . 
E 3 HOH 44  3144 44  HOH HOH A . 
E 3 HOH 45  3145 45  HOH HOH A . 
E 3 HOH 46  3146 46  HOH HOH A . 
E 3 HOH 47  3147 47  HOH HOH A . 
E 3 HOH 48  3148 48  HOH HOH A . 
E 3 HOH 49  3149 49  HOH HOH A . 
E 3 HOH 50  3150 50  HOH HOH A . 
E 3 HOH 51  3151 51  HOH HOH A . 
E 3 HOH 52  3152 52  HOH HOH A . 
E 3 HOH 53  3153 53  HOH HOH A . 
E 3 HOH 54  3154 54  HOH HOH A . 
E 3 HOH 55  3155 55  HOH HOH A . 
E 3 HOH 56  3156 56  HOH HOH A . 
E 3 HOH 57  3157 57  HOH HOH A . 
E 3 HOH 58  3158 58  HOH HOH A . 
E 3 HOH 59  3159 59  HOH HOH A . 
E 3 HOH 60  3160 60  HOH HOH A . 
E 3 HOH 61  3161 61  HOH HOH A . 
E 3 HOH 62  3162 62  HOH HOH A . 
E 3 HOH 63  3163 63  HOH HOH A . 
E 3 HOH 64  3164 64  HOH HOH A . 
E 3 HOH 65  3165 65  HOH HOH A . 
E 3 HOH 66  3166 66  HOH HOH A . 
E 3 HOH 67  3167 67  HOH HOH A . 
E 3 HOH 68  3168 68  HOH HOH A . 
E 3 HOH 69  3169 69  HOH HOH A . 
E 3 HOH 70  3170 70  HOH HOH A . 
E 3 HOH 71  3171 71  HOH HOH A . 
E 3 HOH 72  3172 72  HOH HOH A . 
E 3 HOH 73  3173 73  HOH HOH A . 
E 3 HOH 74  3174 74  HOH HOH A . 
E 3 HOH 75  3175 75  HOH HOH A . 
E 3 HOH 76  3176 76  HOH HOH A . 
E 3 HOH 77  3177 77  HOH HOH A . 
E 3 HOH 78  3178 78  HOH HOH A . 
E 3 HOH 79  3179 79  HOH HOH A . 
E 3 HOH 80  3180 80  HOH HOH A . 
E 3 HOH 81  3181 81  HOH HOH A . 
E 3 HOH 82  3182 82  HOH HOH A . 
E 3 HOH 83  3183 83  HOH HOH A . 
E 3 HOH 84  3184 84  HOH HOH A . 
E 3 HOH 85  3185 85  HOH HOH A . 
E 3 HOH 86  3186 86  HOH HOH A . 
E 3 HOH 87  3187 87  HOH HOH A . 
E 3 HOH 88  3188 88  HOH HOH A . 
E 3 HOH 89  3189 89  HOH HOH A . 
E 3 HOH 90  3190 90  HOH HOH A . 
E 3 HOH 91  3191 91  HOH HOH A . 
E 3 HOH 92  3192 92  HOH HOH A . 
E 3 HOH 93  3193 93  HOH HOH A . 
E 3 HOH 94  3194 94  HOH HOH A . 
E 3 HOH 95  3195 95  HOH HOH A . 
E 3 HOH 96  3196 96  HOH HOH A . 
E 3 HOH 97  3197 97  HOH HOH A . 
E 3 HOH 98  3198 98  HOH HOH A . 
E 3 HOH 99  3199 99  HOH HOH A . 
E 3 HOH 100 3200 100 HOH HOH A . 
E 3 HOH 101 3201 101 HOH HOH A . 
E 3 HOH 102 3202 102 HOH HOH A . 
E 3 HOH 103 3203 103 HOH HOH A . 
E 3 HOH 104 3204 104 HOH HOH A . 
E 3 HOH 105 3205 105 HOH HOH A . 
E 3 HOH 106 3206 106 HOH HOH A . 
E 3 HOH 107 3207 107 HOH HOH A . 
E 3 HOH 108 3208 108 HOH HOH A . 
E 3 HOH 109 3209 109 HOH HOH A . 
E 3 HOH 110 3210 110 HOH HOH A . 
E 3 HOH 111 3211 111 HOH HOH A . 
E 3 HOH 112 3212 112 HOH HOH A . 
E 3 HOH 113 3213 113 HOH HOH A . 
E 3 HOH 114 3214 114 HOH HOH A . 
E 3 HOH 115 3215 115 HOH HOH A . 
E 3 HOH 116 3216 116 HOH HOH A . 
E 3 HOH 117 3217 117 HOH HOH A . 
E 3 HOH 118 3218 118 HOH HOH A . 
E 3 HOH 119 3219 119 HOH HOH A . 
E 3 HOH 120 3220 120 HOH HOH A . 
E 3 HOH 121 3221 121 HOH HOH A . 
# 
loop_
_pdbx_unobs_or_zero_occ_atoms.id 
_pdbx_unobs_or_zero_occ_atoms.PDB_model_num 
_pdbx_unobs_or_zero_occ_atoms.polymer_flag 
_pdbx_unobs_or_zero_occ_atoms.occupancy_flag 
_pdbx_unobs_or_zero_occ_atoms.auth_asym_id 
_pdbx_unobs_or_zero_occ_atoms.auth_comp_id 
_pdbx_unobs_or_zero_occ_atoms.auth_seq_id 
_pdbx_unobs_or_zero_occ_atoms.PDB_ins_code 
_pdbx_unobs_or_zero_occ_atoms.auth_atom_id 
_pdbx_unobs_or_zero_occ_atoms.label_alt_id 
_pdbx_unobs_or_zero_occ_atoms.label_asym_id 
_pdbx_unobs_or_zero_occ_atoms.label_comp_id 
_pdbx_unobs_or_zero_occ_atoms.label_seq_id 
_pdbx_unobs_or_zero_occ_atoms.label_atom_id 
1 1 Y 1 A MET 2833 ? CG ? A MET 3 CG 
2 1 Y 1 A MET 2833 ? SD ? A MET 3 SD 
3 1 Y 1 A MET 2833 ? CE ? A MET 3 CE 
# 
loop_
_software.name 
_software.classification 
_software.version 
_software.citation_id 
_software.pdbx_ordinal 
PHASER phasing          .                             ? 1 
PHENIX refinement       '(phenix.refine: 1.8.4_1496)' ? 2 
XDS    'data reduction' .                             ? 3 
XSCALE 'data scaling'   .                             ? 4 
# 
_cell.entry_id           4QEG 
_cell.length_a           31.237 
_cell.length_b           31.237 
_cell.length_c           93.848 
_cell.angle_alpha        90.00 
_cell.angle_beta         90.00 
_cell.angle_gamma        90.00 
_cell.Z_PDB              4 
_cell.pdbx_unique_axis   ? 
_cell.length_a_esd       ? 
_cell.length_b_esd       ? 
_cell.length_c_esd       ? 
_cell.angle_alpha_esd    ? 
_cell.angle_beta_esd     ? 
_cell.angle_gamma_esd    ? 
# 
_symmetry.entry_id                         4QEG 
_symmetry.space_group_name_H-M             'P 41' 
_symmetry.pdbx_full_space_group_name_H-M   ? 
_symmetry.cell_setting                     ? 
_symmetry.Int_Tables_number                76 
_symmetry.space_group_name_Hall            ? 
# 
_exptl.entry_id          4QEG 
_exptl.method            'X-RAY DIFFRACTION' 
_exptl.crystals_number   1 
# 
_exptl_crystal.id                    1 
_exptl_crystal.density_meas          ? 
_exptl_crystal.density_Matthews      2.25 
_exptl_crystal.density_percent_sol   45.31 
_exptl_crystal.description           ? 
_exptl_crystal.F_000                 ? 
_exptl_crystal.preparation           ? 
# 
_exptl_crystal_grow.crystal_id      1 
_exptl_crystal_grow.method          'VAPOR DIFFUSION, SITTING DROP' 
_exptl_crystal_grow.temp            . 
_exptl_crystal_grow.temp_details    ? 
_exptl_crystal_grow.pH              7.5 
_exptl_crystal_grow.pdbx_details    '0.2 M CaCl2, 30% PEG 3350, 0.1 M Tris, 3% Isopropanol, pH 7.5, VAPOR DIFFUSION, SITTING DROP' 
_exptl_crystal_grow.pdbx_pH_range   ? 
# 
_diffrn.id                     1 
_diffrn.ambient_temp           100 
_diffrn.ambient_temp_details   ? 
_diffrn.crystal_id             1 
# 
_diffrn_detector.diffrn_id              1 
_diffrn_detector.detector               PIXEL 
_diffrn_detector.type                   'DECTRIS PILATUS 6M' 
_diffrn_detector.pdbx_collection_date   ? 
_diffrn_detector.details                ? 
# 
_diffrn_radiation.diffrn_id                        1 
_diffrn_radiation.wavelength_id                    1 
_diffrn_radiation.pdbx_monochromatic_or_laue_m_l   M 
_diffrn_radiation.monochromator                    ? 
_diffrn_radiation.pdbx_diffrn_protocol             'SINGLE WAVELENGTH' 
_diffrn_radiation.pdbx_scattering_type             x-ray 
# 
_diffrn_radiation_wavelength.id           1 
_diffrn_radiation_wavelength.wavelength   0.9464 
_diffrn_radiation_wavelength.wt           1.0 
# 
_diffrn_source.diffrn_id                   1 
_diffrn_source.source                      SYNCHROTRON 
_diffrn_source.type                        'DIAMOND BEAMLINE I24' 
_diffrn_source.pdbx_synchrotron_site       Diamond 
_diffrn_source.pdbx_synchrotron_beamline   I24 
_diffrn_source.pdbx_wavelength             ? 
_diffrn_source.pdbx_wavelength_list        0.9464 
# 
_reflns.entry_id                     4QEG 
_reflns.observed_criterion_sigma_I   ? 
_reflns.observed_criterion_sigma_F   ? 
_reflns.d_resolution_low             26.0 
_reflns.d_resolution_high            2.0 
_reflns.number_obs                   5665 
_reflns.number_all                   ? 
_reflns.percent_possible_obs         93.2 
_reflns.pdbx_Rmerge_I_obs            ? 
_reflns.pdbx_Rsym_value              0.139 
_reflns.pdbx_netI_over_sigmaI        4.96 
_reflns.B_iso_Wilson_estimate        ? 
_reflns.pdbx_redundancy              2.2 
_reflns.R_free_details               ? 
_reflns.limit_h_max                  ? 
_reflns.limit_h_min                  ? 
_reflns.limit_k_max                  ? 
_reflns.limit_k_min                  ? 
_reflns.limit_l_max                  ? 
_reflns.limit_l_min                  ? 
_reflns.observed_criterion_F_max     ? 
_reflns.observed_criterion_F_min     ? 
_reflns.pdbx_chi_squared             ? 
_reflns.pdbx_scaling_rejects         ? 
_reflns.pdbx_ordinal                 1 
_reflns.pdbx_diffrn_id               1 
# 
_reflns_shell.d_res_high             2.0 
_reflns_shell.d_res_low              2.071 
_reflns_shell.percent_possible_all   91.9 
_reflns_shell.Rmerge_I_obs           ? 
_reflns_shell.pdbx_Rsym_value        0.3413 
_reflns_shell.meanI_over_sigI_obs    2.34 
_reflns_shell.pdbx_redundancy        1.9 
_reflns_shell.percent_possible_obs   ? 
_reflns_shell.number_unique_all      560 
_reflns_shell.number_measured_all    ? 
_reflns_shell.number_measured_obs    ? 
_reflns_shell.number_unique_obs      ? 
_reflns_shell.pdbx_chi_squared       ? 
_reflns_shell.pdbx_ordinal           1 
_reflns_shell.pdbx_diffrn_id         1 
# 
_refine.entry_id                                 4QEG 
_refine.ls_number_reflns_obs                     5664 
_refine.ls_number_reflns_all                     ? 
_refine.pdbx_ls_sigma_I                          ? 
_refine.pdbx_ls_sigma_F                          2.02 
_refine.pdbx_data_cutoff_high_absF               ? 
_refine.pdbx_data_cutoff_low_absF                ? 
_refine.pdbx_data_cutoff_high_rms_absF           ? 
_refine.ls_d_res_low                             18.760 
_refine.ls_d_res_high                            2.000 
_refine.ls_percent_reflns_obs                    93.17 
_refine.ls_R_factor_obs                          0.1877 
_refine.ls_R_factor_all                          ? 
_refine.ls_R_factor_R_work                       0.1834 
_refine.ls_R_factor_R_free                       0.2312 
_refine.ls_R_factor_R_free_error                 ? 
_refine.ls_R_factor_R_free_error_details         ? 
_refine.ls_percent_reflns_R_free                 8.81 
_refine.ls_number_reflns_R_free                  499 
_refine.ls_number_parameters                     ? 
_refine.ls_number_restraints                     ? 
_refine.occupancy_min                            ? 
_refine.occupancy_max                            ? 
_refine.correlation_coeff_Fo_to_Fc               ? 
_refine.correlation_coeff_Fo_to_Fc_free          ? 
_refine.B_iso_mean                               ? 
_refine.aniso_B[1][1]                            ? 
_refine.aniso_B[2][2]                            ? 
_refine.aniso_B[3][3]                            ? 
_refine.aniso_B[1][2]                            ? 
_refine.aniso_B[1][3]                            ? 
_refine.aniso_B[2][3]                            ? 
_refine.solvent_model_details                    'FLAT BULK SOLVENT MODEL' 
_refine.solvent_model_param_ksol                 ? 
_refine.solvent_model_param_bsol                 ? 
_refine.pdbx_solvent_vdw_probe_radii             1.11 
_refine.pdbx_solvent_ion_probe_radii             ? 
_refine.pdbx_solvent_shrinkage_radii             0.90 
_refine.pdbx_ls_cross_valid_method               ? 
_refine.details                                  ? 
_refine.pdbx_starting_model                      ? 
_refine.pdbx_method_to_determine_struct          'MOLECULAR REPLACEMENT' 
_refine.pdbx_isotropic_thermal_model             ? 
_refine.pdbx_stereochemistry_target_values       ML 
_refine.pdbx_stereochem_target_val_spec_case     ? 
_refine.pdbx_R_Free_selection_details            'random (freerflag)' 
_refine.pdbx_overall_ESU_R                       ? 
_refine.pdbx_overall_ESU_R_Free                  ? 
_refine.overall_SU_ML                            0.26 
_refine.pdbx_overall_phase_error                 24.89 
_refine.overall_SU_B                             ? 
_refine.overall_SU_R_Cruickshank_DPI             ? 
_refine.ls_redundancy_reflns_obs                 ? 
_refine.B_iso_min                                ? 
_refine.B_iso_max                                ? 
_refine.overall_SU_R_free                        ? 
_refine.ls_wR_factor_R_free                      ? 
_refine.ls_wR_factor_R_work                      ? 
_refine.overall_FOM_free_R_set                   ? 
_refine.overall_FOM_work_R_set                   ? 
_refine.pdbx_diffrn_id                           1 
_refine.pdbx_refine_id                           'X-RAY DIFFRACTION' 
_refine.pdbx_TLS_residual_ADP_flag               ? 
_refine.pdbx_overall_SU_R_free_Cruickshank_DPI   ? 
_refine.pdbx_overall_SU_R_Blow_DPI               ? 
_refine.pdbx_overall_SU_R_free_Blow_DPI          ? 
# 
_refine_hist.pdbx_refine_id                   'X-RAY DIFFRACTION' 
_refine_hist.cycle_id                         LAST 
_refine_hist.pdbx_number_atoms_protein        697 
_refine_hist.pdbx_number_atoms_nucleic_acid   0 
_refine_hist.pdbx_number_atoms_ligand         3 
_refine_hist.number_atoms_solvent             121 
_refine_hist.number_atoms_total               821 
_refine_hist.d_res_high                       2.000 
_refine_hist.d_res_low                        18.760 
# 
loop_
_refine_ls_restr.type 
_refine_ls_restr.dev_ideal 
_refine_ls_restr.dev_ideal_target 
_refine_ls_restr.weight 
_refine_ls_restr.number 
_refine_ls_restr.pdbx_restraint_function 
_refine_ls_restr.pdbx_refine_id 
f_bond_d           0.007  ? ? 713 ? 'X-RAY DIFFRACTION' 
f_angle_d          1.091  ? ? 968 ? 'X-RAY DIFFRACTION' 
f_dihedral_angle_d 13.519 ? ? 261 ? 'X-RAY DIFFRACTION' 
f_chiral_restr     0.038  ? ? 119 ? 'X-RAY DIFFRACTION' 
f_plane_restr      0.005  ? ? 121 ? 'X-RAY DIFFRACTION' 
# 
loop_
_refine_ls_shell.pdbx_total_number_of_bins_used 
_refine_ls_shell.d_res_high 
_refine_ls_shell.d_res_low 
_refine_ls_shell.number_reflns_R_work 
_refine_ls_shell.R_factor_R_work 
_refine_ls_shell.percent_reflns_obs 
_refine_ls_shell.R_factor_R_free 
_refine_ls_shell.R_factor_R_free_error 
_refine_ls_shell.percent_reflns_R_free 
_refine_ls_shell.number_reflns_R_free 
_refine_ls_shell.number_reflns_all 
_refine_ls_shell.R_factor_all 
_refine_ls_shell.number_reflns_obs 
_refine_ls_shell.redundancy_reflns_obs 
_refine_ls_shell.pdbx_refine_id 
. 2.0002 2.2012  1278 0.1989 92.00 0.2856 . . 127 . . . . 'X-RAY DIFFRACTION' 
. 2.2012 2.5190  1293 0.2066 95.00 0.2395 . . 123 . . . . 'X-RAY DIFFRACTION' 
. 2.5190 3.1712  1330 0.1926 95.00 0.2651 . . 127 . . . . 'X-RAY DIFFRACTION' 
. 3.1712 18.7605 1264 0.1616 91.00 0.1918 . . 122 . . . . 'X-RAY DIFFRACTION' 
# 
_struct.entry_id                  4QEG 
_struct.title                     'Crystal structure of domain I10 from titin (space group P41)' 
_struct.pdbx_model_details        ? 
_struct.pdbx_CASP_flag            ? 
_struct.pdbx_model_type_details   ? 
# 
_struct_keywords.entry_id        4QEG 
_struct_keywords.pdbx_keywords   'STRUCTURAL PROTEIN' 
_struct_keywords.text            'Immunoglobulin domain, skeletal protein, sarcomere, STRUCTURAL PROTEIN' 
# 
loop_
_struct_asym.id 
_struct_asym.pdbx_blank_PDB_chainid_flag 
_struct_asym.pdbx_modified 
_struct_asym.entity_id 
_struct_asym.details 
A N N 1 ? 
B N N 2 ? 
C N N 2 ? 
D N N 2 ? 
E N N 3 ? 
# 
_struct_ref.id                         1 
_struct_ref.db_name                    UNP 
_struct_ref.db_code                    TITIN_HUMAN 
_struct_ref.pdbx_db_accession          Q8WZ42 
_struct_ref.entity_id                  1 
_struct_ref.pdbx_seq_one_letter_code   
;ETLHITKTMKNIEVPETKTASFECEVSHFNVPSMWLKNGVEIEMSEKFKIVVQGKLHQLIIMNTSTEDSAEYTFVCGNDQ
VSATLTVT
;
_struct_ref.pdbx_align_begin           2880 
_struct_ref.pdbx_db_isoform            ? 
# 
_struct_ref_seq.align_id                      1 
_struct_ref_seq.ref_id                        1 
_struct_ref_seq.pdbx_PDB_id_code              4QEG 
_struct_ref_seq.pdbx_strand_id                A 
_struct_ref_seq.seq_align_beg                 4 
_struct_ref_seq.pdbx_seq_align_beg_ins_code   ? 
_struct_ref_seq.seq_align_end                 91 
_struct_ref_seq.pdbx_seq_align_end_ins_code   ? 
_struct_ref_seq.pdbx_db_accession             Q8WZ42 
_struct_ref_seq.db_align_beg                  2880 
_struct_ref_seq.pdbx_db_align_beg_ins_code    ? 
_struct_ref_seq.db_align_end                  2967 
_struct_ref_seq.pdbx_db_align_end_ins_code    ? 
_struct_ref_seq.pdbx_auth_seq_align_beg       2834 
_struct_ref_seq.pdbx_auth_seq_align_end       2921 
# 
loop_
_struct_ref_seq_dif.align_id 
_struct_ref_seq_dif.pdbx_pdb_id_code 
_struct_ref_seq_dif.mon_id 
_struct_ref_seq_dif.pdbx_pdb_strand_id 
_struct_ref_seq_dif.seq_num 
_struct_ref_seq_dif.pdbx_pdb_ins_code 
_struct_ref_seq_dif.pdbx_seq_db_name 
_struct_ref_seq_dif.pdbx_seq_db_accession_code 
_struct_ref_seq_dif.db_mon_id 
_struct_ref_seq_dif.pdbx_seq_db_seq_num 
_struct_ref_seq_dif.details 
_struct_ref_seq_dif.pdbx_auth_seq_num 
_struct_ref_seq_dif.pdbx_ordinal 
1 4QEG GLY A 1 ? UNP Q8WZ42 ? ? 'expression tag' 2831 1 
1 4QEG ALA A 2 ? UNP Q8WZ42 ? ? 'expression tag' 2832 2 
1 4QEG MET A 3 ? UNP Q8WZ42 ? ? 'expression tag' 2833 3 
# 
_pdbx_struct_assembly.id                   1 
_pdbx_struct_assembly.details              author_and_software_defined_assembly 
_pdbx_struct_assembly.method_details       PISA 
_pdbx_struct_assembly.oligomeric_details   monomeric 
_pdbx_struct_assembly.oligomeric_count     1 
# 
_pdbx_struct_assembly_gen.assembly_id       1 
_pdbx_struct_assembly_gen.oper_expression   1 
_pdbx_struct_assembly_gen.asym_id_list      A,B,C,D,E 
# 
_pdbx_struct_oper_list.id                   1 
_pdbx_struct_oper_list.type                 'identity operation' 
_pdbx_struct_oper_list.name                 1_555 
_pdbx_struct_oper_list.symmetry_operation   x,y,z 
_pdbx_struct_oper_list.matrix[1][1]         1.0000000000 
_pdbx_struct_oper_list.matrix[1][2]         0.0000000000 
_pdbx_struct_oper_list.matrix[1][3]         0.0000000000 
_pdbx_struct_oper_list.vector[1]            0.0000000000 
_pdbx_struct_oper_list.matrix[2][1]         0.0000000000 
_pdbx_struct_oper_list.matrix[2][2]         1.0000000000 
_pdbx_struct_oper_list.matrix[2][3]         0.0000000000 
_pdbx_struct_oper_list.vector[2]            0.0000000000 
_pdbx_struct_oper_list.matrix[3][1]         0.0000000000 
_pdbx_struct_oper_list.matrix[3][2]         0.0000000000 
_pdbx_struct_oper_list.matrix[3][3]         1.0000000000 
_pdbx_struct_oper_list.vector[3]            0.0000000000 
# 
_struct_biol.id        1 
_struct_biol.details   ? 
# 
_struct_conf.conf_type_id            HELX_P 
_struct_conf.id                      HELX_P1 
_struct_conf.pdbx_PDB_helix_id       1 
_struct_conf.beg_label_comp_id       SER 
_struct_conf.beg_label_asym_id       A 
_struct_conf.beg_label_seq_id        68 
_struct_conf.pdbx_beg_PDB_ins_code   ? 
_struct_conf.end_label_comp_id       SER 
_struct_conf.end_label_asym_id       A 
_struct_conf.end_label_seq_id        72 
_struct_conf.pdbx_end_PDB_ins_code   ? 
_struct_conf.beg_auth_comp_id        SER 
_struct_conf.beg_auth_asym_id        A 
_struct_conf.beg_auth_seq_id         2898 
_struct_conf.end_auth_comp_id        SER 
_struct_conf.end_auth_asym_id        A 
_struct_conf.end_auth_seq_id         2902 
_struct_conf.pdbx_PDB_helix_class    5 
_struct_conf.details                 ? 
_struct_conf.pdbx_PDB_helix_length   5 
# 
_struct_conf_type.id          HELX_P 
_struct_conf_type.criteria    ? 
_struct_conf_type.reference   ? 
# 
loop_
_struct_conn.id 
_struct_conn.conn_type_id 
_struct_conn.pdbx_leaving_atom_flag 
_struct_conn.pdbx_PDB_id 
_struct_conn.ptnr1_label_asym_id 
_struct_conn.ptnr1_label_comp_id 
_struct_conn.ptnr1_label_seq_id 
_struct_conn.ptnr1_label_atom_id 
_struct_conn.pdbx_ptnr1_label_alt_id 
_struct_conn.pdbx_ptnr1_PDB_ins_code 
_struct_conn.pdbx_ptnr1_standard_comp_id 
_struct_conn.ptnr1_symmetry 
_struct_conn.ptnr2_label_asym_id 
_struct_conn.ptnr2_label_comp_id 
_struct_conn.ptnr2_label_seq_id 
_struct_conn.ptnr2_label_atom_id 
_struct_conn.pdbx_ptnr2_label_alt_id 
_struct_conn.pdbx_ptnr2_PDB_ins_code 
_struct_conn.ptnr1_auth_asym_id 
_struct_conn.ptnr1_auth_comp_id 
_struct_conn.ptnr1_auth_seq_id 
_struct_conn.ptnr2_auth_asym_id 
_struct_conn.ptnr2_auth_comp_id 
_struct_conn.ptnr2_auth_seq_id 
_struct_conn.ptnr2_symmetry 
_struct_conn.pdbx_ptnr3_label_atom_id 
_struct_conn.pdbx_ptnr3_label_seq_id 
_struct_conn.pdbx_ptnr3_label_comp_id 
_struct_conn.pdbx_ptnr3_label_asym_id 
_struct_conn.pdbx_ptnr3_label_alt_id 
_struct_conn.pdbx_ptnr3_PDB_ins_code 
_struct_conn.details 
_struct_conn.pdbx_dist_value 
_struct_conn.pdbx_value_order 
_struct_conn.pdbx_role 
metalc1  metalc ? ? A GLU 19 OE2 ? ? ? 1_555 C CA  . CA ? ? A GLU 2849 A CA  3002 1_555 ? ? ? ? ? ? ? 2.403 ? ? 
metalc2  metalc ? ? A GLU 19 OE1 ? ? ? 1_555 C CA  . CA ? ? A GLU 2849 A CA  3002 1_555 ? ? ? ? ? ? ? 2.748 ? ? 
metalc3  metalc ? ? A GLU 19 OE1 ? ? ? 1_555 D CA  . CA ? ? A GLU 2849 A CA  3003 1_555 ? ? ? ? ? ? ? 2.569 ? ? 
metalc4  metalc ? ? A THR 69 OG1 ? ? ? 1_555 C CA  . CA ? ? A THR 2899 A CA  3002 1_555 ? ? ? ? ? ? ? 2.695 ? ? 
metalc5  metalc ? ? A GLY 80 O   ? ? ? 1_555 B CA  . CA ? ? A GLY 2910 A CA  3001 1_555 ? ? ? ? ? ? ? 2.367 ? ? 
metalc6  metalc ? ? B CA  .  CA  ? ? ? 1_555 E HOH . O  ? ? A CA  3001 A HOH 3106 1_555 ? ? ? ? ? ? ? 2.616 ? ? 
metalc7  metalc ? ? B CA  .  CA  ? ? ? 1_555 E HOH . O  ? ? A CA  3001 A HOH 3148 1_555 ? ? ? ? ? ? ? 2.536 ? ? 
metalc8  metalc ? ? B CA  .  CA  ? ? ? 1_555 E HOH . O  ? ? A CA  3001 A HOH 3149 1_555 ? ? ? ? ? ? ? 2.286 ? ? 
metalc9  metalc ? ? B CA  .  CA  ? ? ? 1_555 E HOH . O  ? ? A CA  3001 A HOH 3173 1_555 ? ? ? ? ? ? ? 2.340 ? ? 
metalc10 metalc ? ? C CA  .  CA  ? ? ? 1_555 E HOH . O  ? ? A CA  3002 A HOH 3166 1_555 ? ? ? ? ? ? ? 2.624 ? ? 
metalc11 metalc ? ? C CA  .  CA  ? ? ? 1_555 E HOH . O  ? ? A CA  3002 A HOH 3171 1_555 ? ? ? ? ? ? ? 2.666 ? ? 
metalc12 metalc ? ? C CA  .  CA  ? ? ? 1_555 E HOH . O  ? ? A CA  3002 A HOH 3211 1_555 ? ? ? ? ? ? ? 2.939 ? ? 
metalc13 metalc ? ? D CA  .  CA  ? ? ? 1_555 E HOH . O  ? ? A CA  3003 A HOH 3139 1_555 ? ? ? ? ? ? ? 2.593 ? ? 
metalc14 metalc ? ? D CA  .  CA  ? ? ? 1_555 E HOH . O  ? ? A CA  3003 A HOH 3154 1_555 ? ? ? ? ? ? ? 2.504 ? ? 
metalc15 metalc ? ? D CA  .  CA  ? ? ? 1_555 E HOH . O  ? ? A CA  3003 A HOH 3161 1_555 ? ? ? ? ? ? ? 2.496 ? ? 
metalc16 metalc ? ? D CA  .  CA  ? ? ? 1_555 E HOH . O  ? ? A CA  3003 A HOH 3163 1_555 ? ? ? ? ? ? ? 2.501 ? ? 
metalc17 metalc ? ? D CA  .  CA  ? ? ? 1_555 E HOH . O  ? ? A CA  3003 A HOH 3216 1_555 ? ? ? ? ? ? ? 2.582 ? ? 
# 
_struct_conn_type.id          metalc 
_struct_conn_type.criteria    ? 
_struct_conn_type.reference   ? 
# 
loop_
_pdbx_struct_conn_angle.id 
_pdbx_struct_conn_angle.ptnr1_label_atom_id 
_pdbx_struct_conn_angle.ptnr1_label_alt_id 
_pdbx_struct_conn_angle.ptnr1_label_asym_id 
_pdbx_struct_conn_angle.ptnr1_label_comp_id 
_pdbx_struct_conn_angle.ptnr1_label_seq_id 
_pdbx_struct_conn_angle.ptnr1_auth_atom_id 
_pdbx_struct_conn_angle.ptnr1_auth_asym_id 
_pdbx_struct_conn_angle.ptnr1_auth_comp_id 
_pdbx_struct_conn_angle.ptnr1_auth_seq_id 
_pdbx_struct_conn_angle.ptnr1_PDB_ins_code 
_pdbx_struct_conn_angle.ptnr1_symmetry 
_pdbx_struct_conn_angle.ptnr2_label_atom_id 
_pdbx_struct_conn_angle.ptnr2_label_alt_id 
_pdbx_struct_conn_angle.ptnr2_label_asym_id 
_pdbx_struct_conn_angle.ptnr2_label_comp_id 
_pdbx_struct_conn_angle.ptnr2_label_seq_id 
_pdbx_struct_conn_angle.ptnr2_auth_atom_id 
_pdbx_struct_conn_angle.ptnr2_auth_asym_id 
_pdbx_struct_conn_angle.ptnr2_auth_comp_id 
_pdbx_struct_conn_angle.ptnr2_auth_seq_id 
_pdbx_struct_conn_angle.ptnr2_PDB_ins_code 
_pdbx_struct_conn_angle.ptnr2_symmetry 
_pdbx_struct_conn_angle.ptnr3_label_atom_id 
_pdbx_struct_conn_angle.ptnr3_label_alt_id 
_pdbx_struct_conn_angle.ptnr3_label_asym_id 
_pdbx_struct_conn_angle.ptnr3_label_comp_id 
_pdbx_struct_conn_angle.ptnr3_label_seq_id 
_pdbx_struct_conn_angle.ptnr3_auth_atom_id 
_pdbx_struct_conn_angle.ptnr3_auth_asym_id 
_pdbx_struct_conn_angle.ptnr3_auth_comp_id 
_pdbx_struct_conn_angle.ptnr3_auth_seq_id 
_pdbx_struct_conn_angle.ptnr3_PDB_ins_code 
_pdbx_struct_conn_angle.ptnr3_symmetry 
_pdbx_struct_conn_angle.value 
_pdbx_struct_conn_angle.value_esd 
1  OE2 ? A GLU 19 ? A GLU 2849 ? 1_555 CA ? C CA . ? A CA 3002 ? 1_555 OE1 ? A GLU 19 ? A GLU 2849 ? 1_555 50.2  ? 
2  OE2 ? A GLU 19 ? A GLU 2849 ? 1_555 CA ? C CA . ? A CA 3002 ? 1_555 OG1 ? A THR 69 ? A THR 2899 ? 1_555 78.2  ? 
3  OE1 ? A GLU 19 ? A GLU 2849 ? 1_555 CA ? C CA . ? A CA 3002 ? 1_555 OG1 ? A THR 69 ? A THR 2899 ? 1_555 79.3  ? 
4  OE2 ? A GLU 19 ? A GLU 2849 ? 1_555 CA ? C CA . ? A CA 3002 ? 1_555 O   ? E HOH .  ? A HOH 3166 ? 1_555 128.3 ? 
5  OE1 ? A GLU 19 ? A GLU 2849 ? 1_555 CA ? C CA . ? A CA 3002 ? 1_555 O   ? E HOH .  ? A HOH 3166 ? 1_555 122.4 ? 
6  OG1 ? A THR 69 ? A THR 2899 ? 1_555 CA ? C CA . ? A CA 3002 ? 1_555 O   ? E HOH .  ? A HOH 3166 ? 1_555 152.2 ? 
7  OE2 ? A GLU 19 ? A GLU 2849 ? 1_555 CA ? C CA . ? A CA 3002 ? 1_555 O   ? E HOH .  ? A HOH 3171 ? 1_555 85.0  ? 
8  OE1 ? A GLU 19 ? A GLU 2849 ? 1_555 CA ? C CA . ? A CA 3002 ? 1_555 O   ? E HOH .  ? A HOH 3171 ? 1_555 134.4 ? 
9  OG1 ? A THR 69 ? A THR 2899 ? 1_555 CA ? C CA . ? A CA 3002 ? 1_555 O   ? E HOH .  ? A HOH 3171 ? 1_555 84.1  ? 
10 O   ? E HOH .  ? A HOH 3166 ? 1_555 CA ? C CA . ? A CA 3002 ? 1_555 O   ? E HOH .  ? A HOH 3171 ? 1_555 89.9  ? 
11 OE2 ? A GLU 19 ? A GLU 2849 ? 1_555 CA ? C CA . ? A CA 3002 ? 1_555 O   ? E HOH .  ? A HOH 3211 ? 1_555 87.5  ? 
12 OE1 ? A GLU 19 ? A GLU 2849 ? 1_555 CA ? C CA . ? A CA 3002 ? 1_555 O   ? E HOH .  ? A HOH 3211 ? 1_555 67.4  ? 
13 OG1 ? A THR 69 ? A THR 2899 ? 1_555 CA ? C CA . ? A CA 3002 ? 1_555 O   ? E HOH .  ? A HOH 3211 ? 1_555 145.3 ? 
14 O   ? E HOH .  ? A HOH 3166 ? 1_555 CA ? C CA . ? A CA 3002 ? 1_555 O   ? E HOH .  ? A HOH 3211 ? 1_555 55.6  ? 
15 O   ? E HOH .  ? A HOH 3171 ? 1_555 CA ? C CA . ? A CA 3002 ? 1_555 O   ? E HOH .  ? A HOH 3211 ? 1_555 126.3 ? 
16 OE1 ? A GLU 19 ? A GLU 2849 ? 1_555 CA ? D CA . ? A CA 3003 ? 1_555 O   ? E HOH .  ? A HOH 3139 ? 1_555 77.1  ? 
17 OE1 ? A GLU 19 ? A GLU 2849 ? 1_555 CA ? D CA . ? A CA 3003 ? 1_555 O   ? E HOH .  ? A HOH 3154 ? 1_555 101.7 ? 
18 O   ? E HOH .  ? A HOH 3139 ? 1_555 CA ? D CA . ? A CA 3003 ? 1_555 O   ? E HOH .  ? A HOH 3154 ? 1_555 82.4  ? 
19 OE1 ? A GLU 19 ? A GLU 2849 ? 1_555 CA ? D CA . ? A CA 3003 ? 1_555 O   ? E HOH .  ? A HOH 3161 ? 1_555 164.2 ? 
20 O   ? E HOH .  ? A HOH 3139 ? 1_555 CA ? D CA . ? A CA 3003 ? 1_555 O   ? E HOH .  ? A HOH 3161 ? 1_555 97.3  ? 
21 O   ? E HOH .  ? A HOH 3154 ? 1_555 CA ? D CA . ? A CA 3003 ? 1_555 O   ? E HOH .  ? A HOH 3161 ? 1_555 62.7  ? 
22 OE1 ? A GLU 19 ? A GLU 2849 ? 1_555 CA ? D CA . ? A CA 3003 ? 1_555 O   ? E HOH .  ? A HOH 3163 ? 1_555 80.1  ? 
23 O   ? E HOH .  ? A HOH 3139 ? 1_555 CA ? D CA . ? A CA 3003 ? 1_555 O   ? E HOH .  ? A HOH 3163 ? 1_555 136.8 ? 
24 O   ? E HOH .  ? A HOH 3154 ? 1_555 CA ? D CA . ? A CA 3003 ? 1_555 O   ? E HOH .  ? A HOH 3163 ? 1_555 67.0  ? 
25 O   ? E HOH .  ? A HOH 3161 ? 1_555 CA ? D CA . ? A CA 3003 ? 1_555 O   ? E HOH .  ? A HOH 3163 ? 1_555 94.9  ? 
26 OE1 ? A GLU 19 ? A GLU 2849 ? 1_555 CA ? D CA . ? A CA 3003 ? 1_555 O   ? E HOH .  ? A HOH 3216 ? 1_555 110.4 ? 
27 O   ? E HOH .  ? A HOH 3139 ? 1_555 CA ? D CA . ? A CA 3003 ? 1_555 O   ? E HOH .  ? A HOH 3216 ? 1_555 80.2  ? 
28 O   ? E HOH .  ? A HOH 3154 ? 1_555 CA ? D CA . ? A CA 3003 ? 1_555 O   ? E HOH .  ? A HOH 3216 ? 1_555 138.6 ? 
29 O   ? E HOH .  ? A HOH 3161 ? 1_555 CA ? D CA . ? A CA 3003 ? 1_555 O   ? E HOH .  ? A HOH 3216 ? 1_555 82.6  ? 
30 O   ? E HOH .  ? A HOH 3163 ? 1_555 CA ? D CA . ? A CA 3003 ? 1_555 O   ? E HOH .  ? A HOH 3216 ? 1_555 142.6 ? 
31 O   ? A GLY 80 ? A GLY 2910 ? 1_555 CA ? B CA . ? A CA 3001 ? 1_555 O   ? E HOH .  ? A HOH 3106 ? 1_555 75.4  ? 
32 O   ? A GLY 80 ? A GLY 2910 ? 1_555 CA ? B CA . ? A CA 3001 ? 1_555 O   ? E HOH .  ? A HOH 3148 ? 1_555 91.2  ? 
33 O   ? E HOH .  ? A HOH 3106 ? 1_555 CA ? B CA . ? A CA 3001 ? 1_555 O   ? E HOH .  ? A HOH 3148 ? 1_555 80.4  ? 
34 O   ? A GLY 80 ? A GLY 2910 ? 1_555 CA ? B CA . ? A CA 3001 ? 1_555 O   ? E HOH .  ? A HOH 3149 ? 1_555 145.0 ? 
35 O   ? E HOH .  ? A HOH 3106 ? 1_555 CA ? B CA . ? A CA 3001 ? 1_555 O   ? E HOH .  ? A HOH 3149 ? 1_555 72.4  ? 
36 O   ? E HOH .  ? A HOH 3148 ? 1_555 CA ? B CA . ? A CA 3001 ? 1_555 O   ? E HOH .  ? A HOH 3149 ? 1_555 96.7  ? 
37 O   ? A GLY 80 ? A GLY 2910 ? 1_555 CA ? B CA . ? A CA 3001 ? 1_555 O   ? E HOH .  ? A HOH 3173 ? 1_555 82.8  ? 
38 O   ? E HOH .  ? A HOH 3106 ? 1_555 CA ? B CA . ? A CA 3001 ? 1_555 O   ? E HOH .  ? A HOH 3173 ? 1_555 103.0 ? 
39 O   ? E HOH .  ? A HOH 3148 ? 1_555 CA ? B CA . ? A CA 3001 ? 1_555 O   ? E HOH .  ? A HOH 3173 ? 1_555 172.1 ? 
40 O   ? E HOH .  ? A HOH 3149 ? 1_555 CA ? B CA . ? A CA 3001 ? 1_555 O   ? E HOH .  ? A HOH 3173 ? 1_555 91.2  ? 
# 
loop_
_struct_sheet.id 
_struct_sheet.type 
_struct_sheet.number_strands 
_struct_sheet.details 
A ? 4 ? 
B ? 5 ? 
# 
loop_
_struct_sheet_order.sheet_id 
_struct_sheet_order.range_id_1 
_struct_sheet_order.range_id_2 
_struct_sheet_order.offset 
_struct_sheet_order.sense 
A 1 2 ? anti-parallel 
A 2 3 ? anti-parallel 
A 3 4 ? anti-parallel 
B 1 2 ? parallel      
B 2 3 ? anti-parallel 
B 3 4 ? anti-parallel 
B 4 5 ? anti-parallel 
# 
loop_
_struct_sheet_range.sheet_id 
_struct_sheet_range.id 
_struct_sheet_range.beg_label_comp_id 
_struct_sheet_range.beg_label_asym_id 
_struct_sheet_range.beg_label_seq_id 
_struct_sheet_range.pdbx_beg_PDB_ins_code 
_struct_sheet_range.end_label_comp_id 
_struct_sheet_range.end_label_asym_id 
_struct_sheet_range.end_label_seq_id 
_struct_sheet_range.pdbx_end_PDB_ins_code 
_struct_sheet_range.beg_auth_comp_id 
_struct_sheet_range.beg_auth_asym_id 
_struct_sheet_range.beg_auth_seq_id 
_struct_sheet_range.end_auth_comp_id 
_struct_sheet_range.end_auth_asym_id 
_struct_sheet_range.end_auth_seq_id 
A 1 ILE A 8  ? LYS A 10 ? ILE A 2838 LYS A 2840 
A 2 ALA A 23 ? VAL A 29 ? ALA A 2853 VAL A 2859 
A 3 LEU A 59 ? ILE A 64 ? LEU A 2889 ILE A 2894 
A 4 PHE A 51 ? GLN A 56 ? PHE A 2881 GLN A 2886 
B 1 ILE A 15 ? VAL A 17 ? ILE A 2845 VAL A 2847 
B 2 ASP A 82 ? VAL A 90 ? ASP A 2912 VAL A 2920 
B 3 ALA A 73 ? CYS A 79 ? ALA A 2903 CYS A 2909 
B 4 MET A 37 ? LYS A 40 ? MET A 2867 LYS A 2870 
B 5 VAL A 43 ? GLU A 44 ? VAL A 2873 GLU A 2874 
# 
loop_
_pdbx_struct_sheet_hbond.sheet_id 
_pdbx_struct_sheet_hbond.range_id_1 
_pdbx_struct_sheet_hbond.range_id_2 
_pdbx_struct_sheet_hbond.range_1_label_atom_id 
_pdbx_struct_sheet_hbond.range_1_label_comp_id 
_pdbx_struct_sheet_hbond.range_1_label_asym_id 
_pdbx_struct_sheet_hbond.range_1_label_seq_id 
_pdbx_struct_sheet_hbond.range_1_PDB_ins_code 
_pdbx_struct_sheet_hbond.range_1_auth_atom_id 
_pdbx_struct_sheet_hbond.range_1_auth_comp_id 
_pdbx_struct_sheet_hbond.range_1_auth_asym_id 
_pdbx_struct_sheet_hbond.range_1_auth_seq_id 
_pdbx_struct_sheet_hbond.range_2_label_atom_id 
_pdbx_struct_sheet_hbond.range_2_label_comp_id 
_pdbx_struct_sheet_hbond.range_2_label_asym_id 
_pdbx_struct_sheet_hbond.range_2_label_seq_id 
_pdbx_struct_sheet_hbond.range_2_PDB_ins_code 
_pdbx_struct_sheet_hbond.range_2_auth_atom_id 
_pdbx_struct_sheet_hbond.range_2_auth_comp_id 
_pdbx_struct_sheet_hbond.range_2_auth_asym_id 
_pdbx_struct_sheet_hbond.range_2_auth_seq_id 
A 1 2 N THR A 9  ? N THR A 2839 O GLU A 28 ? O GLU A 2858 
A 2 3 N CYS A 27 ? N CYS A 2857 O HIS A 60 ? O HIS A 2890 
A 3 4 O ILE A 63 ? O ILE A 2893 N LYS A 52 ? N LYS A 2882 
B 1 2 N ILE A 15 ? N ILE A 2845 O THR A 87 ? O THR A 2917 
B 2 3 O ALA A 86 ? O ALA A 2916 N TYR A 75 ? N TYR A 2905 
B 3 4 O THR A 76 ? O THR A 2906 N LEU A 39 ? N LEU A 2869 
B 4 5 N LYS A 40 ? N LYS A 2870 O VAL A 43 ? O VAL A 2873 
# 
loop_
_struct_site.id 
_struct_site.pdbx_evidence_code 
_struct_site.pdbx_auth_asym_id 
_struct_site.pdbx_auth_comp_id 
_struct_site.pdbx_auth_seq_id 
_struct_site.pdbx_auth_ins_code 
_struct_site.pdbx_num_residues 
_struct_site.details 
AC1 Software A CA 3001 ? 7 'BINDING SITE FOR RESIDUE CA A 3001' 
AC2 Software A CA 3002 ? 7 'BINDING SITE FOR RESIDUE CA A 3002' 
AC3 Software A CA 3003 ? 7 'BINDING SITE FOR RESIDUE CA A 3003' 
# 
loop_
_struct_site_gen.id 
_struct_site_gen.site_id 
_struct_site_gen.pdbx_num_res 
_struct_site_gen.label_comp_id 
_struct_site_gen.label_asym_id 
_struct_site_gen.label_seq_id 
_struct_site_gen.pdbx_auth_ins_code 
_struct_site_gen.auth_comp_id 
_struct_site_gen.auth_asym_id 
_struct_site_gen.auth_seq_id 
_struct_site_gen.label_atom_id 
_struct_site_gen.label_alt_id 
_struct_site_gen.symmetry 
_struct_site_gen.details 
1  AC1 7 GLY A 80 ? GLY A 2910 . ? 1_555 ? 
2  AC1 7 HOH E .  ? HOH A 3106 . ? 1_555 ? 
3  AC1 7 HOH E .  ? HOH A 3107 . ? 4_564 ? 
4  AC1 7 HOH E .  ? HOH A 3109 . ? 4_564 ? 
5  AC1 7 HOH E .  ? HOH A 3148 . ? 1_555 ? 
6  AC1 7 HOH E .  ? HOH A 3149 . ? 1_555 ? 
7  AC1 7 HOH E .  ? HOH A 3173 . ? 1_555 ? 
8  AC2 7 MET A 3  ? MET A 2833 . ? 3_665 ? 
9  AC2 7 GLU A 4  ? GLU A 2834 . ? 3_665 ? 
10 AC2 7 GLU A 19 ? GLU A 2849 . ? 1_555 ? 
11 AC2 7 THR A 69 ? THR A 2899 . ? 1_555 ? 
12 AC2 7 HOH E .  ? HOH A 3166 . ? 1_555 ? 
13 AC2 7 HOH E .  ? HOH A 3171 . ? 1_555 ? 
14 AC2 7 HOH E .  ? HOH A 3211 . ? 1_555 ? 
15 AC3 7 GLU A 4  ? GLU A 2834 . ? 3_665 ? 
16 AC3 7 GLU A 19 ? GLU A 2849 . ? 1_555 ? 
17 AC3 7 HOH E .  ? HOH A 3139 . ? 1_555 ? 
18 AC3 7 HOH E .  ? HOH A 3154 . ? 1_555 ? 
19 AC3 7 HOH E .  ? HOH A 3161 . ? 1_555 ? 
20 AC3 7 HOH E .  ? HOH A 3163 . ? 1_555 ? 
21 AC3 7 HOH E .  ? HOH A 3216 . ? 1_555 ? 
# 
loop_
_pdbx_validate_close_contact.id 
_pdbx_validate_close_contact.PDB_model_num 
_pdbx_validate_close_contact.auth_atom_id_1 
_pdbx_validate_close_contact.auth_asym_id_1 
_pdbx_validate_close_contact.auth_comp_id_1 
_pdbx_validate_close_contact.auth_seq_id_1 
_pdbx_validate_close_contact.PDB_ins_code_1 
_pdbx_validate_close_contact.label_alt_id_1 
_pdbx_validate_close_contact.auth_atom_id_2 
_pdbx_validate_close_contact.auth_asym_id_2 
_pdbx_validate_close_contact.auth_comp_id_2 
_pdbx_validate_close_contact.auth_seq_id_2 
_pdbx_validate_close_contact.PDB_ins_code_2 
_pdbx_validate_close_contact.label_alt_id_2 
_pdbx_validate_close_contact.dist 
1 1 O A HOH 3187 ? ? O A HOH 3190 ? ? 1.91 
2 1 O A HOH 3202 ? ? O A HOH 3220 ? ? 2.13 
3 1 O A GLU 2834 ? ? O A HOH 3175 ? ? 2.19 
# 
_pdbx_validate_symm_contact.id                1 
_pdbx_validate_symm_contact.PDB_model_num     1 
_pdbx_validate_symm_contact.auth_atom_id_1    OE1 
_pdbx_validate_symm_contact.auth_asym_id_1    A 
_pdbx_validate_symm_contact.auth_comp_id_1    GLU 
_pdbx_validate_symm_contact.auth_seq_id_1     2876 
_pdbx_validate_symm_contact.PDB_ins_code_1    ? 
_pdbx_validate_symm_contact.label_alt_id_1    ? 
_pdbx_validate_symm_contact.site_symmetry_1   1_555 
_pdbx_validate_symm_contact.auth_atom_id_2    O 
_pdbx_validate_symm_contact.auth_asym_id_2    A 
_pdbx_validate_symm_contact.auth_comp_id_2    HOH 
_pdbx_validate_symm_contact.auth_seq_id_2     3221 
_pdbx_validate_symm_contact.PDB_ins_code_2    ? 
_pdbx_validate_symm_contact.label_alt_id_2    ? 
_pdbx_validate_symm_contact.site_symmetry_2   1_655 
_pdbx_validate_symm_contact.dist              1.99 
# 
_pdbx_validate_torsion.id              1 
_pdbx_validate_torsion.PDB_model_num   1 
_pdbx_validate_torsion.auth_comp_id    THR 
_pdbx_validate_torsion.auth_asym_id    A 
_pdbx_validate_torsion.auth_seq_id     2850 
_pdbx_validate_torsion.PDB_ins_code    ? 
_pdbx_validate_torsion.label_alt_id    ? 
_pdbx_validate_torsion.phi             88.90 
_pdbx_validate_torsion.psi             -12.28 
# 
_pdbx_refine_tls.pdbx_refine_id   'X-RAY DIFFRACTION' 
_pdbx_refine_tls.id               1 
_pdbx_refine_tls.details          ? 
_pdbx_refine_tls.method           refined 
_pdbx_refine_tls.origin_x         0.1316 
_pdbx_refine_tls.origin_y         -0.1235 
_pdbx_refine_tls.origin_z         0.1377 
_pdbx_refine_tls.T[1][1]          0.0719 
_pdbx_refine_tls.T[2][2]          0.1263 
_pdbx_refine_tls.T[3][3]          0.1261 
_pdbx_refine_tls.T[1][2]          -0.0014 
_pdbx_refine_tls.T[1][3]          0.0063 
_pdbx_refine_tls.T[2][3]          0.0289 
_pdbx_refine_tls.L[1][1]          0.3124 
_pdbx_refine_tls.L[2][2]          1.7232 
_pdbx_refine_tls.L[3][3]          5.4362 
_pdbx_refine_tls.L[1][2]          0.1041 
_pdbx_refine_tls.L[1][3]          0.4057 
_pdbx_refine_tls.L[2][3]          1.5788 
_pdbx_refine_tls.S[1][1]          -0.0001 
_pdbx_refine_tls.S[1][2]          0.0818 
_pdbx_refine_tls.S[1][3]          0.0788 
_pdbx_refine_tls.S[2][1]          -0.0408 
_pdbx_refine_tls.S[2][2]          0.0024 
_pdbx_refine_tls.S[2][3]          -0.0706 
_pdbx_refine_tls.S[3][1]          0.0272 
_pdbx_refine_tls.S[3][2]          -0.0442 
_pdbx_refine_tls.S[3][3]          0.0092 
# 
_pdbx_refine_tls_group.pdbx_refine_id      'X-RAY DIFFRACTION' 
_pdbx_refine_tls_group.id                  1 
_pdbx_refine_tls_group.refine_tls_id       1 
_pdbx_refine_tls_group.beg_auth_asym_id    ? 
_pdbx_refine_tls_group.beg_auth_seq_id     ? 
_pdbx_refine_tls_group.beg_label_asym_id   ? 
_pdbx_refine_tls_group.beg_label_seq_id    ? 
_pdbx_refine_tls_group.end_auth_asym_id    ? 
_pdbx_refine_tls_group.end_auth_seq_id     ? 
_pdbx_refine_tls_group.end_label_asym_id   ? 
_pdbx_refine_tls_group.end_label_seq_id    ? 
_pdbx_refine_tls_group.selection           ? 
_pdbx_refine_tls_group.selection_details   
;(chain 'A' and resid 2833 through 2921)
;
# 
loop_
_pdbx_unobs_or_zero_occ_residues.id 
_pdbx_unobs_or_zero_occ_residues.PDB_model_num 
_pdbx_unobs_or_zero_occ_residues.polymer_flag 
_pdbx_unobs_or_zero_occ_residues.occupancy_flag 
_pdbx_unobs_or_zero_occ_residues.auth_asym_id 
_pdbx_unobs_or_zero_occ_residues.auth_comp_id 
_pdbx_unobs_or_zero_occ_residues.auth_seq_id 
_pdbx_unobs_or_zero_occ_residues.PDB_ins_code 
_pdbx_unobs_or_zero_occ_residues.label_asym_id 
_pdbx_unobs_or_zero_occ_residues.label_comp_id 
_pdbx_unobs_or_zero_occ_residues.label_seq_id 
1 1 Y 1 A GLY 2831 ? A GLY 1 
2 1 Y 1 A ALA 2832 ? A ALA 2 
# 
loop_
_chem_comp_atom.comp_id 
_chem_comp_atom.atom_id 
_chem_comp_atom.type_symbol 
_chem_comp_atom.pdbx_aromatic_flag 
_chem_comp_atom.pdbx_stereo_config 
_chem_comp_atom.pdbx_ordinal 
ALA N    N  N N 1   
ALA CA   C  N S 2   
ALA C    C  N N 3   
ALA O    O  N N 4   
ALA CB   C  N N 5   
ALA OXT  O  N N 6   
ALA H    H  N N 7   
ALA H2   H  N N 8   
ALA HA   H  N N 9   
ALA HB1  H  N N 10  
ALA HB2  H  N N 11  
ALA HB3  H  N N 12  
ALA HXT  H  N N 13  
ASN N    N  N N 14  
ASN CA   C  N S 15  
ASN C    C  N N 16  
ASN O    O  N N 17  
ASN CB   C  N N 18  
ASN CG   C  N N 19  
ASN OD1  O  N N 20  
ASN ND2  N  N N 21  
ASN OXT  O  N N 22  
ASN H    H  N N 23  
ASN H2   H  N N 24  
ASN HA   H  N N 25  
ASN HB2  H  N N 26  
ASN HB3  H  N N 27  
ASN HD21 H  N N 28  
ASN HD22 H  N N 29  
ASN HXT  H  N N 30  
ASP N    N  N N 31  
ASP CA   C  N S 32  
ASP C    C  N N 33  
ASP O    O  N N 34  
ASP CB   C  N N 35  
ASP CG   C  N N 36  
ASP OD1  O  N N 37  
ASP OD2  O  N N 38  
ASP OXT  O  N N 39  
ASP H    H  N N 40  
ASP H2   H  N N 41  
ASP HA   H  N N 42  
ASP HB2  H  N N 43  
ASP HB3  H  N N 44  
ASP HD2  H  N N 45  
ASP HXT  H  N N 46  
CA  CA   CA N N 47  
CYS N    N  N N 48  
CYS CA   C  N R 49  
CYS C    C  N N 50  
CYS O    O  N N 51  
CYS CB   C  N N 52  
CYS SG   S  N N 53  
CYS OXT  O  N N 54  
CYS H    H  N N 55  
CYS H2   H  N N 56  
CYS HA   H  N N 57  
CYS HB2  H  N N 58  
CYS HB3  H  N N 59  
CYS HG   H  N N 60  
CYS HXT  H  N N 61  
GLN N    N  N N 62  
GLN CA   C  N S 63  
GLN C    C  N N 64  
GLN O    O  N N 65  
GLN CB   C  N N 66  
GLN CG   C  N N 67  
GLN CD   C  N N 68  
GLN OE1  O  N N 69  
GLN NE2  N  N N 70  
GLN OXT  O  N N 71  
GLN H    H  N N 72  
GLN H2   H  N N 73  
GLN HA   H  N N 74  
GLN HB2  H  N N 75  
GLN HB3  H  N N 76  
GLN HG2  H  N N 77  
GLN HG3  H  N N 78  
GLN HE21 H  N N 79  
GLN HE22 H  N N 80  
GLN HXT  H  N N 81  
GLU N    N  N N 82  
GLU CA   C  N S 83  
GLU C    C  N N 84  
GLU O    O  N N 85  
GLU CB   C  N N 86  
GLU CG   C  N N 87  
GLU CD   C  N N 88  
GLU OE1  O  N N 89  
GLU OE2  O  N N 90  
GLU OXT  O  N N 91  
GLU H    H  N N 92  
GLU H2   H  N N 93  
GLU HA   H  N N 94  
GLU HB2  H  N N 95  
GLU HB3  H  N N 96  
GLU HG2  H  N N 97  
GLU HG3  H  N N 98  
GLU HE2  H  N N 99  
GLU HXT  H  N N 100 
GLY N    N  N N 101 
GLY CA   C  N N 102 
GLY C    C  N N 103 
GLY O    O  N N 104 
GLY OXT  O  N N 105 
GLY H    H  N N 106 
GLY H2   H  N N 107 
GLY HA2  H  N N 108 
GLY HA3  H  N N 109 
GLY HXT  H  N N 110 
HIS N    N  N N 111 
HIS CA   C  N S 112 
HIS C    C  N N 113 
HIS O    O  N N 114 
HIS CB   C  N N 115 
HIS CG   C  Y N 116 
HIS ND1  N  Y N 117 
HIS CD2  C  Y N 118 
HIS CE1  C  Y N 119 
HIS NE2  N  Y N 120 
HIS OXT  O  N N 121 
HIS H    H  N N 122 
HIS H2   H  N N 123 
HIS HA   H  N N 124 
HIS HB2  H  N N 125 
HIS HB3  H  N N 126 
HIS HD1  H  N N 127 
HIS HD2  H  N N 128 
HIS HE1  H  N N 129 
HIS HE2  H  N N 130 
HIS HXT  H  N N 131 
HOH O    O  N N 132 
HOH H1   H  N N 133 
HOH H2   H  N N 134 
ILE N    N  N N 135 
ILE CA   C  N S 136 
ILE C    C  N N 137 
ILE O    O  N N 138 
ILE CB   C  N S 139 
ILE CG1  C  N N 140 
ILE CG2  C  N N 141 
ILE CD1  C  N N 142 
ILE OXT  O  N N 143 
ILE H    H  N N 144 
ILE H2   H  N N 145 
ILE HA   H  N N 146 
ILE HB   H  N N 147 
ILE HG12 H  N N 148 
ILE HG13 H  N N 149 
ILE HG21 H  N N 150 
ILE HG22 H  N N 151 
ILE HG23 H  N N 152 
ILE HD11 H  N N 153 
ILE HD12 H  N N 154 
ILE HD13 H  N N 155 
ILE HXT  H  N N 156 
LEU N    N  N N 157 
LEU CA   C  N S 158 
LEU C    C  N N 159 
LEU O    O  N N 160 
LEU CB   C  N N 161 
LEU CG   C  N N 162 
LEU CD1  C  N N 163 
LEU CD2  C  N N 164 
LEU OXT  O  N N 165 
LEU H    H  N N 166 
LEU H2   H  N N 167 
LEU HA   H  N N 168 
LEU HB2  H  N N 169 
LEU HB3  H  N N 170 
LEU HG   H  N N 171 
LEU HD11 H  N N 172 
LEU HD12 H  N N 173 
LEU HD13 H  N N 174 
LEU HD21 H  N N 175 
LEU HD22 H  N N 176 
LEU HD23 H  N N 177 
LEU HXT  H  N N 178 
LYS N    N  N N 179 
LYS CA   C  N S 180 
LYS C    C  N N 181 
LYS O    O  N N 182 
LYS CB   C  N N 183 
LYS CG   C  N N 184 
LYS CD   C  N N 185 
LYS CE   C  N N 186 
LYS NZ   N  N N 187 
LYS OXT  O  N N 188 
LYS H    H  N N 189 
LYS H2   H  N N 190 
LYS HA   H  N N 191 
LYS HB2  H  N N 192 
LYS HB3  H  N N 193 
LYS HG2  H  N N 194 
LYS HG3  H  N N 195 
LYS HD2  H  N N 196 
LYS HD3  H  N N 197 
LYS HE2  H  N N 198 
LYS HE3  H  N N 199 
LYS HZ1  H  N N 200 
LYS HZ2  H  N N 201 
LYS HZ3  H  N N 202 
LYS HXT  H  N N 203 
MET N    N  N N 204 
MET CA   C  N S 205 
MET C    C  N N 206 
MET O    O  N N 207 
MET CB   C  N N 208 
MET CG   C  N N 209 
MET SD   S  N N 210 
MET CE   C  N N 211 
MET OXT  O  N N 212 
MET H    H  N N 213 
MET H2   H  N N 214 
MET HA   H  N N 215 
MET HB2  H  N N 216 
MET HB3  H  N N 217 
MET HG2  H  N N 218 
MET HG3  H  N N 219 
MET HE1  H  N N 220 
MET HE2  H  N N 221 
MET HE3  H  N N 222 
MET HXT  H  N N 223 
PHE N    N  N N 224 
PHE CA   C  N S 225 
PHE C    C  N N 226 
PHE O    O  N N 227 
PHE CB   C  N N 228 
PHE CG   C  Y N 229 
PHE CD1  C  Y N 230 
PHE CD2  C  Y N 231 
PHE CE1  C  Y N 232 
PHE CE2  C  Y N 233 
PHE CZ   C  Y N 234 
PHE OXT  O  N N 235 
PHE H    H  N N 236 
PHE H2   H  N N 237 
PHE HA   H  N N 238 
PHE HB2  H  N N 239 
PHE HB3  H  N N 240 
PHE HD1  H  N N 241 
PHE HD2  H  N N 242 
PHE HE1  H  N N 243 
PHE HE2  H  N N 244 
PHE HZ   H  N N 245 
PHE HXT  H  N N 246 
PRO N    N  N N 247 
PRO CA   C  N S 248 
PRO C    C  N N 249 
PRO O    O  N N 250 
PRO CB   C  N N 251 
PRO CG   C  N N 252 
PRO CD   C  N N 253 
PRO OXT  O  N N 254 
PRO H    H  N N 255 
PRO HA   H  N N 256 
PRO HB2  H  N N 257 
PRO HB3  H  N N 258 
PRO HG2  H  N N 259 
PRO HG3  H  N N 260 
PRO HD2  H  N N 261 
PRO HD3  H  N N 262 
PRO HXT  H  N N 263 
SER N    N  N N 264 
SER CA   C  N S 265 
SER C    C  N N 266 
SER O    O  N N 267 
SER CB   C  N N 268 
SER OG   O  N N 269 
SER OXT  O  N N 270 
SER H    H  N N 271 
SER H2   H  N N 272 
SER HA   H  N N 273 
SER HB2  H  N N 274 
SER HB3  H  N N 275 
SER HG   H  N N 276 
SER HXT  H  N N 277 
THR N    N  N N 278 
THR CA   C  N S 279 
THR C    C  N N 280 
THR O    O  N N 281 
THR CB   C  N R 282 
THR OG1  O  N N 283 
THR CG2  C  N N 284 
THR OXT  O  N N 285 
THR H    H  N N 286 
THR H2   H  N N 287 
THR HA   H  N N 288 
THR HB   H  N N 289 
THR HG1  H  N N 290 
THR HG21 H  N N 291 
THR HG22 H  N N 292 
THR HG23 H  N N 293 
THR HXT  H  N N 294 
TRP N    N  N N 295 
TRP CA   C  N S 296 
TRP C    C  N N 297 
TRP O    O  N N 298 
TRP CB   C  N N 299 
TRP CG   C  Y N 300 
TRP CD1  C  Y N 301 
TRP CD2  C  Y N 302 
TRP NE1  N  Y N 303 
TRP CE2  C  Y N 304 
TRP CE3  C  Y N 305 
TRP CZ2  C  Y N 306 
TRP CZ3  C  Y N 307 
TRP CH2  C  Y N 308 
TRP OXT  O  N N 309 
TRP H    H  N N 310 
TRP H2   H  N N 311 
TRP HA   H  N N 312 
TRP HB2  H  N N 313 
TRP HB3  H  N N 314 
TRP HD1  H  N N 315 
TRP HE1  H  N N 316 
TRP HE3  H  N N 317 
TRP HZ2  H  N N 318 
TRP HZ3  H  N N 319 
TRP HH2  H  N N 320 
TRP HXT  H  N N 321 
TYR N    N  N N 322 
TYR CA   C  N S 323 
TYR C    C  N N 324 
TYR O    O  N N 325 
TYR CB   C  N N 326 
TYR CG   C  Y N 327 
TYR CD1  C  Y N 328 
TYR CD2  C  Y N 329 
TYR CE1  C  Y N 330 
TYR CE2  C  Y N 331 
TYR CZ   C  Y N 332 
TYR OH   O  N N 333 
TYR OXT  O  N N 334 
TYR H    H  N N 335 
TYR H2   H  N N 336 
TYR HA   H  N N 337 
TYR HB2  H  N N 338 
TYR HB3  H  N N 339 
TYR HD1  H  N N 340 
TYR HD2  H  N N 341 
TYR HE1  H  N N 342 
TYR HE2  H  N N 343 
TYR HH   H  N N 344 
TYR HXT  H  N N 345 
VAL N    N  N N 346 
VAL CA   C  N S 347 
VAL C    C  N N 348 
VAL O    O  N N 349 
VAL CB   C  N N 350 
VAL CG1  C  N N 351 
VAL CG2  C  N N 352 
VAL OXT  O  N N 353 
VAL H    H  N N 354 
VAL H2   H  N N 355 
VAL HA   H  N N 356 
VAL HB   H  N N 357 
VAL HG11 H  N N 358 
VAL HG12 H  N N 359 
VAL HG13 H  N N 360 
VAL HG21 H  N N 361 
VAL HG22 H  N N 362 
VAL HG23 H  N N 363 
VAL HXT  H  N N 364 
# 
loop_
_chem_comp_bond.comp_id 
_chem_comp_bond.atom_id_1 
_chem_comp_bond.atom_id_2 
_chem_comp_bond.value_order 
_chem_comp_bond.pdbx_aromatic_flag 
_chem_comp_bond.pdbx_stereo_config 
_chem_comp_bond.pdbx_ordinal 
ALA N   CA   sing N N 1   
ALA N   H    sing N N 2   
ALA N   H2   sing N N 3   
ALA CA  C    sing N N 4   
ALA CA  CB   sing N N 5   
ALA CA  HA   sing N N 6   
ALA C   O    doub N N 7   
ALA C   OXT  sing N N 8   
ALA CB  HB1  sing N N 9   
ALA CB  HB2  sing N N 10  
ALA CB  HB3  sing N N 11  
ALA OXT HXT  sing N N 12  
ASN N   CA   sing N N 13  
ASN N   H    sing N N 14  
ASN N   H2   sing N N 15  
ASN CA  C    sing N N 16  
ASN CA  CB   sing N N 17  
ASN CA  HA   sing N N 18  
ASN C   O    doub N N 19  
ASN C   OXT  sing N N 20  
ASN CB  CG   sing N N 21  
ASN CB  HB2  sing N N 22  
ASN CB  HB3  sing N N 23  
ASN CG  OD1  doub N N 24  
ASN CG  ND2  sing N N 25  
ASN ND2 HD21 sing N N 26  
ASN ND2 HD22 sing N N 27  
ASN OXT HXT  sing N N 28  
ASP N   CA   sing N N 29  
ASP N   H    sing N N 30  
ASP N   H2   sing N N 31  
ASP CA  C    sing N N 32  
ASP CA  CB   sing N N 33  
ASP CA  HA   sing N N 34  
ASP C   O    doub N N 35  
ASP C   OXT  sing N N 36  
ASP CB  CG   sing N N 37  
ASP CB  HB2  sing N N 38  
ASP CB  HB3  sing N N 39  
ASP CG  OD1  doub N N 40  
ASP CG  OD2  sing N N 41  
ASP OD2 HD2  sing N N 42  
ASP OXT HXT  sing N N 43  
CYS N   CA   sing N N 44  
CYS N   H    sing N N 45  
CYS N   H2   sing N N 46  
CYS CA  C    sing N N 47  
CYS CA  CB   sing N N 48  
CYS CA  HA   sing N N 49  
CYS C   O    doub N N 50  
CYS C   OXT  sing N N 51  
CYS CB  SG   sing N N 52  
CYS CB  HB2  sing N N 53  
CYS CB  HB3  sing N N 54  
CYS SG  HG   sing N N 55  
CYS OXT HXT  sing N N 56  
GLN N   CA   sing N N 57  
GLN N   H    sing N N 58  
GLN N   H2   sing N N 59  
GLN CA  C    sing N N 60  
GLN CA  CB   sing N N 61  
GLN CA  HA   sing N N 62  
GLN C   O    doub N N 63  
GLN C   OXT  sing N N 64  
GLN CB  CG   sing N N 65  
GLN CB  HB2  sing N N 66  
GLN CB  HB3  sing N N 67  
GLN CG  CD   sing N N 68  
GLN CG  HG2  sing N N 69  
GLN CG  HG3  sing N N 70  
GLN CD  OE1  doub N N 71  
GLN CD  NE2  sing N N 72  
GLN NE2 HE21 sing N N 73  
GLN NE2 HE22 sing N N 74  
GLN OXT HXT  sing N N 75  
GLU N   CA   sing N N 76  
GLU N   H    sing N N 77  
GLU N   H2   sing N N 78  
GLU CA  C    sing N N 79  
GLU CA  CB   sing N N 80  
GLU CA  HA   sing N N 81  
GLU C   O    doub N N 82  
GLU C   OXT  sing N N 83  
GLU CB  CG   sing N N 84  
GLU CB  HB2  sing N N 85  
GLU CB  HB3  sing N N 86  
GLU CG  CD   sing N N 87  
GLU CG  HG2  sing N N 88  
GLU CG  HG3  sing N N 89  
GLU CD  OE1  doub N N 90  
GLU CD  OE2  sing N N 91  
GLU OE2 HE2  sing N N 92  
GLU OXT HXT  sing N N 93  
GLY N   CA   sing N N 94  
GLY N   H    sing N N 95  
GLY N   H2   sing N N 96  
GLY CA  C    sing N N 97  
GLY CA  HA2  sing N N 98  
GLY CA  HA3  sing N N 99  
GLY C   O    doub N N 100 
GLY C   OXT  sing N N 101 
GLY OXT HXT  sing N N 102 
HIS N   CA   sing N N 103 
HIS N   H    sing N N 104 
HIS N   H2   sing N N 105 
HIS CA  C    sing N N 106 
HIS CA  CB   sing N N 107 
HIS CA  HA   sing N N 108 
HIS C   O    doub N N 109 
HIS C   OXT  sing N N 110 
HIS CB  CG   sing N N 111 
HIS CB  HB2  sing N N 112 
HIS CB  HB3  sing N N 113 
HIS CG  ND1  sing Y N 114 
HIS CG  CD2  doub Y N 115 
HIS ND1 CE1  doub Y N 116 
HIS ND1 HD1  sing N N 117 
HIS CD2 NE2  sing Y N 118 
HIS CD2 HD2  sing N N 119 
HIS CE1 NE2  sing Y N 120 
HIS CE1 HE1  sing N N 121 
HIS NE2 HE2  sing N N 122 
HIS OXT HXT  sing N N 123 
HOH O   H1   sing N N 124 
HOH O   H2   sing N N 125 
ILE N   CA   sing N N 126 
ILE N   H    sing N N 127 
ILE N   H2   sing N N 128 
ILE CA  C    sing N N 129 
ILE CA  CB   sing N N 130 
ILE CA  HA   sing N N 131 
ILE C   O    doub N N 132 
ILE C   OXT  sing N N 133 
ILE CB  CG1  sing N N 134 
ILE CB  CG2  sing N N 135 
ILE CB  HB   sing N N 136 
ILE CG1 CD1  sing N N 137 
ILE CG1 HG12 sing N N 138 
ILE CG1 HG13 sing N N 139 
ILE CG2 HG21 sing N N 140 
ILE CG2 HG22 sing N N 141 
ILE CG2 HG23 sing N N 142 
ILE CD1 HD11 sing N N 143 
ILE CD1 HD12 sing N N 144 
ILE CD1 HD13 sing N N 145 
ILE OXT HXT  sing N N 146 
LEU N   CA   sing N N 147 
LEU N   H    sing N N 148 
LEU N   H2   sing N N 149 
LEU CA  C    sing N N 150 
LEU CA  CB   sing N N 151 
LEU CA  HA   sing N N 152 
LEU C   O    doub N N 153 
LEU C   OXT  sing N N 154 
LEU CB  CG   sing N N 155 
LEU CB  HB2  sing N N 156 
LEU CB  HB3  sing N N 157 
LEU CG  CD1  sing N N 158 
LEU CG  CD2  sing N N 159 
LEU CG  HG   sing N N 160 
LEU CD1 HD11 sing N N 161 
LEU CD1 HD12 sing N N 162 
LEU CD1 HD13 sing N N 163 
LEU CD2 HD21 sing N N 164 
LEU CD2 HD22 sing N N 165 
LEU CD2 HD23 sing N N 166 
LEU OXT HXT  sing N N 167 
LYS N   CA   sing N N 168 
LYS N   H    sing N N 169 
LYS N   H2   sing N N 170 
LYS CA  C    sing N N 171 
LYS CA  CB   sing N N 172 
LYS CA  HA   sing N N 173 
LYS C   O    doub N N 174 
LYS C   OXT  sing N N 175 
LYS CB  CG   sing N N 176 
LYS CB  HB2  sing N N 177 
LYS CB  HB3  sing N N 178 
LYS CG  CD   sing N N 179 
LYS CG  HG2  sing N N 180 
LYS CG  HG3  sing N N 181 
LYS CD  CE   sing N N 182 
LYS CD  HD2  sing N N 183 
LYS CD  HD3  sing N N 184 
LYS CE  NZ   sing N N 185 
LYS CE  HE2  sing N N 186 
LYS CE  HE3  sing N N 187 
LYS NZ  HZ1  sing N N 188 
LYS NZ  HZ2  sing N N 189 
LYS NZ  HZ3  sing N N 190 
LYS OXT HXT  sing N N 191 
MET N   CA   sing N N 192 
MET N   H    sing N N 193 
MET N   H2   sing N N 194 
MET CA  C    sing N N 195 
MET CA  CB   sing N N 196 
MET CA  HA   sing N N 197 
MET C   O    doub N N 198 
MET C   OXT  sing N N 199 
MET CB  CG   sing N N 200 
MET CB  HB2  sing N N 201 
MET CB  HB3  sing N N 202 
MET CG  SD   sing N N 203 
MET CG  HG2  sing N N 204 
MET CG  HG3  sing N N 205 
MET SD  CE   sing N N 206 
MET CE  HE1  sing N N 207 
MET CE  HE2  sing N N 208 
MET CE  HE3  sing N N 209 
MET OXT HXT  sing N N 210 
PHE N   CA   sing N N 211 
PHE N   H    sing N N 212 
PHE N   H2   sing N N 213 
PHE CA  C    sing N N 214 
PHE CA  CB   sing N N 215 
PHE CA  HA   sing N N 216 
PHE C   O    doub N N 217 
PHE C   OXT  sing N N 218 
PHE CB  CG   sing N N 219 
PHE CB  HB2  sing N N 220 
PHE CB  HB3  sing N N 221 
PHE CG  CD1  doub Y N 222 
PHE CG  CD2  sing Y N 223 
PHE CD1 CE1  sing Y N 224 
PHE CD1 HD1  sing N N 225 
PHE CD2 CE2  doub Y N 226 
PHE CD2 HD2  sing N N 227 
PHE CE1 CZ   doub Y N 228 
PHE CE1 HE1  sing N N 229 
PHE CE2 CZ   sing Y N 230 
PHE CE2 HE2  sing N N 231 
PHE CZ  HZ   sing N N 232 
PHE OXT HXT  sing N N 233 
PRO N   CA   sing N N 234 
PRO N   CD   sing N N 235 
PRO N   H    sing N N 236 
PRO CA  C    sing N N 237 
PRO CA  CB   sing N N 238 
PRO CA  HA   sing N N 239 
PRO C   O    doub N N 240 
PRO C   OXT  sing N N 241 
PRO CB  CG   sing N N 242 
PRO CB  HB2  sing N N 243 
PRO CB  HB3  sing N N 244 
PRO CG  CD   sing N N 245 
PRO CG  HG2  sing N N 246 
PRO CG  HG3  sing N N 247 
PRO CD  HD2  sing N N 248 
PRO CD  HD3  sing N N 249 
PRO OXT HXT  sing N N 250 
SER N   CA   sing N N 251 
SER N   H    sing N N 252 
SER N   H2   sing N N 253 
SER CA  C    sing N N 254 
SER CA  CB   sing N N 255 
SER CA  HA   sing N N 256 
SER C   O    doub N N 257 
SER C   OXT  sing N N 258 
SER CB  OG   sing N N 259 
SER CB  HB2  sing N N 260 
SER CB  HB3  sing N N 261 
SER OG  HG   sing N N 262 
SER OXT HXT  sing N N 263 
THR N   CA   sing N N 264 
THR N   H    sing N N 265 
THR N   H2   sing N N 266 
THR CA  C    sing N N 267 
THR CA  CB   sing N N 268 
THR CA  HA   sing N N 269 
THR C   O    doub N N 270 
THR C   OXT  sing N N 271 
THR CB  OG1  sing N N 272 
THR CB  CG2  sing N N 273 
THR CB  HB   sing N N 274 
THR OG1 HG1  sing N N 275 
THR CG2 HG21 sing N N 276 
THR CG2 HG22 sing N N 277 
THR CG2 HG23 sing N N 278 
THR OXT HXT  sing N N 279 
TRP N   CA   sing N N 280 
TRP N   H    sing N N 281 
TRP N   H2   sing N N 282 
TRP CA  C    sing N N 283 
TRP CA  CB   sing N N 284 
TRP CA  HA   sing N N 285 
TRP C   O    doub N N 286 
TRP C   OXT  sing N N 287 
TRP CB  CG   sing N N 288 
TRP CB  HB2  sing N N 289 
TRP CB  HB3  sing N N 290 
TRP CG  CD1  doub Y N 291 
TRP CG  CD2  sing Y N 292 
TRP CD1 NE1  sing Y N 293 
TRP CD1 HD1  sing N N 294 
TRP CD2 CE2  doub Y N 295 
TRP CD2 CE3  sing Y N 296 
TRP NE1 CE2  sing Y N 297 
TRP NE1 HE1  sing N N 298 
TRP CE2 CZ2  sing Y N 299 
TRP CE3 CZ3  doub Y N 300 
TRP CE3 HE3  sing N N 301 
TRP CZ2 CH2  doub Y N 302 
TRP CZ2 HZ2  sing N N 303 
TRP CZ3 CH2  sing Y N 304 
TRP CZ3 HZ3  sing N N 305 
TRP CH2 HH2  sing N N 306 
TRP OXT HXT  sing N N 307 
TYR N   CA   sing N N 308 
TYR N   H    sing N N 309 
TYR N   H2   sing N N 310 
TYR CA  C    sing N N 311 
TYR CA  CB   sing N N 312 
TYR CA  HA   sing N N 313 
TYR C   O    doub N N 314 
TYR C   OXT  sing N N 315 
TYR CB  CG   sing N N 316 
TYR CB  HB2  sing N N 317 
TYR CB  HB3  sing N N 318 
TYR CG  CD1  doub Y N 319 
TYR CG  CD2  sing Y N 320 
TYR CD1 CE1  sing Y N 321 
TYR CD1 HD1  sing N N 322 
TYR CD2 CE2  doub Y N 323 
TYR CD2 HD2  sing N N 324 
TYR CE1 CZ   doub Y N 325 
TYR CE1 HE1  sing N N 326 
TYR CE2 CZ   sing Y N 327 
TYR CE2 HE2  sing N N 328 
TYR CZ  OH   sing N N 329 
TYR OH  HH   sing N N 330 
TYR OXT HXT  sing N N 331 
VAL N   CA   sing N N 332 
VAL N   H    sing N N 333 
VAL N   H2   sing N N 334 
VAL CA  C    sing N N 335 
VAL CA  CB   sing N N 336 
VAL CA  HA   sing N N 337 
VAL C   O    doub N N 338 
VAL C   OXT  sing N N 339 
VAL CB  CG1  sing N N 340 
VAL CB  CG2  sing N N 341 
VAL CB  HB   sing N N 342 
VAL CG1 HG11 sing N N 343 
VAL CG1 HG12 sing N N 344 
VAL CG1 HG13 sing N N 345 
VAL CG2 HG21 sing N N 346 
VAL CG2 HG22 sing N N 347 
VAL CG2 HG23 sing N N 348 
VAL OXT HXT  sing N N 349 
# 
_atom_sites.entry_id                    4QEG 
_atom_sites.fract_transf_matrix[1][1]   0.03199298 
_atom_sites.fract_transf_matrix[1][2]   0.00021974 
_atom_sites.fract_transf_matrix[1][3]   0.00111045 
_atom_sites.fract_transf_matrix[2][1]   -0.00079493 
_atom_sites.fract_transf_matrix[2][2]   0.02671887 
_atom_sites.fract_transf_matrix[2][3]   0.01761540 
_atom_sites.fract_transf_matrix[3][1]   -0.00026825 
_atom_sites.fract_transf_matrix[3][2]   -0.00586906 
_atom_sites.fract_transf_matrix[3][3]   0.00889002 
_atom_sites.fract_transf_vector[1]      0.675967 
_atom_sites.fract_transf_vector[2]      0.681990 
_atom_sites.fract_transf_vector[3]      0.500926 
# 
loop_
_atom_type.symbol 
C  
CA 
N  
O  
S  
# 
loop_
_atom_site.group_PDB 
_atom_site.id 
_atom_site.type_symbol 
_atom_site.label_atom_id 
_atom_site.label_alt_id 
_atom_site.label_comp_id 
_atom_site.label_asym_id 
_atom_site.label_entity_id 
_atom_site.label_seq_id 
_atom_site.pdbx_PDB_ins_code 
_atom_site.Cartn_x 
_atom_site.Cartn_y 
_atom_site.Cartn_z 
_atom_site.occupancy 
_atom_site.B_iso_or_equiv 
_atom_site.pdbx_formal_charge 
_atom_site.auth_seq_id 
_atom_site.auth_comp_id 
_atom_site.auth_asym_id 
_atom_site.auth_atom_id 
_atom_site.pdbx_PDB_model_num 
ATOM   1   N  N   . MET A 1 3  ? -9.874  -6.234  -24.806 1.00 30.79 ? 2833 MET A N   1 
ATOM   2   C  CA  . MET A 1 3  ? -10.000 -7.354  -23.881 1.00 29.18 ? 2833 MET A CA  1 
ATOM   3   C  C   . MET A 1 3  ? -10.092 -6.843  -22.446 1.00 25.02 ? 2833 MET A C   1 
ATOM   4   O  O   . MET A 1 3  ? -11.183 -6.609  -21.937 1.00 28.36 ? 2833 MET A O   1 
ATOM   5   C  CB  . MET A 1 3  ? -8.831  -8.317  -24.038 1.00 30.34 ? 2833 MET A CB  1 
ATOM   6   N  N   . GLU A 1 4  ? -8.947  -6.657  -21.799 1.00 20.55 ? 2834 GLU A N   1 
ATOM   7   C  CA  . GLU A 1 4  ? -8.925  -6.145  -20.439 1.00 19.20 ? 2834 GLU A CA  1 
ATOM   8   C  C   . GLU A 1 4  ? -7.849  -5.072  -20.275 1.00 24.30 ? 2834 GLU A C   1 
ATOM   9   O  O   . GLU A 1 4  ? -6.706  -5.265  -20.688 1.00 21.45 ? 2834 GLU A O   1 
ATOM   10  C  CB  . GLU A 1 4  ? -8.693  -7.287  -19.443 1.00 25.50 ? 2834 GLU A CB  1 
ATOM   11  C  CG  . GLU A 1 4  ? -8.800  -6.880  -17.959 1.00 17.82 ? 2834 GLU A CG  1 
ATOM   12  C  CD  . GLU A 1 4  ? -10.234 -6.899  -17.450 1.00 20.42 ? 2834 GLU A CD  1 
ATOM   13  O  OE1 . GLU A 1 4  ? -11.139 -7.079  -18.283 1.00 20.34 ? 2834 GLU A OE1 1 
ATOM   14  O  OE2 . GLU A 1 4  ? -10.459 -6.733  -16.225 1.00 20.50 ? 2834 GLU A OE2 1 
ATOM   15  N  N   . THR A 1 5  ? -8.217  -3.940  -19.677 1.00 22.94 ? 2835 THR A N   1 
ATOM   16  C  CA  . THR A 1 5  ? -7.228  -2.922  -19.339 1.00 17.73 ? 2835 THR A CA  1 
ATOM   17  C  C   . THR A 1 5  ? -6.440  -3.366  -18.119 1.00 19.16 ? 2835 THR A C   1 
ATOM   18  O  O   . THR A 1 5  ? -6.967  -4.073  -17.263 1.00 16.10 ? 2835 THR A O   1 
ATOM   19  C  CB  . THR A 1 5  ? -7.861  -1.538  -19.024 1.00 19.54 ? 2835 THR A CB  1 
ATOM   20  O  OG1 . THR A 1 5  ? -8.580  -1.603  -17.780 1.00 18.26 ? 2835 THR A OG1 1 
ATOM   21  C  CG2 . THR A 1 5  ? -8.800  -1.090  -20.132 1.00 20.20 ? 2835 THR A CG2 1 
ATOM   22  N  N   . LEU A 1 6  ? -5.181  -2.950  -18.039 1.00 15.75 ? 2836 LEU A N   1 
ATOM   23  C  CA  . LEU A 1 6  ? -4.435  -3.075  -16.796 1.00 14.68 ? 2836 LEU A CA  1 
ATOM   24  C  C   . LEU A 1 6  ? -4.963  -2.037  -15.811 1.00 23.35 ? 2836 LEU A C   1 
ATOM   25  O  O   . LEU A 1 6  ? -4.768  -0.827  -16.001 1.00 15.05 ? 2836 LEU A O   1 
ATOM   26  C  CB  . LEU A 1 6  ? -2.934  -2.881  -17.025 1.00 14.41 ? 2836 LEU A CB  1 
ATOM   27  C  CG  . LEU A 1 6  ? -2.108  -2.712  -15.748 1.00 20.47 ? 2836 LEU A CG  1 
ATOM   28  C  CD1 . LEU A 1 6  ? -2.183  -3.969  -14.873 1.00 12.95 ? 2836 LEU A CD1 1 
ATOM   29  C  CD2 . LEU A 1 6  ? -0.665  -2.353  -16.105 1.00 19.58 ? 2836 LEU A CD2 1 
ATOM   30  N  N   . HIS A 1 7  ? -5.637  -2.502  -14.765 1.00 14.28 ? 2837 HIS A N   1 
ATOM   31  C  CA  . HIS A 1 7  ? -6.249  -1.584  -13.815 1.00 15.66 ? 2837 HIS A CA  1 
ATOM   32  C  C   . HIS A 1 7  ? -6.379  -2.169  -12.411 1.00 18.46 ? 2837 HIS A C   1 
ATOM   33  O  O   . HIS A 1 7  ? -6.182  -3.366  -12.185 1.00 19.21 ? 2837 HIS A O   1 
ATOM   34  C  CB  . HIS A 1 7  ? -7.628  -1.155  -14.314 1.00 15.72 ? 2837 HIS A CB  1 
ATOM   35  C  CG  . HIS A 1 7  ? -8.629  -2.265  -14.322 1.00 16.24 ? 2837 HIS A CG  1 
ATOM   36  N  ND1 . HIS A 1 7  ? -8.619  -3.262  -15.277 1.00 19.20 ? 2837 HIS A ND1 1 
ATOM   37  C  CD2 . HIS A 1 7  ? -9.657  -2.543  -13.490 1.00 18.71 ? 2837 HIS A CD2 1 
ATOM   38  C  CE1 . HIS A 1 7  ? -9.611  -4.101  -15.032 1.00 22.44 ? 2837 HIS A CE1 1 
ATOM   39  N  NE2 . HIS A 1 7  ? -10.251 -3.700  -13.950 1.00 17.43 ? 2837 HIS A NE2 1 
ATOM   40  N  N   . ILE A 1 8  ? -6.707  -1.295  -11.472 1.00 13.69 ? 2838 ILE A N   1 
ATOM   41  C  CA  . ILE A 1 8  ? -6.865  -1.676  -10.081 1.00 16.14 ? 2838 ILE A CA  1 
ATOM   42  C  C   . ILE A 1 8  ? -8.281  -2.198  -9.937  1.00 15.52 ? 2838 ILE A C   1 
ATOM   43  O  O   . ILE A 1 8  ? -9.239  -1.552  -10.378 1.00 15.32 ? 2838 ILE A O   1 
ATOM   44  C  CB  . ILE A 1 8  ? -6.595  -0.482  -9.138  1.00 17.58 ? 2838 ILE A CB  1 
ATOM   45  C  CG1 . ILE A 1 8  ? -5.111  -0.111  -9.190  1.00 17.29 ? 2838 ILE A CG1 1 
ATOM   46  C  CG2 . ILE A 1 8  ? -7.029  -0.799  -7.702  1.00 18.05 ? 2838 ILE A CG2 1 
ATOM   47  C  CD1 . ILE A 1 8  ? -4.799  1.252   -8.629  1.00 12.24 ? 2838 ILE A CD1 1 
ATOM   48  N  N   . THR A 1 9  ? -8.412  -3.383  -9.360  1.00 14.04 ? 2839 THR A N   1 
ATOM   49  C  CA  . THR A 1 9  ? -9.709  -4.040  -9.270  1.00 15.28 ? 2839 THR A CA  1 
ATOM   50  C  C   . THR A 1 9  ? -10.326 -3.928  -7.881  1.00 15.61 ? 2839 THR A C   1 
ATOM   51  O  O   . THR A 1 9  ? -11.524 -4.095  -7.716  1.00 17.02 ? 2839 THR A O   1 
ATOM   52  C  CB  . THR A 1 9  ? -9.591  -5.514  -9.636  1.00 21.04 ? 2839 THR A CB  1 
ATOM   53  O  OG1 . THR A 1 9  ? -8.617  -6.121  -8.780  1.00 16.80 ? 2839 THR A OG1 1 
ATOM   54  C  CG2 . THR A 1 9  ? -9.142  -5.658  -11.091 1.00 22.29 ? 2839 THR A CG2 1 
ATOM   55  N  N   . LYS A 1 10 ? -9.495  -3.677  -6.878  1.00 15.39 ? 2840 LYS A N   1 
ATOM   56  C  CA  . LYS A 1 10 ? -9.985  -3.509  -5.516  1.00 18.28 ? 2840 LYS A CA  1 
ATOM   57  C  C   . LYS A 1 10 ? -9.114  -2.512  -4.758  1.00 17.92 ? 2840 LYS A C   1 
ATOM   58  O  O   . LYS A 1 10 ? -7.890  -2.662  -4.692  1.00 14.24 ? 2840 LYS A O   1 
ATOM   59  C  CB  . LYS A 1 10 ? -10.026 -4.855  -4.785  1.00 24.95 ? 2840 LYS A CB  1 
ATOM   60  C  CG  . LYS A 1 10 ? -10.279 -4.729  -3.292  1.00 30.59 ? 2840 LYS A CG  1 
ATOM   61  C  CD  . LYS A 1 10 ? -10.801 -6.020  -2.702  1.00 36.30 ? 2840 LYS A CD  1 
ATOM   62  C  CE  . LYS A 1 10 ? -12.054 -6.472  -3.437  1.00 47.01 ? 2840 LYS A CE  1 
ATOM   63  N  NZ  . LYS A 1 10 ? -13.085 -5.390  -3.548  1.00 52.13 ? 2840 LYS A NZ  1 
ATOM   64  N  N   . THR A 1 11 ? -9.763  -1.498  -4.192  1.00 14.28 ? 2841 THR A N   1 
ATOM   65  C  CA  . THR A 1 11 ? -9.083  -0.378  -3.554  1.00 26.42 ? 2841 THR A CA  1 
ATOM   66  C  C   . THR A 1 11 ? -8.678  -0.691  -2.116  1.00 27.46 ? 2841 THR A C   1 
ATOM   67  O  O   . THR A 1 11 ? -9.040  -1.726  -1.565  1.00 13.23 ? 2841 THR A O   1 
ATOM   68  C  CB  . THR A 1 11 ? -9.972  0.882   -3.553  1.00 28.96 ? 2841 THR A CB  1 
ATOM   69  O  OG1 . THR A 1 11 ? -11.056 0.708   -2.630  1.00 34.45 ? 2841 THR A OG1 1 
ATOM   70  C  CG2 . THR A 1 11 ? -10.538 1.134   -4.945  1.00 35.73 ? 2841 THR A CG2 1 
ATOM   71  N  N   . MET A 1 12 ? -7.925  0.227   -1.521  1.00 25.41 ? 2842 MET A N   1 
ATOM   72  C  CA  . MET A 1 12 ? -7.373  0.040   -0.190  1.00 17.17 ? 2842 MET A CA  1 
ATOM   73  C  C   . MET A 1 12 ? -8.272  0.657   0.858   1.00 14.96 ? 2842 MET A C   1 
ATOM   74  O  O   . MET A 1 12 ? -9.108  1.499   0.552   1.00 13.40 ? 2842 MET A O   1 
ATOM   75  C  CB  . MET A 1 12 ? -5.982  0.654   -0.119  1.00 17.14 ? 2842 MET A CB  1 
ATOM   76  C  CG  . MET A 1 12 ? -5.166  0.328   -1.343  1.00 22.37 ? 2842 MET A CG  1 
ATOM   77  S  SD  . MET A 1 12 ? -3.497  0.989   -1.317  1.00 43.94 ? 2842 MET A SD  1 
ATOM   78  C  CE  . MET A 1 12 ? -3.824  2.721   -1.114  1.00 13.28 ? 2842 MET A CE  1 
ATOM   79  N  N   . LYS A 1 13 ? -8.080  0.248   2.105   1.00 13.48 ? 2843 LYS A N   1 
ATOM   80  C  CA  . LYS A 1 13 ? -8.955  0.669   3.178   1.00 13.06 ? 2843 LYS A CA  1 
ATOM   81  C  C   . LYS A 1 13 ? -8.182  1.533   4.166   1.00 15.74 ? 2843 LYS A C   1 
ATOM   82  O  O   . LYS A 1 13 ? -6.998  1.308   4.414   1.00 11.32 ? 2843 LYS A O   1 
ATOM   83  C  CB  . LYS A 1 13 ? -9.560  -0.559  3.864   1.00 26.30 ? 2843 LYS A CB  1 
ATOM   84  C  CG  . LYS A 1 13 ? -10.404 -0.268  5.086   1.00 35.50 ? 2843 LYS A CG  1 
ATOM   85  C  CD  . LYS A 1 13 ? -11.764 0.310   4.726   1.00 45.01 ? 2843 LYS A CD  1 
ATOM   86  C  CE  . LYS A 1 13 ? -12.477 0.831   5.969   1.00 48.00 ? 2843 LYS A CE  1 
ATOM   87  N  NZ  . LYS A 1 13 ? -13.936 1.046   5.723   1.00 52.20 ? 2843 LYS A NZ  1 
ATOM   88  N  N   . ASN A 1 14 ? -8.832  2.550   4.714   1.00 15.88 ? 2844 ASN A N   1 
ATOM   89  C  CA  . ASN A 1 14 ? -8.190  3.321   5.765   1.00 15.17 ? 2844 ASN A CA  1 
ATOM   90  C  C   . ASN A 1 14 ? -8.005  2.403   6.969   1.00 12.50 ? 2844 ASN A C   1 
ATOM   91  O  O   . ASN A 1 14 ? -8.807  1.497   7.179   1.00 13.26 ? 2844 ASN A O   1 
ATOM   92  C  CB  . ASN A 1 14 ? -9.017  4.550   6.116   1.00 13.98 ? 2844 ASN A CB  1 
ATOM   93  C  CG  . ASN A 1 14 ? -9.204  5.473   4.934   1.00 18.93 ? 2844 ASN A CG  1 
ATOM   94  O  OD1 . ASN A 1 14 ? -8.337  5.572   4.059   1.00 15.54 ? 2844 ASN A OD1 1 
ATOM   95  N  ND2 . ASN A 1 14 ? -10.326 6.179   4.910   1.00 21.58 ? 2844 ASN A ND2 1 
ATOM   96  N  N   . ILE A 1 15 ? -6.945  2.620   7.737   1.00 18.27 ? 2845 ILE A N   1 
ATOM   97  C  CA  . ILE A 1 15 ? -6.661  1.772   8.893   1.00 19.20 ? 2845 ILE A CA  1 
ATOM   98  C  C   . ILE A 1 15 ? -6.023  2.563   10.020  1.00 17.02 ? 2845 ILE A C   1 
ATOM   99  O  O   . ILE A 1 15 ? -5.238  3.484   9.781   1.00 10.75 ? 2845 ILE A O   1 
ATOM   100 C  CB  . ILE A 1 15 ? -5.741  0.572   8.511   1.00 14.87 ? 2845 ILE A CB  1 
ATOM   101 C  CG1 . ILE A 1 15 ? -5.530  -0.369  9.711   1.00 16.22 ? 2845 ILE A CG1 1 
ATOM   102 C  CG2 . ILE A 1 15 ? -4.410  1.048   7.942   1.00 12.01 ? 2845 ILE A CG2 1 
ATOM   103 C  CD1 . ILE A 1 15 ? -4.744  -1.611  9.376   1.00 13.33 ? 2845 ILE A CD1 1 
ATOM   104 N  N   . GLU A 1 16 ? -6.407  2.214   11.246  1.00 11.80 ? 2846 GLU A N   1 
ATOM   105 C  CA  . GLU A 1 16 ? -5.807  2.758   12.456  1.00 11.63 ? 2846 GLU A CA  1 
ATOM   106 C  C   . GLU A 1 16 ? -5.226  1.624   13.305  1.00 11.51 ? 2846 GLU A C   1 
ATOM   107 O  O   . GLU A 1 16 ? -5.869  0.593   13.493  1.00 19.28 ? 2846 GLU A O   1 
ATOM   108 C  CB  . GLU A 1 16 ? -6.834  3.542   13.274  1.00 12.70 ? 2846 GLU A CB  1 
ATOM   109 C  CG  . GLU A 1 16 ? -7.665  4.506   12.469  1.00 24.12 ? 2846 GLU A CG  1 
ATOM   110 C  CD  . GLU A 1 16 ? -8.385  5.526   13.334  1.00 36.40 ? 2846 GLU A CD  1 
ATOM   111 O  OE1 . GLU A 1 16 ? -8.275  5.449   14.585  1.00 37.21 ? 2846 GLU A OE1 1 
ATOM   112 O  OE2 . GLU A 1 16 ? -9.067  6.405   12.755  1.00 42.22 ? 2846 GLU A OE2 1 
ATOM   113 N  N   . VAL A 1 17 ? -4.006  1.814   13.792  1.00 10.90 ? 2847 VAL A N   1 
ATOM   114 C  CA  . VAL A 1 17 ? -3.338  0.848   14.667  1.00 16.08 ? 2847 VAL A CA  1 
ATOM   115 C  C   . VAL A 1 17 ? -2.640  1.605   15.792  1.00 12.17 ? 2847 VAL A C   1 
ATOM   116 O  O   . VAL A 1 17 ? -2.295  2.775   15.621  1.00 12.40 ? 2847 VAL A O   1 
ATOM   117 C  CB  . VAL A 1 17 ? -2.290  -0.014  13.912  1.00 10.54 ? 2847 VAL A CB  1 
ATOM   118 C  CG1 . VAL A 1 17 ? -2.896  -0.661  12.659  1.00 10.54 ? 2847 VAL A CG1 1 
ATOM   119 C  CG2 . VAL A 1 17 ? -1.062  0.829   13.558  1.00 13.85 ? 2847 VAL A CG2 1 
ATOM   120 N  N   . PRO A 1 18 ? -2.432  0.952   16.948  1.00 16.58 ? 2848 PRO A N   1 
ATOM   121 C  CA  . PRO A 1 18 ? -1.676  1.649   17.998  1.00 11.51 ? 2848 PRO A CA  1 
ATOM   122 C  C   . PRO A 1 18 ? -0.202  1.760   17.617  1.00 11.01 ? 2848 PRO A C   1 
ATOM   123 O  O   . PRO A 1 18 ? 0.328   0.892   16.913  1.00 12.96 ? 2848 PRO A O   1 
ATOM   124 C  CB  . PRO A 1 18 ? -1.852  0.749   19.244  1.00 12.42 ? 2848 PRO A CB  1 
ATOM   125 C  CG  . PRO A 1 18 ? -2.886  -0.284  18.879  1.00 13.04 ? 2848 PRO A CG  1 
ATOM   126 C  CD  . PRO A 1 18 ? -2.867  -0.396  17.372  1.00 14.10 ? 2848 PRO A CD  1 
ATOM   127 N  N   . GLU A 1 19 ? 0.464   2.795   18.105  1.00 12.64 ? 2849 GLU A N   1 
ATOM   128 C  CA  . GLU A 1 19 ? 1.880   2.966   17.865  1.00 10.87 ? 2849 GLU A CA  1 
ATOM   129 C  C   . GLU A 1 19 ? 2.670   1.736   18.280  1.00 21.45 ? 2849 GLU A C   1 
ATOM   130 O  O   . GLU A 1 19 ? 2.377   1.138   19.311  1.00 11.95 ? 2849 GLU A O   1 
ATOM   131 C  CB  . GLU A 1 19 ? 2.409   4.194   18.599  1.00 11.13 ? 2849 GLU A CB  1 
ATOM   132 C  CG  . GLU A 1 19 ? 3.762   4.617   18.098  1.00 19.40 ? 2849 GLU A CG  1 
ATOM   133 C  CD  . GLU A 1 19 ? 4.084   6.036   18.452  1.00 25.38 ? 2849 GLU A CD  1 
ATOM   134 O  OE1 . GLU A 1 19 ? 3.423   6.577   19.364  1.00 23.35 ? 2849 GLU A OE1 1 
ATOM   135 O  OE2 . GLU A 1 19 ? 5.005   6.606   17.825  1.00 31.87 ? 2849 GLU A OE2 1 
ATOM   136 N  N   . THR A 1 20 ? 3.635   1.385   17.422  1.00 11.37 ? 2850 THR A N   1 
ATOM   137 C  CA  . THR A 1 20 ? 4.606   0.292   17.542  1.00 13.50 ? 2850 THR A CA  1 
ATOM   138 C  C   . THR A 1 20 ? 4.062   -1.004  16.955  1.00 14.23 ? 2850 THR A C   1 
ATOM   139 O  O   . THR A 1 20 ? 4.812   -1.944  16.736  1.00 14.52 ? 2850 THR A O   1 
ATOM   140 C  CB  . THR A 1 20 ? 5.092   0.030   19.013  1.00 17.61 ? 2850 THR A CB  1 
ATOM   141 O  OG1 . THR A 1 20 ? 4.029   -0.504  19.811  1.00 13.28 ? 2850 THR A OG1 1 
ATOM   142 C  CG2 . THR A 1 20 ? 5.665   1.308   19.646  1.00 13.18 ? 2850 THR A CG2 1 
ATOM   143 N  N   . LYS A 1 21 ? 2.766   -1.047  16.667  1.00 16.16 ? 2851 LYS A N   1 
ATOM   144 C  CA  . LYS A 1 21 ? 2.186   -2.236  16.054  1.00 16.45 ? 2851 LYS A CA  1 
ATOM   145 C  C   . LYS A 1 21 ? 2.280   -2.177  14.539  1.00 13.06 ? 2851 LYS A C   1 
ATOM   146 O  O   . LYS A 1 21 ? 2.570   -1.133  13.968  1.00 11.61 ? 2851 LYS A O   1 
ATOM   147 C  CB  . LYS A 1 21 ? 0.725   -2.402  16.467  1.00 14.10 ? 2851 LYS A CB  1 
ATOM   148 C  CG  . LYS A 1 21 ? 0.481   -2.251  17.956  1.00 12.75 ? 2851 LYS A CG  1 
ATOM   149 C  CD  . LYS A 1 21 ? 0.505   -3.590  18.652  1.00 17.97 ? 2851 LYS A CD  1 
ATOM   150 C  CE  . LYS A 1 21 ? 1.893   -3.974  19.101  1.00 25.52 ? 2851 LYS A CE  1 
ATOM   151 N  NZ  . LYS A 1 21 ? 1.871   -5.239  19.894  1.00 35.06 ? 2851 LYS A NZ  1 
ATOM   152 N  N   . THR A 1 22 ? 1.971   -3.297  13.897  1.00 12.46 ? 2852 THR A N   1 
ATOM   153 C  CA  . THR A 1 22 ? 2.039   -3.407  12.445  1.00 11.18 ? 2852 THR A CA  1 
ATOM   154 C  C   . THR A 1 22 ? 0.717   -3.048  11.741  1.00 17.38 ? 2852 THR A C   1 
ATOM   155 O  O   . THR A 1 22 ? -0.356  -3.471  12.161  1.00 17.76 ? 2852 THR A O   1 
ATOM   156 C  CB  . THR A 1 22 ? 2.466   -4.830  12.073  1.00 14.60 ? 2852 THR A CB  1 
ATOM   157 O  OG1 . THR A 1 22 ? 3.751   -5.090  12.650  1.00 12.73 ? 2852 THR A OG1 1 
ATOM   158 C  CG2 . THR A 1 22 ? 2.536   -5.012  10.569  1.00 19.08 ? 2852 THR A CG2 1 
ATOM   159 N  N   . ALA A 1 23 ? 0.805   -2.257  10.675  1.00 9.84  ? 2853 ALA A N   1 
ATOM   160 C  CA  . ALA A 1 23 ? -0.346  -1.949  9.838   1.00 9.52  ? 2853 ALA A CA  1 
ATOM   161 C  C   . ALA A 1 23 ? -0.144  -2.528  8.441   1.00 9.39  ? 2853 ALA A C   1 
ATOM   162 O  O   . ALA A 1 23 ? 0.977   -2.873  8.073   1.00 9.46  ? 2853 ALA A O   1 
ATOM   163 C  CB  . ALA A 1 23 ? -0.565  -0.426  9.752   1.00 9.08  ? 2853 ALA A CB  1 
ATOM   164 N  N   . SER A 1 24 ? -1.215  -2.627  7.654   1.00 9.39  ? 2854 SER A N   1 
ATOM   165 C  CA  . SER A 1 24 ? -1.044  -2.982  6.248   1.00 9.23  ? 2854 SER A CA  1 
ATOM   166 C  C   . SER A 1 24 ? -2.088  -2.356  5.322   1.00 14.85 ? 2854 SER A C   1 
ATOM   167 O  O   . SER A 1 24 ? -3.157  -1.910  5.750   1.00 9.38  ? 2854 SER A O   1 
ATOM   168 C  CB  . SER A 1 24 ? -1.053  -4.502  6.077   1.00 9.86  ? 2854 SER A CB  1 
ATOM   169 O  OG  . SER A 1 24 ? -2.323  -5.039  6.388   1.00 10.49 ? 2854 SER A OG  1 
ATOM   170 N  N   . PHE A 1 25 ? -1.739  -2.301  4.042   1.00 15.86 ? 2855 PHE A N   1 
ATOM   171 C  CA  . PHE A 1 25 ? -2.654  -1.884  2.996   1.00 15.99 ? 2855 PHE A CA  1 
ATOM   172 C  C   . PHE A 1 25 ? -2.660  -2.973  1.933   1.00 9.15  ? 2855 PHE A C   1 
ATOM   173 O  O   . PHE A 1 25 ? -1.623  -3.555  1.643   1.00 9.05  ? 2855 PHE A O   1 
ATOM   174 C  CB  . PHE A 1 25 ? -2.224  -0.543  2.385   1.00 8.67  ? 2855 PHE A CB  1 
ATOM   175 C  CG  . PHE A 1 25 ? -2.342  0.634   3.323   1.00 9.48  ? 2855 PHE A CG  1 
ATOM   176 C  CD1 . PHE A 1 25 ? -3.551  1.296   3.481   1.00 9.16  ? 2855 PHE A CD1 1 
ATOM   177 C  CD2 . PHE A 1 25 ? -1.239  1.092   4.032   1.00 8.46  ? 2855 PHE A CD2 1 
ATOM   178 C  CE1 . PHE A 1 25 ? -3.655  2.394   4.330   1.00 9.34  ? 2855 PHE A CE1 1 
ATOM   179 C  CE2 . PHE A 1 25 ? -1.338  2.182   4.878   1.00 15.70 ? 2855 PHE A CE2 1 
ATOM   180 C  CZ  . PHE A 1 25 ? -2.542  2.841   5.021   1.00 9.00  ? 2855 PHE A CZ  1 
ATOM   181 N  N   . GLU A 1 26 ? -3.813  -3.265  1.350   1.00 13.88 ? 2856 GLU A N   1 
ATOM   182 C  CA  . GLU A 1 26 ? -3.814  -4.198  0.237   1.00 13.94 ? 2856 GLU A CA  1 
ATOM   183 C  C   . GLU A 1 26 ? -4.537  -3.614  -0.973  1.00 13.07 ? 2856 GLU A C   1 
ATOM   184 O  O   . GLU A 1 26 ? -5.536  -2.892  -0.855  1.00 10.46 ? 2856 GLU A O   1 
ATOM   185 C  CB  . GLU A 1 26 ? -4.433  -5.542  0.645   1.00 17.87 ? 2856 GLU A CB  1 
ATOM   186 C  CG  . GLU A 1 26 ? -3.653  -6.295  1.750   1.00 10.84 ? 2856 GLU A CG  1 
ATOM   187 C  CD  . GLU A 1 26 ? -3.930  -5.755  3.147   1.00 13.18 ? 2856 GLU A CD  1 
ATOM   188 O  OE1 . GLU A 1 26 ? -5.055  -5.286  3.391   1.00 14.31 ? 2856 GLU A OE1 1 
ATOM   189 O  OE2 . GLU A 1 26 ? -3.026  -5.805  4.007   1.00 11.37 ? 2856 GLU A OE2 1 
ATOM   190 N  N   . CYS A 1 27 ? -4.006  -3.943  -2.139  1.00 9.94  ? 2857 CYS A N   1 
ATOM   191 C  CA  . CYS A 1 27 ? -4.582  -3.529  -3.394  1.00 15.34 ? 2857 CYS A CA  1 
ATOM   192 C  C   . CYS A 1 27 ? -4.621  -4.741  -4.313  1.00 15.96 ? 2857 CYS A C   1 
ATOM   193 O  O   . CYS A 1 27 ? -3.670  -5.522  -4.359  1.00 16.93 ? 2857 CYS A O   1 
ATOM   194 C  CB  . CYS A 1 27 ? -3.760  -2.389  -4.012  1.00 9.83  ? 2857 CYS A CB  1 
ATOM   195 S  SG  . CYS A 1 27 ? -4.436  -1.762  -5.561  1.00 22.86 ? 2857 CYS A SG  1 
ATOM   196 N  N   . GLU A 1 28 ? -5.719  -4.917  -5.035  1.00 17.62 ? 2858 GLU A N   1 
ATOM   197 C  CA  . GLU A 1 28 ? -5.763  -5.967  -6.050  1.00 17.54 ? 2858 GLU A CA  1 
ATOM   198 C  C   . GLU A 1 28 ? -5.819  -5.355  -7.442  1.00 18.84 ? 2858 GLU A C   1 
ATOM   199 O  O   . GLU A 1 28 ? -6.460  -4.320  -7.655  1.00 17.81 ? 2858 GLU A O   1 
ATOM   200 C  CB  . GLU A 1 28 ? -6.945  -6.905  -5.815  1.00 17.51 ? 2858 GLU A CB  1 
ATOM   201 C  CG  . GLU A 1 28 ? -6.763  -7.755  -4.555  1.00 19.45 ? 2858 GLU A CG  1 
ATOM   202 C  CD  . GLU A 1 28 ? -8.044  -8.414  -4.075  1.00 21.02 ? 2858 GLU A CD  1 
ATOM   203 O  OE1 . GLU A 1 28 ? -8.960  -8.625  -4.893  1.00 19.75 ? 2858 GLU A OE1 1 
ATOM   204 O  OE2 . GLU A 1 28 ? -8.128  -8.730  -2.867  1.00 25.71 ? 2858 GLU A OE2 1 
ATOM   205 N  N   . VAL A 1 29 ? -5.131  -6.000  -8.380  1.00 11.84 ? 2859 VAL A N   1 
ATOM   206 C  CA  . VAL A 1 29 ? -5.053  -5.527  -9.754  1.00 12.02 ? 2859 VAL A CA  1 
ATOM   207 C  C   . VAL A 1 29 ? -5.474  -6.606  -10.766 1.00 12.84 ? 2859 VAL A C   1 
ATOM   208 O  O   . VAL A 1 29 ? -5.604  -7.786  -10.428 1.00 13.12 ? 2859 VAL A O   1 
ATOM   209 C  CB  . VAL A 1 29 ? -3.620  -5.036  -10.103 1.00 11.44 ? 2859 VAL A CB  1 
ATOM   210 C  CG1 . VAL A 1 29 ? -3.235  -3.826  -9.241  1.00 10.95 ? 2859 VAL A CG1 1 
ATOM   211 C  CG2 . VAL A 1 29 ? -2.614  -6.158  -9.937  1.00 12.45 ? 2859 VAL A CG2 1 
ATOM   212 N  N   . SER A 1 30 ? -5.650  -6.177  -12.009 1.00 13.11 ? 2860 SER A N   1 
ATOM   213 C  CA  . SER A 1 30 ? -6.168  -7.000  -13.094 1.00 17.09 ? 2860 SER A CA  1 
ATOM   214 C  C   . SER A 1 30 ? -5.207  -8.073  -13.610 1.00 18.74 ? 2860 SER A C   1 
ATOM   215 O  O   . SER A 1 30 ? -5.631  -9.133  -14.071 1.00 14.65 ? 2860 SER A O   1 
ATOM   216 C  CB  . SER A 1 30 ? -6.552  -6.092  -14.262 1.00 19.88 ? 2860 SER A CB  1 
ATOM   217 O  OG  . SER A 1 30 ? -5.444  -5.296  -14.651 1.00 13.89 ? 2860 SER A OG  1 
ATOM   218 N  N   . HIS A 1 31 ? -3.913  -7.780  -13.540 1.00 16.34 ? 2861 HIS A N   1 
ATOM   219 C  CA  . HIS A 1 31 ? -2.889  -8.587  -14.201 1.00 15.55 ? 2861 HIS A CA  1 
ATOM   220 C  C   . HIS A 1 31 ? -1.828  -9.094  -13.237 1.00 14.44 ? 2861 HIS A C   1 
ATOM   221 O  O   . HIS A 1 31 ? -1.630  -8.536  -12.154 1.00 12.60 ? 2861 HIS A O   1 
ATOM   222 C  CB  . HIS A 1 31 ? -2.201  -7.780  -15.306 1.00 13.50 ? 2861 HIS A CB  1 
ATOM   223 C  CG  . HIS A 1 31 ? -3.047  -7.565  -16.522 1.00 16.99 ? 2861 HIS A CG  1 
ATOM   224 N  ND1 . HIS A 1 31 ? -4.158  -6.745  -16.522 1.00 16.55 ? 2861 HIS A ND1 1 
ATOM   225 C  CD2 . HIS A 1 31 ? -2.929  -8.038  -17.787 1.00 14.78 ? 2861 HIS A CD2 1 
ATOM   226 C  CE1 . HIS A 1 31 ? -4.695  -6.736  -17.729 1.00 21.29 ? 2861 HIS A CE1 1 
ATOM   227 N  NE2 . HIS A 1 31 ? -3.966  -7.512  -18.518 1.00 21.55 ? 2861 HIS A NE2 1 
ATOM   228 N  N   . PHE A 1 32 ? -1.134  -10.149 -13.650 1.00 15.49 ? 2862 PHE A N   1 
ATOM   229 C  CA  . PHE A 1 32 ? -0.007  -10.660 -12.881 1.00 13.90 ? 2862 PHE A CA  1 
ATOM   230 C  C   . PHE A 1 32 ? 1.242   -9.873  -13.271 1.00 13.80 ? 2862 PHE A C   1 
ATOM   231 O  O   . PHE A 1 32 ? 1.238   -9.152  -14.274 1.00 13.80 ? 2862 PHE A O   1 
ATOM   232 C  CB  . PHE A 1 32 ? 0.184   -12.163 -13.122 1.00 14.97 ? 2862 PHE A CB  1 
ATOM   233 C  CG  . PHE A 1 32 ? -0.939  -13.015 -12.585 1.00 15.43 ? 2862 PHE A CG  1 
ATOM   234 C  CD1 . PHE A 1 32 ? -2.066  -13.272 -13.355 1.00 16.10 ? 2862 PHE A CD1 1 
ATOM   235 C  CD2 . PHE A 1 32 ? -0.865  -13.571 -11.317 1.00 15.70 ? 2862 PHE A CD2 1 
ATOM   236 C  CE1 . PHE A 1 32 ? -3.095  -14.056 -12.873 1.00 16.63 ? 2862 PHE A CE1 1 
ATOM   237 C  CE2 . PHE A 1 32 ? -1.897  -14.361 -10.827 1.00 16.44 ? 2862 PHE A CE2 1 
ATOM   238 C  CZ  . PHE A 1 32 ? -3.016  -14.605 -11.611 1.00 21.56 ? 2862 PHE A CZ  1 
ATOM   239 N  N   . ASN A 1 33 ? 2.284   -9.991  -12.449 1.00 17.79 ? 2863 ASN A N   1 
ATOM   240 C  CA  . ASN A 1 33 ? 3.594   -9.400  -12.711 1.00 18.01 ? 2863 ASN A CA  1 
ATOM   241 C  C   . ASN A 1 33 ? 3.574   -7.877  -12.798 1.00 17.43 ? 2863 ASN A C   1 
ATOM   242 O  O   . ASN A 1 33 ? 4.374   -7.281  -13.518 1.00 17.89 ? 2863 ASN A O   1 
ATOM   243 C  CB  . ASN A 1 33 ? 4.184   -9.981  -13.999 1.00 21.09 ? 2863 ASN A CB  1 
ATOM   244 C  CG  . ASN A 1 33 ? 5.575   -10.523 -13.800 1.00 26.61 ? 2863 ASN A CG  1 
ATOM   245 O  OD1 . ASN A 1 33 ? 5.979   -10.808 -12.676 1.00 27.25 ? 2863 ASN A OD1 1 
ATOM   246 N  ND2 . ASN A 1 33 ? 6.318   -10.681 -14.894 1.00 34.73 ? 2863 ASN A ND2 1 
ATOM   247 N  N   . VAL A 1 34 ? 2.662   -7.256  -12.056 1.00 12.80 ? 2864 VAL A N   1 
ATOM   248 C  CA  . VAL A 1 34 ? 2.593   -5.804  -11.959 1.00 16.36 ? 2864 VAL A CA  1 
ATOM   249 C  C   . VAL A 1 34 ? 3.614   -5.332  -10.930 1.00 19.01 ? 2864 VAL A C   1 
ATOM   250 O  O   . VAL A 1 34 ? 3.784   -5.964  -9.891  1.00 18.91 ? 2864 VAL A O   1 
ATOM   251 C  CB  . VAL A 1 34 ? 1.165   -5.341  -11.571 1.00 23.76 ? 2864 VAL A CB  1 
ATOM   252 C  CG1 . VAL A 1 34 ? 1.127   -3.864  -11.227 1.00 24.09 ? 2864 VAL A CG1 1 
ATOM   253 C  CG2 . VAL A 1 34 ? 0.188   -5.653  -12.696 1.00 25.93 ? 2864 VAL A CG2 1 
ATOM   254 N  N   . PRO A 1 35 ? 4.330   -4.244  -11.232 1.00 12.78 ? 2865 PRO A N   1 
ATOM   255 C  CA  . PRO A 1 35 ? 5.257   -3.752  -10.212 1.00 12.94 ? 2865 PRO A CA  1 
ATOM   256 C  C   . PRO A 1 35 ? 4.497   -3.146  -9.048  1.00 18.14 ? 2865 PRO A C   1 
ATOM   257 O  O   . PRO A 1 35 ? 3.465   -2.503  -9.238  1.00 17.39 ? 2865 PRO A O   1 
ATOM   258 C  CB  . PRO A 1 35 ? 6.086   -2.691  -10.947 1.00 13.88 ? 2865 PRO A CB  1 
ATOM   259 C  CG  . PRO A 1 35 ? 5.417   -2.450  -12.236 1.00 14.01 ? 2865 PRO A CG  1 
ATOM   260 C  CD  . PRO A 1 35 ? 4.513   -3.586  -12.538 1.00 16.43 ? 2865 PRO A CD  1 
ATOM   261 N  N   . SER A 1 36 ? 5.001   -3.368  -7.845  1.00 17.50 ? 2866 SER A N   1 
ATOM   262 C  CA  . SER A 1 36 ? 4.375   -2.811  -6.658  1.00 18.44 ? 2866 SER A CA  1 
ATOM   263 C  C   . SER A 1 36 ? 4.827   -1.377  -6.453  1.00 19.08 ? 2866 SER A C   1 
ATOM   264 O  O   . SER A 1 36 ? 5.830   -1.118  -5.793  1.00 21.03 ? 2866 SER A O   1 
ATOM   265 C  CB  . SER A 1 36 ? 4.714   -3.649  -5.438  1.00 19.09 ? 2866 SER A CB  1 
ATOM   266 O  OG  . SER A 1 36 ? 4.652   -5.020  -5.757  1.00 23.88 ? 2866 SER A OG  1 
ATOM   267 N  N   . MET A 1 37 ? 4.075   -0.446  -7.021  1.00 19.02 ? 2867 MET A N   1 
ATOM   268 C  CA  . MET A 1 37 ? 4.408   0.966   -6.911  1.00 20.36 ? 2867 MET A CA  1 
ATOM   269 C  C   . MET A 1 37 ? 3.677   1.593   -5.734  1.00 11.16 ? 2867 MET A C   1 
ATOM   270 O  O   . MET A 1 37 ? 2.576   2.125   -5.877  1.00 10.97 ? 2867 MET A O   1 
ATOM   271 C  CB  . MET A 1 37 ? 4.074   1.702   -8.205  1.00 19.75 ? 2867 MET A CB  1 
ATOM   272 C  CG  . MET A 1 37 ? 4.582   3.128   -8.237  1.00 22.18 ? 2867 MET A CG  1 
ATOM   273 S  SD  . MET A 1 37 ? 6.373   3.183   -8.175  1.00 31.29 ? 2867 MET A SD  1 
ATOM   274 C  CE  . MET A 1 37 ? 6.617   4.952   -8.358  1.00 23.53 ? 2867 MET A CE  1 
ATOM   275 N  N   . TRP A 1 38 ? 4.312   1.523   -4.568  1.00 11.05 ? 2868 TRP A N   1 
ATOM   276 C  CA  . TRP A 1 38 ? 3.750   2.052   -3.337  1.00 10.54 ? 2868 TRP A CA  1 
ATOM   277 C  C   . TRP A 1 38 ? 4.327   3.413   -3.048  1.00 11.75 ? 2868 TRP A C   1 
ATOM   278 O  O   . TRP A 1 38 ? 5.524   3.636   -3.216  1.00 13.93 ? 2868 TRP A O   1 
ATOM   279 C  CB  . TRP A 1 38 ? 4.022   1.114   -2.155  1.00 10.09 ? 2868 TRP A CB  1 
ATOM   280 C  CG  . TRP A 1 38 ? 3.248   -0.159  -2.219  1.00 13.89 ? 2868 TRP A CG  1 
ATOM   281 C  CD1 . TRP A 1 38 ? 3.694   -1.367  -2.668  1.00 15.35 ? 2868 TRP A CD1 1 
ATOM   282 C  CD2 . TRP A 1 38 ? 1.882   -0.356  -1.826  1.00 9.04  ? 2868 TRP A CD2 1 
ATOM   283 N  NE1 . TRP A 1 38 ? 2.691   -2.310  -2.571  1.00 15.77 ? 2868 TRP A NE1 1 
ATOM   284 C  CE2 . TRP A 1 38 ? 1.570   -1.711  -2.064  1.00 14.93 ? 2868 TRP A CE2 1 
ATOM   285 C  CE3 . TRP A 1 38 ? 0.897   0.480   -1.290  1.00 8.85  ? 2868 TRP A CE3 1 
ATOM   286 C  CZ2 . TRP A 1 38 ? 0.318   -2.249  -1.777  1.00 14.43 ? 2868 TRP A CZ2 1 
ATOM   287 C  CZ3 . TRP A 1 38 ? -0.342  -0.054  -1.014  1.00 15.54 ? 2868 TRP A CZ3 1 
ATOM   288 C  CH2 . TRP A 1 38 ? -0.624  -1.403  -1.256  1.00 16.60 ? 2868 TRP A CH2 1 
ATOM   289 N  N   . LEU A 1 39 ? 3.467   4.318   -2.601  1.00 12.58 ? 2869 LEU A N   1 
ATOM   290 C  CA  . LEU A 1 39 ? 3.867   5.672   -2.279  1.00 15.51 ? 2869 LEU A CA  1 
ATOM   291 C  C   . LEU A 1 39 ? 3.451   6.024   -0.854  1.00 21.17 ? 2869 LEU A C   1 
ATOM   292 O  O   . LEU A 1 39 ? 2.372   5.624   -0.404  1.00 10.80 ? 2869 LEU A O   1 
ATOM   293 C  CB  . LEU A 1 39 ? 3.236   6.674   -3.252  1.00 16.40 ? 2869 LEU A CB  1 
ATOM   294 C  CG  . LEU A 1 39 ? 3.347   6.496   -4.769  1.00 19.02 ? 2869 LEU A CG  1 
ATOM   295 C  CD1 . LEU A 1 39 ? 2.628   7.653   -5.494  1.00 20.61 ? 2869 LEU A CD1 1 
ATOM   296 C  CD2 . LEU A 1 39 ? 4.793   6.422   -5.205  1.00 18.31 ? 2869 LEU A CD2 1 
ATOM   297 N  N   . LYS A 1 40 ? 4.312   6.767   -0.159  1.00 12.20 ? 2870 LYS A N   1 
ATOM   298 C  CA  . LYS A 1 40 ? 3.964   7.389   1.119   1.00 19.58 ? 2870 LYS A CA  1 
ATOM   299 C  C   . LYS A 1 40 ? 3.951   8.896   0.930   1.00 13.30 ? 2870 LYS A C   1 
ATOM   300 O  O   . LYS A 1 40 ? 4.995   9.483   0.653   1.00 14.45 ? 2870 LYS A O   1 
ATOM   301 C  CB  . LYS A 1 40 ? 4.954   6.996   2.216   1.00 12.00 ? 2870 LYS A CB  1 
ATOM   302 C  CG  . LYS A 1 40 ? 4.763   7.747   3.529   1.00 16.48 ? 2870 LYS A CG  1 
ATOM   303 C  CD  . LYS A 1 40 ? 5.624   7.146   4.638   1.00 17.87 ? 2870 LYS A CD  1 
ATOM   304 C  CE  . LYS A 1 40 ? 5.296   7.753   5.999   1.00 24.11 ? 2870 LYS A CE  1 
ATOM   305 N  NZ  . LYS A 1 40 ? 5.980   9.050   6.221   1.00 26.24 ? 2870 LYS A NZ  1 
ATOM   306 N  N   . ASN A 1 41 ? 2.775   9.517   1.060   1.00 13.37 ? 2871 ASN A N   1 
ATOM   307 C  CA  . ASN A 1 41 ? 2.614   10.943  0.751   1.00 14.83 ? 2871 ASN A CA  1 
ATOM   308 C  C   . ASN A 1 41 ? 3.217   11.353  -0.612  1.00 18.35 ? 2871 ASN A C   1 
ATOM   309 O  O   . ASN A 1 41 ? 3.762   12.455  -0.769  1.00 21.84 ? 2871 ASN A O   1 
ATOM   310 C  CB  . ASN A 1 41 ? 3.218   11.804  1.860   1.00 19.99 ? 2871 ASN A CB  1 
ATOM   311 C  CG  . ASN A 1 41 ? 2.450   11.690  3.176   1.00 16.62 ? 2871 ASN A CG  1 
ATOM   312 O  OD1 . ASN A 1 41 ? 1.269   11.326  3.188   1.00 17.30 ? 2871 ASN A OD1 1 
ATOM   313 N  ND2 . ASN A 1 41 ? 3.113   12.006  4.279   1.00 14.87 ? 2871 ASN A ND2 1 
ATOM   314 N  N   . GLY A 1 42 ? 3.115   10.456  -1.590  1.00 15.47 ? 2872 GLY A N   1 
ATOM   315 C  CA  . GLY A 1 42 ? 3.595   10.719  -2.934  1.00 16.59 ? 2872 GLY A CA  1 
ATOM   316 C  C   . GLY A 1 42 ? 5.038   10.317  -3.188  1.00 19.80 ? 2872 GLY A C   1 
ATOM   317 O  O   . GLY A 1 42 ? 5.507   10.396  -4.318  1.00 19.46 ? 2872 GLY A O   1 
ATOM   318 N  N   . VAL A 1 43 ? 5.746   9.891   -2.144  1.00 22.28 ? 2873 VAL A N   1 
ATOM   319 C  CA  . VAL A 1 43 ? 7.155   9.510   -2.276  1.00 21.64 ? 2873 VAL A CA  1 
ATOM   320 C  C   . VAL A 1 43 ? 7.263   7.997   -2.437  1.00 19.47 ? 2873 VAL A C   1 
ATOM   321 O  O   . VAL A 1 43 ? 6.683   7.251   -1.667  1.00 14.60 ? 2873 VAL A O   1 
ATOM   322 C  CB  . VAL A 1 43 ? 8.001   9.956   -1.052  1.00 17.83 ? 2873 VAL A CB  1 
ATOM   323 C  CG1 . VAL A 1 43 ? 9.446   9.541   -1.225  1.00 23.59 ? 2873 VAL A CG1 1 
ATOM   324 C  CG2 . VAL A 1 43 ? 7.903   11.450  -0.836  1.00 19.22 ? 2873 VAL A CG2 1 
ATOM   325 N  N   . GLU A 1 44 ? 8.001   7.545   -3.444  1.00 21.65 ? 2874 GLU A N   1 
ATOM   326 C  CA  . GLU A 1 44 ? 8.130   6.112   -3.689  1.00 23.02 ? 2874 GLU A CA  1 
ATOM   327 C  C   . GLU A 1 44 ? 8.676   5.386   -2.457  1.00 17.36 ? 2874 GLU A C   1 
ATOM   328 O  O   . GLU A 1 44 ? 9.656   5.815   -1.864  1.00 18.25 ? 2874 GLU A O   1 
ATOM   329 C  CB  . GLU A 1 44 ? 9.029   5.872   -4.904  1.00 27.07 ? 2874 GLU A CB  1 
ATOM   330 C  CG  . GLU A 1 44 ? 9.078   4.439   -5.356  1.00 28.81 ? 2874 GLU A CG  1 
ATOM   331 C  CD  . GLU A 1 44 ? 9.901   4.262   -6.613  1.00 38.10 ? 2874 GLU A CD  1 
ATOM   332 O  OE1 . GLU A 1 44 ? 10.290  5.282   -7.231  1.00 39.11 ? 2874 GLU A OE1 1 
ATOM   333 O  OE2 . GLU A 1 44 ? 10.172  3.099   -6.977  1.00 41.90 ? 2874 GLU A OE2 1 
ATOM   334 N  N   . ILE A 1 45 ? 8.017   4.310   -2.045  1.00 21.15 ? 2875 ILE A N   1 
ATOM   335 C  CA  . ILE A 1 45 ? 8.491   3.531   -0.906  1.00 13.77 ? 2875 ILE A CA  1 
ATOM   336 C  C   . ILE A 1 45 ? 9.497   2.466   -1.354  1.00 18.55 ? 2875 ILE A C   1 
ATOM   337 O  O   . ILE A 1 45 ? 9.267   1.731   -2.318  1.00 15.02 ? 2875 ILE A O   1 
ATOM   338 C  CB  . ILE A 1 45 ? 7.327   2.855   -0.155  1.00 12.26 ? 2875 ILE A CB  1 
ATOM   339 C  CG1 . ILE A 1 45 ? 6.484   3.904   0.574   1.00 18.94 ? 2875 ILE A CG1 1 
ATOM   340 C  CG2 . ILE A 1 45 ? 7.840   1.854   0.863   1.00 27.08 ? 2875 ILE A CG2 1 
ATOM   341 C  CD1 . ILE A 1 45 ? 5.214   3.326   1.200   1.00 18.01 ? 2875 ILE A CD1 1 
ATOM   342 N  N   . GLU A 1 46 ? 10.614  2.405   -0.644  1.00 15.67 ? 2876 GLU A N   1 
ATOM   343 C  CA  . GLU A 1 46 ? 11.610  1.373   -0.848  1.00 27.97 ? 2876 GLU A CA  1 
ATOM   344 C  C   . GLU A 1 46 ? 11.450  0.284   0.203   1.00 25.07 ? 2876 GLU A C   1 
ATOM   345 O  O   . GLU A 1 46 ? 11.060  0.569   1.335   1.00 21.53 ? 2876 GLU A O   1 
ATOM   346 C  CB  . GLU A 1 46 ? 13.013  1.972   -0.779  1.00 35.20 ? 2876 GLU A CB  1 
ATOM   347 C  CG  . GLU A 1 46 ? 13.260  3.021   -1.832  1.00 39.12 ? 2876 GLU A CG  1 
ATOM   348 C  CD  . GLU A 1 46 ? 13.228  2.438   -3.227  1.00 44.46 ? 2876 GLU A CD  1 
ATOM   349 O  OE1 . GLU A 1 46 ? 13.781  1.332   -3.422  1.00 44.85 ? 2876 GLU A OE1 1 
ATOM   350 O  OE2 . GLU A 1 46 ? 12.648  3.074   -4.137  1.00 47.30 ? 2876 GLU A OE2 1 
ATOM   351 N  N   . MET A 1 47 ? 11.746  -0.957  -0.171  1.00 23.97 ? 2877 MET A N   1 
ATOM   352 C  CA  . MET A 1 47 ? 11.718  -2.054  0.791   1.00 27.79 ? 2877 MET A CA  1 
ATOM   353 C  C   . MET A 1 47 ? 12.770  -1.832  1.861   1.00 25.97 ? 2877 MET A C   1 
ATOM   354 O  O   . MET A 1 47 ? 13.905  -1.491  1.567   1.00 19.60 ? 2877 MET A O   1 
ATOM   355 C  CB  . MET A 1 47 ? 11.959  -3.397  0.109   1.00 35.43 ? 2877 MET A CB  1 
ATOM   356 C  CG  . MET A 1 47 ? 11.203  -3.574  -1.188  1.00 38.57 ? 2877 MET A CG  1 
ATOM   357 S  SD  . MET A 1 47 ? 11.616  -5.099  -2.056  1.00 72.02 ? 2877 MET A SD  1 
ATOM   358 C  CE  . MET A 1 47 ? 11.000  -4.682  -3.696  1.00 23.94 ? 2877 MET A CE  1 
ATOM   359 N  N   . SER A 1 48 ? 12.385  -2.011  3.112   1.00 26.99 ? 2878 SER A N   1 
ATOM   360 C  CA  . SER A 1 48 ? 13.374  -1.987  4.173   1.00 26.39 ? 2878 SER A CA  1 
ATOM   361 C  C   . SER A 1 48 ? 12.953  -2.917  5.292   1.00 28.11 ? 2878 SER A C   1 
ATOM   362 O  O   . SER A 1 48 ? 11.982  -3.666  5.167   1.00 29.88 ? 2878 SER A O   1 
ATOM   363 C  CB  . SER A 1 48 ? 13.588  -0.561  4.695   1.00 26.12 ? 2878 SER A CB  1 
ATOM   364 O  OG  . SER A 1 48 ? 12.392  0.041   5.165   1.00 25.77 ? 2878 SER A OG  1 
ATOM   365 N  N   . GLU A 1 49 ? 13.712  -2.882  6.373   1.00 31.16 ? 2879 GLU A N   1 
ATOM   366 C  CA  . GLU A 1 49 ? 13.364  -3.587  7.588   1.00 35.72 ? 2879 GLU A CA  1 
ATOM   367 C  C   . GLU A 1 49 ? 11.959  -3.179  8.032   1.00 37.34 ? 2879 GLU A C   1 
ATOM   368 O  O   . GLU A 1 49 ? 11.219  -3.986  8.596   1.00 39.64 ? 2879 GLU A O   1 
ATOM   369 C  CB  . GLU A 1 49 ? 14.399  -3.293  8.683   1.00 41.24 ? 2879 GLU A CB  1 
ATOM   370 C  CG  . GLU A 1 49 ? 14.515  -1.810  9.062   1.00 45.34 ? 2879 GLU A CG  1 
ATOM   371 C  CD  . GLU A 1 49 ? 15.115  -0.930  7.961   1.00 49.08 ? 2879 GLU A CD  1 
ATOM   372 O  OE1 . GLU A 1 49 ? 15.943  -1.428  7.161   1.00 49.32 ? 2879 GLU A OE1 1 
ATOM   373 O  OE2 . GLU A 1 49 ? 14.742  0.260   7.891   1.00 50.14 ? 2879 GLU A OE2 1 
ATOM   374 N  N   . LYS A 1 50 ? 11.597  -1.929  7.738   1.00 31.84 ? 2880 LYS A N   1 
ATOM   375 C  CA  . LYS A 1 50 ? 10.326  -1.352  8.143   1.00 25.49 ? 2880 LYS A CA  1 
ATOM   376 C  C   . LYS A 1 50 ? 9.192   -1.629  7.147   1.00 24.60 ? 2880 LYS A C   1 
ATOM   377 O  O   . LYS A 1 50 ? 8.153   -2.194  7.512   1.00 21.87 ? 2880 LYS A O   1 
ATOM   378 C  CB  . LYS A 1 50 ? 10.489  0.153   8.327   1.00 29.03 ? 2880 LYS A CB  1 
ATOM   379 C  CG  . LYS A 1 50 ? 9.246   0.857   8.809   1.00 29.35 ? 2880 LYS A CG  1 
ATOM   380 C  CD  . LYS A 1 50 ? 9.468   2.357   8.902   1.00 27.31 ? 2880 LYS A CD  1 
ATOM   381 C  CE  . LYS A 1 50 ? 8.345   3.030   9.667   1.00 21.00 ? 2880 LYS A CE  1 
ATOM   382 N  NZ  . LYS A 1 50 ? 8.290   2.575   11.096  1.00 17.28 ? 2880 LYS A NZ  1 
ATOM   383 N  N   . PHE A 1 51 ? 9.380   -1.221  5.895   1.00 13.39 ? 2881 PHE A N   1 
ATOM   384 C  CA  . PHE A 1 51 ? 8.334   -1.396  4.887   1.00 12.36 ? 2881 PHE A CA  1 
ATOM   385 C  C   . PHE A 1 51 ? 8.527   -2.690  4.114   1.00 16.59 ? 2881 PHE A C   1 
ATOM   386 O  O   . PHE A 1 51 ? 9.547   -2.890  3.450   1.00 19.75 ? 2881 PHE A O   1 
ATOM   387 C  CB  . PHE A 1 51 ? 8.310   -0.225  3.910   1.00 21.17 ? 2881 PHE A CB  1 
ATOM   388 C  CG  . PHE A 1 51 ? 7.866   1.068   4.520   1.00 11.73 ? 2881 PHE A CG  1 
ATOM   389 C  CD1 . PHE A 1 51 ? 6.523   1.338   4.701   1.00 10.65 ? 2881 PHE A CD1 1 
ATOM   390 C  CD2 . PHE A 1 51 ? 8.801   2.023   4.891   1.00 15.73 ? 2881 PHE A CD2 1 
ATOM   391 C  CE1 . PHE A 1 51 ? 6.108   2.531   5.253   1.00 10.46 ? 2881 PHE A CE1 1 
ATOM   392 C  CE2 . PHE A 1 51 ? 8.399   3.221   5.445   1.00 18.31 ? 2881 PHE A CE2 1 
ATOM   393 C  CZ  . PHE A 1 51 ? 7.047   3.479   5.627   1.00 18.56 ? 2881 PHE A CZ  1 
ATOM   394 N  N   . LYS A 1 52 ? 7.547   -3.576  4.199   1.00 13.78 ? 2882 LYS A N   1 
ATOM   395 C  CA  . LYS A 1 52 ? 7.621   -4.812  3.441   1.00 14.72 ? 2882 LYS A CA  1 
ATOM   396 C  C   . LYS A 1 52 ? 6.695   -4.721  2.247   1.00 15.67 ? 2882 LYS A C   1 
ATOM   397 O  O   . LYS A 1 52 ? 5.521   -4.382  2.381   1.00 19.31 ? 2882 LYS A O   1 
ATOM   398 C  CB  . LYS A 1 52 ? 7.276   -6.009  4.319   1.00 20.81 ? 2882 LYS A CB  1 
ATOM   399 C  CG  . LYS A 1 52 ? 8.150   -6.100  5.553   1.00 28.77 ? 2882 LYS A CG  1 
ATOM   400 C  CD  . LYS A 1 52 ? 9.617   -6.215  5.177   1.00 27.36 ? 2882 LYS A CD  1 
ATOM   401 C  CE  . LYS A 1 52 ? 10.487  -6.275  6.423   1.00 29.74 ? 2882 LYS A CE  1 
ATOM   402 N  NZ  . LYS A 1 52 ? 11.900  -6.601  6.095   1.00 35.36 ? 2882 LYS A NZ  1 
ATOM   403 N  N   . ILE A 1 53 ? 7.237   -4.986  1.070   1.00 12.50 ? 2883 ILE A N   1 
ATOM   404 C  CA  . ILE A 1 53 ? 6.450   -4.936  -0.151  1.00 11.88 ? 2883 ILE A CA  1 
ATOM   405 C  C   . ILE A 1 53 ? 6.232   -6.345  -0.658  1.00 17.23 ? 2883 ILE A C   1 
ATOM   406 O  O   . ILE A 1 53 ? 7.175   -7.000  -1.109  1.00 17.81 ? 2883 ILE A O   1 
ATOM   407 C  CB  . ILE A 1 53 ? 7.143   -4.092  -1.227  1.00 19.35 ? 2883 ILE A CB  1 
ATOM   408 C  CG1 . ILE A 1 53 ? 7.655   -2.775  -0.622  1.00 23.95 ? 2883 ILE A CG1 1 
ATOM   409 C  CG2 . ILE A 1 53 ? 6.207   -3.856  -2.366  1.00 17.65 ? 2883 ILE A CG2 1 
ATOM   410 C  CD1 . ILE A 1 53 ? 6.870   -1.542  -0.964  1.00 20.79 ? 2883 ILE A CD1 1 
ATOM   411 N  N   . VAL A 1 54 ? 4.987   -6.813  -0.571  1.00 17.63 ? 2884 VAL A N   1 
ATOM   412 C  CA  . VAL A 1 54 ? 4.675   -8.218  -0.815  1.00 19.53 ? 2884 VAL A CA  1 
ATOM   413 C  C   . VAL A 1 54 ? 3.673   -8.403  -1.956  1.00 22.06 ? 2884 VAL A C   1 
ATOM   414 O  O   . VAL A 1 54 ? 2.708   -7.643  -2.090  1.00 11.20 ? 2884 VAL A O   1 
ATOM   415 C  CB  . VAL A 1 54 ? 4.108   -8.894  0.459   1.00 17.71 ? 2884 VAL A CB  1 
ATOM   416 C  CG1 . VAL A 1 54 ? 4.139   -10.399 0.316   1.00 19.87 ? 2884 VAL A CG1 1 
ATOM   417 C  CG2 . VAL A 1 54 ? 4.919   -8.486  1.676   1.00 17.89 ? 2884 VAL A CG2 1 
ATOM   418 N  N   . VAL A 1 55 ? 3.918   -9.402  -2.793  1.00 12.89 ? 2885 VAL A N   1 
ATOM   419 C  CA  . VAL A 1 55 ? 2.989   -9.717  -3.859  1.00 12.72 ? 2885 VAL A CA  1 
ATOM   420 C  C   . VAL A 1 55 ? 2.598   -11.174 -3.831  1.00 20.20 ? 2885 VAL A C   1 
ATOM   421 O  O   . VAL A 1 55 ? 3.447   -12.054 -3.667  1.00 14.90 ? 2885 VAL A O   1 
ATOM   422 C  CB  . VAL A 1 55 ? 3.570   -9.396  -5.244  1.00 20.55 ? 2885 VAL A CB  1 
ATOM   423 C  CG1 . VAL A 1 55 ? 2.551   -9.731  -6.323  1.00 16.66 ? 2885 VAL A CG1 1 
ATOM   424 C  CG2 . VAL A 1 55 ? 3.949   -7.941  -5.312  1.00 19.45 ? 2885 VAL A CG2 1 
ATOM   425 N  N   . GLN A 1 56 ? 1.299   -11.412 -3.983  1.00 15.09 ? 2886 GLN A N   1 
ATOM   426 C  CA  . GLN A 1 56 ? 0.787   -12.748 -4.195  1.00 19.87 ? 2886 GLN A CA  1 
ATOM   427 C  C   . GLN A 1 56 ? -0.168  -12.728 -5.384  1.00 21.74 ? 2886 GLN A C   1 
ATOM   428 O  O   . GLN A 1 56 ? -1.352  -12.421 -5.237  1.00 14.33 ? 2886 GLN A O   1 
ATOM   429 C  CB  . GLN A 1 56 ? 0.090   -13.264 -2.942  1.00 19.77 ? 2886 GLN A CB  1 
ATOM   430 C  CG  . GLN A 1 56 ? -0.508  -14.639 -3.082  1.00 23.18 ? 2886 GLN A CG  1 
ATOM   431 C  CD  . GLN A 1 56 ? -1.487  -14.920 -1.972  1.00 29.12 ? 2886 GLN A CD  1 
ATOM   432 O  OE1 . GLN A 1 56 ? -2.170  -14.013 -1.490  1.00 29.46 ? 2886 GLN A OE1 1 
ATOM   433 N  NE2 . GLN A 1 56 ? -1.545  -16.169 -1.534  1.00 35.23 ? 2886 GLN A NE2 1 
ATOM   434 N  N   . GLY A 1 57 ? 0.370   -13.038 -6.561  1.00 14.93 ? 2887 GLY A N   1 
ATOM   435 C  CA  . GLY A 1 57 ? -0.392  -13.023 -7.799  1.00 16.13 ? 2887 GLY A CA  1 
ATOM   436 C  C   . GLY A 1 57 ? -0.903  -11.639 -8.125  1.00 15.46 ? 2887 GLY A C   1 
ATOM   437 O  O   . GLY A 1 57 ? -0.129  -10.744 -8.486  1.00 14.37 ? 2887 GLY A O   1 
ATOM   438 N  N   . LYS A 1 58 ? -2.212  -11.461 -7.981  1.00 16.27 ? 2888 LYS A N   1 
ATOM   439 C  CA  . LYS A 1 58 ? -2.843  -10.187 -8.301  1.00 16.49 ? 2888 LYS A CA  1 
ATOM   440 C  C   . LYS A 1 58 ? -3.053  -9.339  -7.049  1.00 12.30 ? 2888 LYS A C   1 
ATOM   441 O  O   . LYS A 1 58 ? -3.583  -8.227  -7.129  1.00 14.23 ? 2888 LYS A O   1 
ATOM   442 C  CB  . LYS A 1 58 ? -4.172  -10.428 -9.036  1.00 13.58 ? 2888 LYS A CB  1 
ATOM   443 C  CG  . LYS A 1 58 ? -3.970  -11.153 -10.361 1.00 18.32 ? 2888 LYS A CG  1 
ATOM   444 C  CD  . LYS A 1 58 ? -5.244  -11.267 -11.180 1.00 25.23 ? 2888 LYS A CD  1 
ATOM   445 C  CE  . LYS A 1 58 ? -6.282  -12.099 -10.445 1.00 29.60 ? 2888 LYS A CE  1 
ATOM   446 N  NZ  . LYS A 1 58 ? -7.442  -12.437 -11.311 1.00 36.13 ? 2888 LYS A NZ  1 
ATOM   447 N  N   . LEU A 1 59 ? -2.623  -9.868  -5.903  1.00 12.45 ? 2889 LEU A N   1 
ATOM   448 C  CA  . LEU A 1 59 ? -2.714  -9.163  -4.630  1.00 11.95 ? 2889 LEU A CA  1 
ATOM   449 C  C   . LEU A 1 59 ? -1.394  -8.463  -4.287  1.00 11.26 ? 2889 LEU A C   1 
ATOM   450 O  O   . LEU A 1 59 ? -0.319  -9.062  -4.351  1.00 11.59 ? 2889 LEU A O   1 
ATOM   451 C  CB  . LEU A 1 59 ? -3.101  -10.120 -3.494  1.00 12.76 ? 2889 LEU A CB  1 
ATOM   452 C  CG  . LEU A 1 59 ? -2.960  -9.484  -2.108  1.00 12.31 ? 2889 LEU A CG  1 
ATOM   453 C  CD1 . LEU A 1 59 ? -4.061  -8.463  -1.900  1.00 12.01 ? 2889 LEU A CD1 1 
ATOM   454 C  CD2 . LEU A 1 59 ? -2.939  -10.512 -0.972  1.00 13.26 ? 2889 LEU A CD2 1 
ATOM   455 N  N   . HIS A 1 60 ? -1.493  -7.185  -3.943  1.00 10.55 ? 2890 HIS A N   1 
ATOM   456 C  CA  . HIS A 1 60 ? -0.336  -6.398  -3.553  1.00 10.09 ? 2890 HIS A CA  1 
ATOM   457 C  C   . HIS A 1 60 ? -0.517  -5.894  -2.139  1.00 9.80  ? 2890 HIS A C   1 
ATOM   458 O  O   . HIS A 1 60 ? -1.561  -5.353  -1.788  1.00 9.68  ? 2890 HIS A O   1 
ATOM   459 C  CB  . HIS A 1 60 ? -0.119  -5.217  -4.508  1.00 9.75  ? 2890 HIS A CB  1 
ATOM   460 C  CG  . HIS A 1 60 ? 0.303   -5.619  -5.884  1.00 10.11 ? 2890 HIS A CG  1 
ATOM   461 N  ND1 . HIS A 1 60 ? 1.576   -5.406  -6.363  1.00 12.00 ? 2890 HIS A ND1 1 
ATOM   462 C  CD2 . HIS A 1 60 ? -0.383  -6.214  -6.894  1.00 12.89 ? 2890 HIS A CD2 1 
ATOM   463 C  CE1 . HIS A 1 60 ? 1.663   -5.860  -7.605  1.00 14.10 ? 2890 HIS A CE1 1 
ATOM   464 N  NE2 . HIS A 1 60 ? 0.485   -6.352  -7.949  1.00 10.77 ? 2890 HIS A NE2 1 
ATOM   465 N  N   . GLN A 1 61 ? 0.512   -6.042  -1.324  1.00 13.62 ? 2891 GLN A N   1 
ATOM   466 C  CA  . GLN A 1 61 ? 0.390   -5.627  0.052   1.00 9.68  ? 2891 GLN A CA  1 
ATOM   467 C  C   . GLN A 1 61 ? 1.624   -4.905  0.555   1.00 14.32 ? 2891 GLN A C   1 
ATOM   468 O  O   . GLN A 1 61 ? 2.768   -5.328  0.329   1.00 12.85 ? 2891 GLN A O   1 
ATOM   469 C  CB  . GLN A 1 61 ? 0.096   -6.838  0.926   1.00 10.35 ? 2891 GLN A CB  1 
ATOM   470 C  CG  . GLN A 1 61 ? 0.000   -6.550  2.420   1.00 10.56 ? 2891 GLN A CG  1 
ATOM   471 C  CD  . GLN A 1 61 ? -0.124  -7.848  3.195   1.00 11.82 ? 2891 GLN A CD  1 
ATOM   472 O  OE1 . GLN A 1 61 ? 0.758   -8.696  3.120   1.00 12.01 ? 2891 GLN A OE1 1 
ATOM   473 N  NE2 . GLN A 1 61 ? -1.233  -8.024  3.905   1.00 11.69 ? 2891 GLN A NE2 1 
ATOM   474 N  N   . LEU A 1 62 ? 1.359   -3.794  1.225   1.00 9.09  ? 2892 LEU A N   1 
ATOM   475 C  CA  . LEU A 1 62 ? 2.367   -3.041  1.944   1.00 9.10  ? 2892 LEU A CA  1 
ATOM   476 C  C   . LEU A 1 62 ? 2.222   -3.339  3.430   1.00 14.15 ? 2892 LEU A C   1 
ATOM   477 O  O   . LEU A 1 62 ? 1.192   -3.033  4.039   1.00 10.91 ? 2892 LEU A O   1 
ATOM   478 C  CB  . LEU A 1 62 ? 2.213   -1.548  1.681   1.00 8.76  ? 2892 LEU A CB  1 
ATOM   479 C  CG  . LEU A 1 62 ? 3.177   -0.619  2.439   1.00 15.82 ? 2892 LEU A CG  1 
ATOM   480 C  CD1 . LEU A 1 62 ? 4.625   -0.882  2.028   1.00 15.29 ? 2892 LEU A CD1 1 
ATOM   481 C  CD2 . LEU A 1 62 ? 2.818   0.843   2.211   1.00 11.20 ? 2892 LEU A CD2 1 
ATOM   482 N  N   . ILE A 1 63 ? 3.243   -3.956  4.003   1.00 18.20 ? 2893 ILE A N   1 
ATOM   483 C  CA  . ILE A 1 63 ? 3.293   -4.190  5.441   1.00 16.38 ? 2893 ILE A CA  1 
ATOM   484 C  C   . ILE A 1 63 ? 4.153   -3.112  6.083   1.00 13.82 ? 2893 ILE A C   1 
ATOM   485 O  O   . ILE A 1 63 ? 5.324   -2.966  5.739   1.00 14.13 ? 2893 ILE A O   1 
ATOM   486 C  CB  . ILE A 1 63 ? 3.861   -5.578  5.770   1.00 11.09 ? 2893 ILE A CB  1 
ATOM   487 C  CG1 . ILE A 1 63 ? 3.211   -6.638  4.873   1.00 11.35 ? 2893 ILE A CG1 1 
ATOM   488 C  CG2 . ILE A 1 63 ? 3.674   -5.896  7.246   1.00 12.75 ? 2893 ILE A CG2 1 
ATOM   489 C  CD1 . ILE A 1 63 ? 3.703   -8.043  5.129   1.00 13.60 ? 2893 ILE A CD1 1 
ATOM   490 N  N   . ILE A 1 64 ? 3.556   -2.354  6.999   1.00 11.47 ? 2894 ILE A N   1 
ATOM   491 C  CA  . ILE A 1 64 ? 4.256   -1.285  7.709   1.00 13.80 ? 2894 ILE A CA  1 
ATOM   492 C  C   . ILE A 1 64 ? 4.489   -1.681  9.157   1.00 16.90 ? 2894 ILE A C   1 
ATOM   493 O  O   . ILE A 1 64 ? 3.564   -1.662  9.971   1.00 16.23 ? 2894 ILE A O   1 
ATOM   494 C  CB  . ILE A 1 64 ? 3.470   0.035   7.679   1.00 16.57 ? 2894 ILE A CB  1 
ATOM   495 C  CG1 . ILE A 1 64 ? 3.088   0.408   6.253   1.00 8.86  ? 2894 ILE A CG1 1 
ATOM   496 C  CG2 . ILE A 1 64 ? 4.288   1.159   8.304   1.00 19.99 ? 2894 ILE A CG2 1 
ATOM   497 C  CD1 . ILE A 1 64 ? 2.331   1.710   6.192   1.00 10.17 ? 2894 ILE A CD1 1 
ATOM   498 N  N   . MET A 1 65 ? 5.723   -2.051  9.471   1.00 17.28 ? 2895 MET A N   1 
ATOM   499 C  CA  . MET A 1 65 ? 6.052   -2.560  10.792  1.00 11.77 ? 2895 MET A CA  1 
ATOM   500 C  C   . MET A 1 65 ? 6.566   -1.461  11.715  1.00 15.93 ? 2895 MET A C   1 
ATOM   501 O  O   . MET A 1 65 ? 7.019   -0.402  11.259  1.00 14.73 ? 2895 MET A O   1 
ATOM   502 C  CB  . MET A 1 65 ? 7.079   -3.687  10.675  1.00 21.77 ? 2895 MET A CB  1 
ATOM   503 C  CG  . MET A 1 65 ? 6.566   -4.879  9.859   1.00 21.66 ? 2895 MET A CG  1 
ATOM   504 S  SD  . MET A 1 65 ? 7.780   -6.173  9.675   1.00 46.49 ? 2895 MET A SD  1 
ATOM   505 C  CE  . MET A 1 65 ? 7.819   -6.815  11.342  1.00 21.62 ? 2895 MET A CE  1 
ATOM   506 N  N   . ASN A 1 66 ? 6.463   -1.716  13.017  1.00 18.16 ? 2896 ASN A N   1 
ATOM   507 C  CA  . ASN A 1 66 ? 6.981   -0.817  14.033  1.00 12.60 ? 2896 ASN A CA  1 
ATOM   508 C  C   . ASN A 1 66 ? 6.457   0.602   13.882  1.00 11.75 ? 2896 ASN A C   1 
ATOM   509 O  O   . ASN A 1 66 ? 7.235   1.552   13.896  1.00 19.75 ? 2896 ASN A O   1 
ATOM   510 C  CB  . ASN A 1 66 ? 8.507   -0.819  13.989  1.00 13.82 ? 2896 ASN A CB  1 
ATOM   511 C  CG  . ASN A 1 66 ? 9.079   -2.201  14.150  1.00 17.86 ? 2896 ASN A CG  1 
ATOM   512 O  OD1 . ASN A 1 66 ? 9.705   -2.750  13.238  1.00 21.93 ? 2896 ASN A OD1 1 
ATOM   513 N  ND2 . ASN A 1 66 ? 8.845   -2.791  15.318  1.00 17.65 ? 2896 ASN A ND2 1 
ATOM   514 N  N   . THR A 1 67 ? 5.146   0.743   13.719  1.00 10.91 ? 2897 THR A N   1 
ATOM   515 C  CA  . THR A 1 67 ? 4.587   2.052   13.380  1.00 22.87 ? 2897 THR A CA  1 
ATOM   516 C  C   . THR A 1 67 ? 4.898   3.105   14.427  1.00 21.41 ? 2897 THR A C   1 
ATOM   517 O  O   . THR A 1 67 ? 4.879   2.823   15.630  1.00 18.21 ? 2897 THR A O   1 
ATOM   518 C  CB  . THR A 1 67 ? 3.064   2.019   13.202  1.00 19.51 ? 2897 THR A CB  1 
ATOM   519 O  OG1 . THR A 1 67 ? 2.461   1.377   14.335  1.00 17.99 ? 2897 THR A OG1 1 
ATOM   520 C  CG2 . THR A 1 67 ? 2.677   1.306   11.902  1.00 9.44  ? 2897 THR A CG2 1 
ATOM   521 N  N   . SER A 1 68 ? 5.192   4.311   13.942  1.00 22.14 ? 2898 SER A N   1 
ATOM   522 C  CA  . SER A 1 68 ? 5.335   5.489   14.782  1.00 20.21 ? 2898 SER A CA  1 
ATOM   523 C  C   . SER A 1 68 ? 4.356   6.560   14.298  1.00 19.19 ? 2898 SER A C   1 
ATOM   524 O  O   . SER A 1 68 ? 3.772   6.447   13.215  1.00 10.48 ? 2898 SER A O   1 
ATOM   525 C  CB  . SER A 1 68 ? 6.782   6.020   14.773  1.00 19.74 ? 2898 SER A CB  1 
ATOM   526 O  OG  . SER A 1 68 ? 7.194   6.404   13.471  1.00 21.73 ? 2898 SER A OG  1 
ATOM   527 N  N   . THR A 1 69 ? 4.184   7.589   15.120  1.00 18.38 ? 2899 THR A N   1 
ATOM   528 C  CA  . THR A 1 69 ? 3.311   8.723   14.814  1.00 14.54 ? 2899 THR A CA  1 
ATOM   529 C  C   . THR A 1 69 ? 3.580   9.298   13.421  1.00 12.22 ? 2899 THR A C   1 
ATOM   530 O  O   . THR A 1 69 ? 2.652   9.663   12.686  1.00 17.23 ? 2899 THR A O   1 
ATOM   531 C  CB  . THR A 1 69 ? 3.492   9.839   15.875  1.00 19.13 ? 2899 THR A CB  1 
ATOM   532 O  OG1 . THR A 1 69 ? 3.329   9.284   17.189  1.00 16.62 ? 2899 THR A OG1 1 
ATOM   533 C  CG2 . THR A 1 69 ? 2.492   10.979  15.670  1.00 16.80 ? 2899 THR A CG2 1 
ATOM   534 N  N   . GLU A 1 70 ? 4.857   9.364   13.068  1.00 13.94 ? 2900 GLU A N   1 
ATOM   535 C  CA  . GLU A 1 70 ? 5.309   9.884   11.781  1.00 17.79 ? 2900 GLU A CA  1 
ATOM   536 C  C   . GLU A 1 70 ? 4.753   9.081   10.599  1.00 20.20 ? 2900 GLU A C   1 
ATOM   537 O  O   . GLU A 1 70 ? 4.594   9.617   9.503   1.00 25.45 ? 2900 GLU A O   1 
ATOM   538 C  CB  . GLU A 1 70 ? 6.855   9.901   11.730  1.00 20.98 ? 2900 GLU A CB  1 
ATOM   539 C  CG  . GLU A 1 70 ? 7.537   10.915  12.668  1.00 28.22 ? 2900 GLU A CG  1 
ATOM   540 C  CD  . GLU A 1 70 ? 8.051   10.305  13.994  1.00 36.99 ? 2900 GLU A CD  1 
ATOM   541 O  OE1 . GLU A 1 70 ? 7.442   9.333   14.484  1.00 27.69 ? 2900 GLU A OE1 1 
ATOM   542 O  OE2 . GLU A 1 70 ? 9.060   10.812  14.552  1.00 42.20 ? 2900 GLU A OE2 1 
ATOM   543 N  N   . ASP A 1 71 ? 4.466   7.801   10.820  1.00 11.14 ? 2901 ASP A N   1 
ATOM   544 C  CA  . ASP A 1 71 ? 3.920   6.932   9.770   1.00 11.83 ? 2901 ASP A CA  1 
ATOM   545 C  C   . ASP A 1 71 ? 2.450   7.222   9.438   1.00 15.36 ? 2901 ASP A C   1 
ATOM   546 O  O   . ASP A 1 71 ? 1.906   6.688   8.463   1.00 17.63 ? 2901 ASP A O   1 
ATOM   547 C  CB  . ASP A 1 71 ? 4.050   5.471   10.176  1.00 12.49 ? 2901 ASP A CB  1 
ATOM   548 C  CG  . ASP A 1 71 ? 5.481   5.071   10.456  1.00 19.31 ? 2901 ASP A CG  1 
ATOM   549 O  OD1 . ASP A 1 71 ? 6.383   5.605   9.782   1.00 24.89 ? 2901 ASP A OD1 1 
ATOM   550 O  OD2 . ASP A 1 71 ? 5.704   4.228   11.350  1.00 17.25 ? 2901 ASP A OD2 1 
ATOM   551 N  N   . SER A 1 72 ? 1.797   8.025   10.276  1.00 12.04 ? 2902 SER A N   1 
ATOM   552 C  CA  . SER A 1 72 ? 0.454   8.512   9.967   1.00 10.69 ? 2902 SER A CA  1 
ATOM   553 C  C   . SER A 1 72 ? 0.550   9.321   8.686   1.00 13.66 ? 2902 SER A C   1 
ATOM   554 O  O   . SER A 1 72 ? 1.078   10.423  8.685   1.00 18.08 ? 2902 SER A O   1 
ATOM   555 C  CB  . SER A 1 72 ? -0.116  9.366   11.104  1.00 11.25 ? 2902 SER A CB  1 
ATOM   556 O  OG  . SER A 1 72 ? -0.144  8.649   12.328  1.00 15.92 ? 2902 SER A OG  1 
ATOM   557 N  N   . ALA A 1 73 ? 0.051   8.767   7.591   1.00 10.99 ? 2903 ALA A N   1 
ATOM   558 C  CA  . ALA A 1 73 ? 0.240   9.385   6.285   1.00 11.59 ? 2903 ALA A CA  1 
ATOM   559 C  C   . ALA A 1 73 ? -0.784  8.863   5.279   1.00 15.56 ? 2903 ALA A C   1 
ATOM   560 O  O   . ALA A 1 73 ? -1.612  8.011   5.609   1.00 14.75 ? 2903 ALA A O   1 
ATOM   561 C  CB  . ALA A 1 73 ? 1.654   9.120   5.777   1.00 11.57 ? 2903 ALA A CB  1 
ATOM   562 N  N   . GLU A 1 74 ? -0.731  9.382   4.056   1.00 12.53 ? 2904 GLU A N   1 
ATOM   563 C  CA  . GLU A 1 74 ? -1.494  8.799   2.969   1.00 13.47 ? 2904 GLU A CA  1 
ATOM   564 C  C   . GLU A 1 74 ? -0.608  7.821   2.209   1.00 13.84 ? 2904 GLU A C   1 
ATOM   565 O  O   . GLU A 1 74 ? 0.528   8.137   1.867   1.00 14.76 ? 2904 GLU A O   1 
ATOM   566 C  CB  . GLU A 1 74 ? -2.026  9.883   2.030   1.00 18.33 ? 2904 GLU A CB  1 
ATOM   567 C  CG  . GLU A 1 74 ? -2.999  9.374   0.997   1.00 13.40 ? 2904 GLU A CG  1 
ATOM   568 C  CD  . GLU A 1 74 ? -3.688  10.497  0.247   1.00 23.27 ? 2904 GLU A CD  1 
ATOM   569 O  OE1 . GLU A 1 74 ? -2.992  11.227  -0.489  1.00 23.29 ? 2904 GLU A OE1 1 
ATOM   570 O  OE2 . GLU A 1 74 ? -4.924  10.642  0.391   1.00 21.04 ? 2904 GLU A OE2 1 
ATOM   571 N  N   . TYR A 1 75 ? -1.126  6.627   1.961   1.00 10.58 ? 2905 TYR A N   1 
ATOM   572 C  CA  . TYR A 1 75 ? -0.385  5.614   1.222   1.00 14.08 ? 2905 TYR A CA  1 
ATOM   573 C  C   . TYR A 1 75 ? -1.108  5.355   -0.096  1.00 15.83 ? 2905 TYR A C   1 
ATOM   574 O  O   . TYR A 1 75 ? -2.340  5.339   -0.127  1.00 13.92 ? 2905 TYR A O   1 
ATOM   575 C  CB  . TYR A 1 75 ? -0.231  4.343   2.077   1.00 13.34 ? 2905 TYR A CB  1 
ATOM   576 C  CG  . TYR A 1 75 ? 0.673   4.594   3.271   1.00 9.23  ? 2905 TYR A CG  1 
ATOM   577 C  CD1 . TYR A 1 75 ? 0.168   5.130   4.459   1.00 9.30  ? 2905 TYR A CD1 1 
ATOM   578 C  CD2 . TYR A 1 75 ? 2.039   4.340   3.189   1.00 9.33  ? 2905 TYR A CD2 1 
ATOM   579 C  CE1 . TYR A 1 75 ? 0.997   5.388   5.533   1.00 10.66 ? 2905 TYR A CE1 1 
ATOM   580 C  CE2 . TYR A 1 75 ? 2.870   4.594   4.250   1.00 15.34 ? 2905 TYR A CE2 1 
ATOM   581 C  CZ  . TYR A 1 75 ? 2.349   5.116   5.421   1.00 12.72 ? 2905 TYR A CZ  1 
ATOM   582 O  OH  . TYR A 1 75 ? 3.201   5.375   6.466   1.00 11.59 ? 2905 TYR A OH  1 
ATOM   583 N  N   . THR A 1 76 ? -0.346  5.201   -1.181  1.00 14.11 ? 2906 THR A N   1 
ATOM   584 C  CA  . THR A 1 76 ? -0.920  5.139   -2.519  1.00 10.86 ? 2906 THR A CA  1 
ATOM   585 C  C   . THR A 1 76 ? -0.396  3.930   -3.305  1.00 12.60 ? 2906 THR A C   1 
ATOM   586 O  O   . THR A 1 76 ? 0.784   3.601   -3.238  1.00 10.29 ? 2906 THR A O   1 
ATOM   587 C  CB  . THR A 1 76 ? -0.612  6.449   -3.318  1.00 15.24 ? 2906 THR A CB  1 
ATOM   588 O  OG1 . THR A 1 76 ? -0.963  7.594   -2.531  1.00 16.06 ? 2906 THR A OG1 1 
ATOM   589 C  CG2 . THR A 1 76 ? -1.374  6.496   -4.637  1.00 12.89 ? 2906 THR A CG2 1 
ATOM   590 N  N   . PHE A 1 77 ? -1.276  3.257   -4.042  1.00 11.11 ? 2907 PHE A N   1 
ATOM   591 C  CA  . PHE A 1 77 ? -0.820  2.237   -4.988  1.00 10.22 ? 2907 PHE A CA  1 
ATOM   592 C  C   . PHE A 1 77 ? -1.091  2.695   -6.415  1.00 14.35 ? 2907 PHE A C   1 
ATOM   593 O  O   . PHE A 1 77 ? -2.197  3.128   -6.734  1.00 13.63 ? 2907 PHE A O   1 
ATOM   594 C  CB  . PHE A 1 77 ? -1.503  0.896   -4.742  1.00 10.01 ? 2907 PHE A CB  1 
ATOM   595 C  CG  . PHE A 1 77 ? -0.916  -0.234  -5.541  1.00 10.31 ? 2907 PHE A CG  1 
ATOM   596 C  CD1 . PHE A 1 77 ? -1.447  -0.583  -6.774  1.00 13.17 ? 2907 PHE A CD1 1 
ATOM   597 C  CD2 . PHE A 1 77 ? 0.193   -0.927  -5.074  1.00 10.81 ? 2907 PHE A CD2 1 
ATOM   598 C  CE1 . PHE A 1 77 ? -0.895  -1.614  -7.514  1.00 16.84 ? 2907 PHE A CE1 1 
ATOM   599 C  CE2 . PHE A 1 77 ? 0.751   -1.970  -5.819  1.00 9.64  ? 2907 PHE A CE2 1 
ATOM   600 C  CZ  . PHE A 1 77 ? 0.204   -2.310  -7.032  1.00 19.12 ? 2907 PHE A CZ  1 
ATOM   601 N  N   . VAL A 1 78 ? -0.084  2.571   -7.272  1.00 16.94 ? 2908 VAL A N   1 
ATOM   602 C  CA  . VAL A 1 78 ? -0.171  3.050   -8.645  1.00 21.61 ? 2908 VAL A CA  1 
ATOM   603 C  C   . VAL A 1 78 ? -0.169  1.899   -9.669  1.00 20.87 ? 2908 VAL A C   1 
ATOM   604 O  O   . VAL A 1 78 ? 0.676   1.011   -9.598  1.00 11.63 ? 2908 VAL A O   1 
ATOM   605 C  CB  . VAL A 1 78 ? 1.005   4.007   -8.939  1.00 22.38 ? 2908 VAL A CB  1 
ATOM   606 C  CG1 . VAL A 1 78 ? 0.938   4.514   -10.365 1.00 14.07 ? 2908 VAL A CG1 1 
ATOM   607 C  CG2 . VAL A 1 78 ? 1.019   5.166   -7.923  1.00 16.94 ? 2908 VAL A CG2 1 
ATOM   608 N  N   . CYS A 1 79 ? -1.105  1.918   -10.618 1.00 12.45 ? 2909 CYS A N   1 
ATOM   609 C  CA  . CYS A 1 79 ? -1.195  0.853   -11.620 1.00 12.47 ? 2909 CYS A CA  1 
ATOM   610 C  C   . CYS A 1 79 ? -2.086  1.257   -12.791 1.00 17.14 ? 2909 CYS A C   1 
ATOM   611 O  O   . CYS A 1 79 ? -3.187  1.764   -12.590 1.00 17.99 ? 2909 CYS A O   1 
ATOM   612 C  CB  . CYS A 1 79 ? -1.720  -0.433  -10.974 1.00 14.41 ? 2909 CYS A CB  1 
ATOM   613 S  SG  . CYS A 1 79 ? -2.150  -1.798  -12.087 1.00 19.35 ? 2909 CYS A SG  1 
ATOM   614 N  N   . GLY A 1 80 ? -1.612  1.021   -14.012 1.00 19.96 ? 2910 GLY A N   1 
ATOM   615 C  CA  . GLY A 1 80 ? -2.327  1.475   -15.194 1.00 23.51 ? 2910 GLY A CA  1 
ATOM   616 C  C   . GLY A 1 80 ? -2.393  2.989   -15.156 1.00 20.96 ? 2910 GLY A C   1 
ATOM   617 O  O   . GLY A 1 80 ? -1.450  3.631   -14.711 1.00 17.09 ? 2910 GLY A O   1 
ATOM   618 N  N   . ASN A 1 81 ? -3.498  3.577   -15.598 1.00 16.95 ? 2911 ASN A N   1 
ATOM   619 C  CA  . ASN A 1 81 ? -3.654  5.012   -15.393 1.00 26.39 ? 2911 ASN A CA  1 
ATOM   620 C  C   . ASN A 1 81 ? -4.425  5.268   -14.098 1.00 25.15 ? 2911 ASN A C   1 
ATOM   621 O  O   . ASN A 1 81 ? -4.963  6.348   -13.904 1.00 30.56 ? 2911 ASN A O   1 
ATOM   622 C  CB  . ASN A 1 81 ? -4.333  5.690   -16.606 1.00 29.86 ? 2911 ASN A CB  1 
ATOM   623 C  CG  . ASN A 1 81 ? -5.823  5.386   -16.715 1.00 30.07 ? 2911 ASN A CG  1 
ATOM   624 O  OD1 . ASN A 1 81 ? -6.356  4.525   -16.017 1.00 32.02 ? 2911 ASN A OD1 1 
ATOM   625 N  ND2 . ASN A 1 81 ? -6.501  6.101   -17.606 1.00 27.14 ? 2911 ASN A ND2 1 
ATOM   626 N  N   . ASP A 1 82 ? -4.472  4.262   -13.225 1.00 22.33 ? 2912 ASP A N   1 
ATOM   627 C  CA  . ASP A 1 82 ? -5.107  4.396   -11.915 1.00 26.80 ? 2912 ASP A CA  1 
ATOM   628 C  C   . ASP A 1 82 ? -4.136  4.724   -10.788 1.00 22.40 ? 2912 ASP A C   1 
ATOM   629 O  O   . ASP A 1 82 ? -2.942  4.403   -10.848 1.00 20.53 ? 2912 ASP A O   1 
ATOM   630 C  CB  . ASP A 1 82 ? -5.819  3.101   -11.524 1.00 32.78 ? 2912 ASP A CB  1 
ATOM   631 C  CG  . ASP A 1 82 ? -7.115  2.898   -12.258 1.00 41.70 ? 2912 ASP A CG  1 
ATOM   632 O  OD1 . ASP A 1 82 ? -7.704  3.921   -12.700 1.00 44.90 ? 2912 ASP A OD1 1 
ATOM   633 O  OD2 . ASP A 1 82 ? -7.530  1.714   -12.387 1.00 41.63 ? 2912 ASP A OD2 1 
ATOM   634 N  N   . GLN A 1 83 ? -4.668  5.309   -9.722  1.00 22.90 ? 2913 GLN A N   1 
ATOM   635 C  CA  . GLN A 1 83 ? -3.996  5.209   -8.437  1.00 24.50 ? 2913 GLN A CA  1 
ATOM   636 C  C   . GLN A 1 83 ? -5.047  5.317   -7.337  1.00 21.99 ? 2913 GLN A C   1 
ATOM   637 O  O   . GLN A 1 83 ? -6.005  6.085   -7.456  1.00 25.15 ? 2913 GLN A O   1 
ATOM   638 C  CB  . GLN A 1 83 ? -2.906  6.270   -8.297  1.00 28.53 ? 2913 GLN A CB  1 
ATOM   639 C  CG  . GLN A 1 83 ? -3.384  7.691   -8.059  1.00 31.13 ? 2913 GLN A CG  1 
ATOM   640 C  CD  . GLN A 1 83 ? -2.237  8.652   -7.810  1.00 32.33 ? 2913 GLN A CD  1 
ATOM   641 O  OE1 . GLN A 1 83 ? -1.151  8.502   -8.370  1.00 33.79 ? 2913 GLN A OE1 1 
ATOM   642 N  NE2 . GLN A 1 83 ? -2.472  9.645   -6.954  1.00 34.21 ? 2913 GLN A NE2 1 
ATOM   643 N  N   . VAL A 1 84 ? -4.885  4.514   -6.292  1.00 17.77 ? 2914 VAL A N   1 
ATOM   644 C  CA  . VAL A 1 84 ? -5.801  4.527   -5.152  1.00 19.72 ? 2914 VAL A CA  1 
ATOM   645 C  C   . VAL A 1 84 ? -5.034  4.857   -3.882  1.00 20.63 ? 2914 VAL A C   1 
ATOM   646 O  O   . VAL A 1 84 ? -3.847  4.553   -3.775  1.00 18.30 ? 2914 VAL A O   1 
ATOM   647 C  CB  . VAL A 1 84 ? -6.520  3.172   -4.965  1.00 16.81 ? 2914 VAL A CB  1 
ATOM   648 C  CG1 . VAL A 1 84 ? -7.549  2.948   -6.058  1.00 16.69 ? 2914 VAL A CG1 1 
ATOM   649 C  CG2 . VAL A 1 84 ? -5.511  2.027   -4.924  1.00 14.92 ? 2914 VAL A CG2 1 
ATOM   650 N  N   . SER A 1 85 ? -5.715  5.467   -2.919  1.00 12.93 ? 2915 SER A N   1 
ATOM   651 C  CA  . SER A 1 85 ? -5.075  5.931   -1.703  1.00 12.48 ? 2915 SER A CA  1 
ATOM   652 C  C   . SER A 1 85 ? -5.904  5.599   -0.467  1.00 16.08 ? 2915 SER A C   1 
ATOM   653 O  O   . SER A 1 85 ? -7.123  5.439   -0.536  1.00 13.28 ? 2915 SER A O   1 
ATOM   654 C  CB  . SER A 1 85 ? -4.836  7.439   -1.771  1.00 15.86 ? 2915 SER A CB  1 
ATOM   655 O  OG  . SER A 1 85 ? -3.808  7.745   -2.688  1.00 20.25 ? 2915 SER A OG  1 
ATOM   656 N  N   . ALA A 1 86 ? -5.236  5.505   0.668   1.00 13.60 ? 2916 ALA A N   1 
ATOM   657 C  CA  . ALA A 1 86 ? -5.928  5.325   1.928   1.00 11.85 ? 2916 ALA A CA  1 
ATOM   658 C  C   . ALA A 1 86 ? -5.040  5.903   3.012   1.00 11.43 ? 2916 ALA A C   1 
ATOM   659 O  O   . ALA A 1 86 ? -3.858  6.134   2.793   1.00 10.96 ? 2916 ALA A O   1 
ATOM   660 C  CB  . ALA A 1 86 ? -6.244  3.858   2.179   1.00 11.39 ? 2916 ALA A CB  1 
ATOM   661 N  N   . THR A 1 87 ? -5.605  6.157   4.180   1.00 14.24 ? 2917 THR A N   1 
ATOM   662 C  CA  A THR A 1 87 ? -4.857  6.793   5.247   0.50 11.55 ? 2917 THR A CA  1 
ATOM   663 C  CA  B THR A 1 87 ? -4.854  6.795   5.252   0.50 11.55 ? 2917 THR A CA  1 
ATOM   664 C  C   . THR A 1 87 ? -4.536  5.821   6.372   1.00 12.23 ? 2917 THR A C   1 
ATOM   665 O  O   . THR A 1 87 ? -5.354  4.959   6.717   1.00 10.96 ? 2917 THR A O   1 
ATOM   666 C  CB  A THR A 1 87 ? -5.636  7.980   5.827   0.50 14.77 ? 2917 THR A CB  1 
ATOM   667 C  CB  B THR A 1 87 ? -5.620  8.014   5.836   0.50 14.71 ? 2917 THR A CB  1 
ATOM   668 O  OG1 A THR A 1 87 ? -6.779  7.491   6.535   0.50 16.61 ? 2917 THR A OG1 1 
ATOM   669 O  OG1 B THR A 1 87 ? -5.114  8.327   7.140   0.50 14.12 ? 2917 THR A OG1 1 
ATOM   670 C  CG2 A THR A 1 87 ? -6.092  8.900   4.713   0.50 13.85 ? 2917 THR A CG2 1 
ATOM   671 C  CG2 B THR A 1 87 ? -7.086  7.714   5.964   0.50 17.33 ? 2917 THR A CG2 1 
ATOM   672 N  N   . LEU A 1 88 ? -3.337  5.956   6.925   1.00 13.74 ? 2918 LEU A N   1 
ATOM   673 C  CA  . LEU A 1 88 ? -2.973  5.251   8.138   1.00 17.25 ? 2918 LEU A CA  1 
ATOM   674 C  C   . LEU A 1 88 ? -2.991  6.265   9.266   1.00 18.18 ? 2918 LEU A C   1 
ATOM   675 O  O   . LEU A 1 88 ? -2.415  7.347   9.155   1.00 10.56 ? 2918 LEU A O   1 
ATOM   676 C  CB  . LEU A 1 88 ? -1.595  4.592   8.036   1.00 16.98 ? 2918 LEU A CB  1 
ATOM   677 C  CG  . LEU A 1 88 ? -0.955  4.110   9.348   1.00 13.67 ? 2918 LEU A CG  1 
ATOM   678 C  CD1 . LEU A 1 88 ? -1.713  2.944   9.972   1.00 9.10  ? 2918 LEU A CD1 1 
ATOM   679 C  CD2 . LEU A 1 88 ? 0.505   3.729   9.142   1.00 8.82  ? 2918 LEU A CD2 1 
ATOM   680 N  N   . THR A 1 89 ? -3.669  5.906   10.345  1.00 10.52 ? 2919 THR A N   1 
ATOM   681 C  CA  . THR A 1 89 ? -3.600  6.670   11.578  1.00 17.01 ? 2919 THR A CA  1 
ATOM   682 C  C   . THR A 1 89 ? -2.918  5.814   12.635  1.00 12.31 ? 2919 THR A C   1 
ATOM   683 O  O   . THR A 1 89 ? -3.383  4.710   12.947  1.00 10.45 ? 2919 THR A O   1 
ATOM   684 C  CB  . THR A 1 89 ? -4.993  7.091   12.071  1.00 20.84 ? 2919 THR A CB  1 
ATOM   685 O  OG1 . THR A 1 89 ? -5.660  7.827   11.039  1.00 23.38 ? 2919 THR A OG1 1 
ATOM   686 C  CG2 . THR A 1 89 ? -4.879  7.945   13.341  1.00 19.70 ? 2919 THR A CG2 1 
ATOM   687 N  N   . VAL A 1 90 ? -1.810  6.303   13.170  1.00 10.28 ? 2920 VAL A N   1 
ATOM   688 C  CA  . VAL A 1 90 ? -1.084  5.530   14.158  1.00 12.51 ? 2920 VAL A CA  1 
ATOM   689 C  C   . VAL A 1 90 ? -1.469  6.005   15.552  1.00 19.20 ? 2920 VAL A C   1 
ATOM   690 O  O   . VAL A 1 90 ? -1.147  7.130   15.920  1.00 20.81 ? 2920 VAL A O   1 
ATOM   691 C  CB  . VAL A 1 90 ? 0.432   5.629   13.954  1.00 14.68 ? 2920 VAL A CB  1 
ATOM   692 C  CG1 . VAL A 1 90 ? 1.139   4.807   14.997  1.00 12.71 ? 2920 VAL A CG1 1 
ATOM   693 C  CG2 . VAL A 1 90 ? 0.808   5.138   12.551  1.00 9.50  ? 2920 VAL A CG2 1 
ATOM   694 N  N   . THR A 1 91 ? -2.113  5.098   16.298  1.00 26.23 ? 2921 THR A N   1 
ATOM   695 C  CA  . THR A 1 91 ? -2.917  5.315   17.524  1.00 33.82 ? 2921 THR A CA  1 
ATOM   696 C  C   . THR A 1 91 ? -4.180  6.126   17.286  1.00 43.01 ? 2921 THR A C   1 
ATOM   697 O  O   . THR A 1 91 ? -4.986  5.830   16.409  1.00 46.96 ? 2921 THR A O   1 
ATOM   698 C  CB  . THR A 1 91 ? -2.138  6.002   18.666  1.00 29.24 ? 2921 THR A CB  1 
ATOM   699 O  OG1 . THR A 1 91 ? -1.732  7.308   18.259  1.00 35.77 ? 2921 THR A OG1 1 
ATOM   700 C  CG2 . THR A 1 91 ? -0.961  5.197   19.049  1.00 21.03 ? 2921 THR A CG2 1 
ATOM   701 O  OXT . THR A 1 91 ? -4.434  7.093   17.998  1.00 51.34 ? 2921 THR A OXT 1 
HETATM 702 CA CA  . CA  B 2 .  ? 0.404   5.073   -14.414 1.00 22.87 ? 3001 CA  A CA  1 
HETATM 703 CA CA  . CA  C 2 .  ? 5.180   8.667   19.049  1.00 33.78 ? 3002 CA  A CA  1 
HETATM 704 CA CA  . CA  D 2 .  ? 2.511   6.695   21.763  1.00 52.21 ? 3003 CA  A CA  1 
HETATM 705 O  O   . HOH E 3 .  ? 8.178   -4.501  -8.321  1.00 8.34  ? 3101 HOH A O   1 
HETATM 706 O  O   . HOH E 3 .  ? 0.363   -8.385  -10.253 1.00 10.22 ? 3102 HOH A O   1 
HETATM 707 O  O   . HOH E 3 .  ? 2.132   12.166  7.030   1.00 16.35 ? 3103 HOH A O   1 
HETATM 708 O  O   . HOH E 3 .  ? 12.584  1.435   -5.760  1.00 11.42 ? 3104 HOH A O   1 
HETATM 709 O  O   . HOH E 3 .  ? 2.104   -11.175 -9.655  1.00 7.73  ? 3105 HOH A O   1 
HETATM 710 O  O   . HOH E 3 .  ? -1.202  5.647   -12.430 1.00 17.14 ? 3106 HOH A O   1 
HETATM 711 O  O   . HOH E 3 .  ? -7.896  -2.330  6.448   1.00 16.98 ? 3107 HOH A O   1 
HETATM 712 O  O   . HOH E 3 .  ? -4.008  -13.444 -7.742  1.00 16.14 ? 3108 HOH A O   1 
HETATM 713 O  O   . HOH E 3 .  ? -5.364  -4.232  5.747   1.00 17.11 ? 3109 HOH A O   1 
HETATM 714 O  O   . HOH E 3 .  ? 0.397   8.935   -1.228  1.00 12.70 ? 3110 HOH A O   1 
HETATM 715 O  O   . HOH E 3 .  ? 4.061   0.438   -12.198 1.00 12.94 ? 3111 HOH A O   1 
HETATM 716 O  O   . HOH E 3 .  ? 5.105   -3.999  14.242  1.00 17.91 ? 3112 HOH A O   1 
HETATM 717 O  O   . HOH E 3 .  ? -3.724  -5.452  8.613   1.00 9.03  ? 3113 HOH A O   1 
HETATM 718 O  O   . HOH E 3 .  ? 6.801   10.415  2.223   1.00 17.79 ? 3114 HOH A O   1 
HETATM 719 O  O   . HOH E 3 .  ? -8.095  3.580   16.381  1.00 16.14 ? 3115 HOH A O   1 
HETATM 720 O  O   . HOH E 3 .  ? 12.146  2.683   6.121   1.00 23.84 ? 3116 HOH A O   1 
HETATM 721 O  O   . HOH E 3 .  ? 2.303   -0.527  -10.663 1.00 14.85 ? 3117 HOH A O   1 
HETATM 722 O  O   . HOH E 3 .  ? -1.756  -11.403 -16.290 1.00 15.02 ? 3118 HOH A O   1 
HETATM 723 O  O   . HOH E 3 .  ? -10.279 4.268   -3.559  1.00 20.13 ? 3119 HOH A O   1 
HETATM 724 O  O   . HOH E 3 .  ? -8.136  6.883   -3.864  1.00 11.60 ? 3120 HOH A O   1 
HETATM 725 O  O   . HOH E 3 .  ? -11.008 -3.240  -18.187 1.00 11.39 ? 3121 HOH A O   1 
HETATM 726 O  O   . HOH E 3 .  ? -11.553 -1.152  -7.009  1.00 40.39 ? 3122 HOH A O   1 
HETATM 727 O  O   . HOH E 3 .  ? -9.428  -0.682  8.031   1.00 20.01 ? 3123 HOH A O   1 
HETATM 728 O  O   . HOH E 3 .  ? -4.836  9.157   -4.959  1.00 18.36 ? 3124 HOH A O   1 
HETATM 729 O  O   . HOH E 3 .  ? -5.765  -1.341  5.082   1.00 8.81  ? 3125 HOH A O   1 
HETATM 730 O  O   . HOH E 3 .  ? -2.691  -4.109  11.172  1.00 7.38  ? 3126 HOH A O   1 
HETATM 731 O  O   . HOH E 3 .  ? 10.425  0.881   -4.548  1.00 35.22 ? 3127 HOH A O   1 
HETATM 732 O  O   . HOH E 3 .  ? 7.431   -2.042  17.302  1.00 21.15 ? 3128 HOH A O   1 
HETATM 733 O  O   . HOH E 3 .  ? 1.872   -8.277  19.973  1.00 15.13 ? 3129 HOH A O   1 
HETATM 734 O  O   . HOH E 3 .  ? -12.475 -4.758  -12.837 1.00 25.42 ? 3130 HOH A O   1 
HETATM 735 O  O   . HOH E 3 .  ? -8.398  2.538   -15.516 1.00 32.06 ? 3131 HOH A O   1 
HETATM 736 O  O   . HOH E 3 .  ? -3.698  9.717   9.584   1.00 10.36 ? 3132 HOH A O   1 
HETATM 737 O  O   . HOH E 3 .  ? 6.536   -6.599  -6.994  1.00 33.52 ? 3133 HOH A O   1 
HETATM 738 O  O   . HOH E 3 .  ? 5.004   11.414  7.787   1.00 21.64 ? 3134 HOH A O   1 
HETATM 739 O  O   . HOH E 3 .  ? 3.045   -13.687 -6.676  1.00 15.50 ? 3135 HOH A O   1 
HETATM 740 O  O   . HOH E 3 .  ? -3.944  14.134  -0.913  1.00 29.34 ? 3136 HOH A O   1 
HETATM 741 O  O   . HOH E 3 .  ? -5.752  1.764   -16.142 1.00 22.11 ? 3137 HOH A O   1 
HETATM 742 O  O   . HOH E 3 .  ? 7.286   1.089   -4.141  1.00 22.86 ? 3138 HOH A O   1 
HETATM 743 O  O   . HOH E 3 .  ? 3.679   4.380   21.699  1.00 29.24 ? 3139 HOH A O   1 
HETATM 744 O  O   . HOH E 3 .  ? -0.860  8.156   -11.128 1.00 29.53 ? 3140 HOH A O   1 
HETATM 745 O  O   . HOH E 3 .  ? 3.828   11.332  -6.141  1.00 24.59 ? 3141 HOH A O   1 
HETATM 746 O  O   . HOH E 3 .  ? 10.327  -4.883  11.558  1.00 26.76 ? 3142 HOH A O   1 
HETATM 747 O  O   . HOH E 3 .  ? 2.969   -4.859  -3.239  1.00 22.53 ? 3143 HOH A O   1 
HETATM 748 O  O   . HOH E 3 .  ? 7.497   -3.321  19.614  1.00 22.14 ? 3144 HOH A O   1 
HETATM 749 O  O   . HOH E 3 .  ? 0.988   1.918   21.605  1.00 24.90 ? 3145 HOH A O   1 
HETATM 750 O  O   . HOH E 3 .  ? -7.473  -4.334  2.226   1.00 18.65 ? 3146 HOH A O   1 
HETATM 751 O  O   . HOH E 3 .  ? -8.827  3.475   -1.648  1.00 33.36 ? 3147 HOH A O   1 
HETATM 752 O  O   . HOH E 3 .  ? -0.868  7.009   -15.445 1.00 14.63 ? 3148 HOH A O   1 
HETATM 753 O  O   . HOH E 3 .  ? 1.590   6.311   -12.901 1.00 14.52 ? 3149 HOH A O   1 
HETATM 754 O  O   . HOH E 3 .  ? -9.847  0.507   -16.992 1.00 27.98 ? 3150 HOH A O   1 
HETATM 755 O  O   . HOH E 3 .  ? 1.112   7.619   17.485  1.00 29.11 ? 3151 HOH A O   1 
HETATM 756 O  O   . HOH E 3 .  ? 9.684   1.129   20.428  1.00 25.80 ? 3152 HOH A O   1 
HETATM 757 O  O   . HOH E 3 .  ? 8.677   0.703   17.794  1.00 25.38 ? 3153 HOH A O   1 
HETATM 758 O  O   . HOH E 3 .  ? 0.448   5.287   21.593  1.00 18.68 ? 3154 HOH A O   1 
HETATM 759 O  O   . HOH E 3 .  ? -10.282 -8.046  -7.494  1.00 28.40 ? 3155 HOH A O   1 
HETATM 760 O  O   . HOH E 3 .  ? 9.006   9.213   -5.739  1.00 17.28 ? 3156 HOH A O   1 
HETATM 761 O  O   . HOH E 3 .  ? 8.095   -1.368  -5.035  1.00 13.59 ? 3157 HOH A O   1 
HETATM 762 O  O   . HOH E 3 .  ? 7.050   0.467   -11.651 1.00 16.11 ? 3158 HOH A O   1 
HETATM 763 O  O   . HOH E 3 .  ? 14.045  2.511   8.695   1.00 33.58 ? 3159 HOH A O   1 
HETATM 764 O  O   . HOH E 3 .  ? 10.870  1.088   16.827  1.00 29.16 ? 3160 HOH A O   1 
HETATM 765 O  O   . HOH E 3 .  ? 1.200   6.328   23.855  1.00 35.15 ? 3161 HOH A O   1 
HETATM 766 O  O   . HOH E 3 .  ? 9.505   9.157   2.862   1.00 30.18 ? 3162 HOH A O   1 
HETATM 767 O  O   . HOH E 3 .  ? 0.651   7.834   20.540  1.00 32.55 ? 3163 HOH A O   1 
HETATM 768 O  O   . HOH E 3 .  ? 11.988  -5.811  2.868   1.00 24.16 ? 3164 HOH A O   1 
HETATM 769 O  O   . HOH E 3 .  ? 9.796   -6.016  1.372   1.00 28.01 ? 3165 HOH A O   1 
HETATM 770 O  O   . HOH E 3 .  ? 6.928   9.323   20.891  1.00 29.55 ? 3166 HOH A O   1 
HETATM 771 O  O   . HOH E 3 .  ? -13.151 -4.423  -9.921  1.00 43.05 ? 3167 HOH A O   1 
HETATM 772 O  O   . HOH E 3 .  ? -6.219  -1.764  2.425   1.00 8.46  ? 3168 HOH A O   1 
HETATM 773 O  O   . HOH E 3 .  ? 9.664   3.239   15.086  1.00 21.94 ? 3169 HOH A O   1 
HETATM 774 O  O   . HOH E 3 .  ? -9.930  1.098   -11.518 1.00 38.28 ? 3170 HOH A O   1 
HETATM 775 O  O   . HOH E 3 .  ? 6.918   9.371   17.153  1.00 27.03 ? 3171 HOH A O   1 
HETATM 776 O  O   . HOH E 3 .  ? 1.062   -8.325  -16.765 1.00 6.73  ? 3172 HOH A O   1 
HETATM 777 O  O   . HOH E 3 .  ? 1.446   3.105   -13.694 1.00 20.82 ? 3173 HOH A O   1 
HETATM 778 O  O   . HOH E 3 .  ? -8.635  4.756   -14.724 1.00 24.98 ? 3174 HOH A O   1 
HETATM 779 O  O   . HOH E 3 .  ? -5.480  -7.050  -21.030 1.00 25.86 ? 3175 HOH A O   1 
HETATM 780 O  O   . HOH E 3 .  ? 8.542   -1.674  -7.982  1.00 29.21 ? 3176 HOH A O   1 
HETATM 781 O  O   . HOH E 3 .  ? 7.424   2.845   16.744  1.00 24.12 ? 3177 HOH A O   1 
HETATM 782 O  O   . HOH E 3 .  ? -7.847  -8.842  -9.652  1.00 24.29 ? 3178 HOH A O   1 
HETATM 783 O  O   . HOH E 3 .  ? -8.259  -4.345  -0.607  1.00 31.76 ? 3179 HOH A O   1 
HETATM 784 O  O   . HOH E 3 .  ? 7.946   0.368   -8.808  1.00 28.37 ? 3180 HOH A O   1 
HETATM 785 O  O   . HOH E 3 .  ? 10.154  3.152   12.525  1.00 38.70 ? 3181 HOH A O   1 
HETATM 786 O  O   . HOH E 3 .  ? 12.314  2.046   2.882   1.00 28.84 ? 3182 HOH A O   1 
HETATM 787 O  O   . HOH E 3 .  ? -6.648  6.125   9.240   1.00 26.76 ? 3183 HOH A O   1 
HETATM 788 O  O   . HOH E 3 .  ? -7.293  7.902   -5.939  1.00 37.14 ? 3184 HOH A O   1 
HETATM 789 O  O   . HOH E 3 .  ? -0.122  4.549   25.502  1.00 37.33 ? 3185 HOH A O   1 
HETATM 790 O  O   . HOH E 3 .  ? -8.921  -10.071 -11.274 1.00 20.82 ? 3186 HOH A O   1 
HETATM 791 O  O   . HOH E 3 .  ? -9.775  3.779   9.951   1.00 24.14 ? 3187 HOH A O   1 
HETATM 792 O  O   . HOH E 3 .  ? -5.585  2.291   16.310  1.00 25.92 ? 3188 HOH A O   1 
HETATM 793 O  O   . HOH E 3 .  ? -9.148  -7.927  -14.202 1.00 27.35 ? 3189 HOH A O   1 
HETATM 794 O  O   . HOH E 3 .  ? -11.516 4.558   10.013  1.00 34.61 ? 3190 HOH A O   1 
HETATM 795 O  O   . HOH E 3 .  ? 13.925  -5.993  1.167   1.00 38.80 ? 3191 HOH A O   1 
HETATM 796 O  O   . HOH E 3 .  ? -3.614  -7.206  11.222  1.00 44.80 ? 3192 HOH A O   1 
HETATM 797 O  O   . HOH E 3 .  ? -8.793  5.770   9.751   1.00 23.54 ? 3193 HOH A O   1 
HETATM 798 O  O   . HOH E 3 .  ? 12.719  1.720   -8.363  1.00 31.81 ? 3194 HOH A O   1 
HETATM 799 O  O   . HOH E 3 .  ? 10.883  -0.241  -7.335  1.00 31.73 ? 3195 HOH A O   1 
HETATM 800 O  O   . HOH E 3 .  ? 8.602   1.520   -6.528  1.00 21.20 ? 3196 HOH A O   1 
HETATM 801 O  O   . HOH E 3 .  ? -12.139 1.786   -0.013  1.00 59.21 ? 3197 HOH A O   1 
HETATM 802 O  O   . HOH E 3 .  ? -15.430 -5.263  -11.407 1.00 48.15 ? 3198 HOH A O   1 
HETATM 803 O  O   . HOH E 3 .  ? -5.917  1.158   18.744  1.00 33.30 ? 3199 HOH A O   1 
HETATM 804 O  O   . HOH E 3 .  ? -3.545  -13.929 -4.244  1.00 33.65 ? 3200 HOH A O   1 
HETATM 805 O  O   . HOH E 3 .  ? -16.357 -3.018  -11.417 1.00 26.03 ? 3201 HOH A O   1 
HETATM 806 O  O   . HOH E 3 .  ? -17.778 -2.913  -9.139  1.00 33.27 ? 3202 HOH A O   1 
HETATM 807 O  O   . HOH E 3 .  ? -5.686  8.535   -11.894 1.00 33.79 ? 3203 HOH A O   1 
HETATM 808 O  O   . HOH E 3 .  ? 7.795   -7.908  -3.369  1.00 40.08 ? 3204 HOH A O   1 
HETATM 809 O  O   . HOH E 3 .  ? 12.965  10.421  16.670  1.00 27.95 ? 3205 HOH A O   1 
HETATM 810 O  O   . HOH E 3 .  ? 14.276  9.238   14.191  1.00 45.98 ? 3206 HOH A O   1 
HETATM 811 O  O   . HOH E 3 .  ? 12.921  0.170   14.816  1.00 31.79 ? 3207 HOH A O   1 
HETATM 812 O  O   . HOH E 3 .  ? 6.936   -10.830 -2.997  1.00 18.64 ? 3208 HOH A O   1 
HETATM 813 O  O   . HOH E 3 .  ? 10.088  -8.587  9.621   1.00 24.25 ? 3209 HOH A O   1 
HETATM 814 O  O   . HOH E 3 .  ? -13.389 -1.545  -4.665  1.00 24.12 ? 3210 HOH A O   1 
HETATM 815 O  O   . HOH E 3 .  ? 5.763   7.050   21.433  1.00 35.61 ? 3211 HOH A O   1 
HETATM 816 O  O   . HOH E 3 .  ? -5.723  -7.398  -23.311 1.00 39.25 ? 3212 HOH A O   1 
HETATM 817 O  O   . HOH E 3 .  ? 11.442  -5.990  9.523   1.00 33.74 ? 3213 HOH A O   1 
HETATM 818 O  O   . HOH E 3 .  ? 3.898   4.651   25.254  1.00 33.30 ? 3214 HOH A O   1 
HETATM 819 O  O   . HOH E 3 .  ? 5.921   13.485  6.547   1.00 46.06 ? 3215 HOH A O   1 
HETATM 820 O  O   . HOH E 3 .  ? 4.432   7.123   23.436  1.00 33.69 ? 3216 HOH A O   1 
HETATM 821 O  O   . HOH E 3 .  ? 11.463  3.994   -9.149  1.00 19.61 ? 3217 HOH A O   1 
HETATM 822 O  O   . HOH E 3 .  ? 4.095   3.537   -12.035 1.00 18.07 ? 3218 HOH A O   1 
HETATM 823 O  O   . HOH E 3 .  ? 14.610  3.682   -7.544  1.00 37.16 ? 3219 HOH A O   1 
HETATM 824 O  O   . HOH E 3 .  ? -16.785 -1.130  -9.756  1.00 42.86 ? 3220 HOH A O   1 
HETATM 825 O  O   . HOH E 3 .  ? -15.670 0.357   -5.013  1.00 48.62 ? 3221 HOH A O   1 
# 
loop_
_atom_site_anisotrop.id 
_atom_site_anisotrop.type_symbol 
_atom_site_anisotrop.pdbx_label_atom_id 
_atom_site_anisotrop.pdbx_label_alt_id 
_atom_site_anisotrop.pdbx_label_comp_id 
_atom_site_anisotrop.pdbx_label_asym_id 
_atom_site_anisotrop.pdbx_label_seq_id 
_atom_site_anisotrop.pdbx_PDB_ins_code 
_atom_site_anisotrop.U[1][1] 
_atom_site_anisotrop.U[2][2] 
_atom_site_anisotrop.U[3][3] 
_atom_site_anisotrop.U[1][2] 
_atom_site_anisotrop.U[1][3] 
_atom_site_anisotrop.U[2][3] 
_atom_site_anisotrop.pdbx_auth_seq_id 
_atom_site_anisotrop.pdbx_auth_comp_id 
_atom_site_anisotrop.pdbx_auth_asym_id 
_atom_site_anisotrop.pdbx_auth_atom_id 
1   N N   . MET A 3  ? 0.4558 0.4749 0.2391 0.0080  -0.0737 0.0070  2833 MET A N   
2   C CA  . MET A 3  ? 0.4230 0.4609 0.2247 -0.0119 -0.0668 0.0021  2833 MET A CA  
3   C C   . MET A 3  ? 0.3522 0.4143 0.1841 -0.0106 -0.0640 0.0011  2833 MET A C   
4   O O   . MET A 3  ? 0.3741 0.4780 0.2256 -0.0100 -0.0729 -0.0086 2833 MET A O   
5   C CB  . MET A 3  ? 0.4556 0.4564 0.2408 -0.0223 -0.0528 0.0086  2833 MET A CB  
6   N N   . GLU A 4  ? 0.3019 0.3412 0.1378 -0.0098 -0.0517 0.0098  2834 GLU A N   
7   C CA  . GLU A 4  ? 0.2702 0.3273 0.1318 -0.0082 -0.0487 0.0097  2834 GLU A CA  
8   C C   . GLU A 4  ? 0.3438 0.3761 0.2033 0.0040  -0.0423 0.0194  2834 GLU A C   
9   O O   . GLU A 4  ? 0.3218 0.3253 0.1679 0.0019  -0.0325 0.0262  2834 GLU A O   
10  C CB  . GLU A 4  ? 0.3467 0.4056 0.2166 -0.0265 -0.0397 0.0077  2834 GLU A CB  
11  C CG  . GLU A 4  ? 0.2342 0.3134 0.1294 -0.0275 -0.0369 0.0064  2834 GLU A CG  
12  C CD  . GLU A 4  ? 0.2459 0.3715 0.1586 -0.0344 -0.0447 -0.0056 2834 GLU A CD  
13  O OE1 . GLU A 4  ? 0.2399 0.3855 0.1474 -0.0361 -0.0538 -0.0131 2834 GLU A OE1 
14  O OE2 . GLU A 4  ? 0.2339 0.3792 0.1657 -0.0384 -0.0417 -0.0085 2834 GLU A OE2 
15  N N   . THR A 5  ? 0.3185 0.3633 0.1896 0.0161  -0.0479 0.0188  2835 THR A N   
16  C CA  . THR A 5  ? 0.2621 0.2823 0.1294 0.0230  -0.0413 0.0273  2835 THR A CA  
17  C C   . THR A 5  ? 0.2719 0.2962 0.1598 0.0127  -0.0296 0.0292  2835 THR A C   
18  O O   . THR A 5  ? 0.2192 0.2673 0.1252 0.0046  -0.0299 0.0236  2835 THR A O   
19  C CB  . THR A 5  ? 0.2840 0.3081 0.1503 0.0408  -0.0519 0.0259  2835 THR A CB  
20  O OG1 . THR A 5  ? 0.2455 0.3069 0.1414 0.0405  -0.0546 0.0187  2835 THR A OG1 
21  C CG2 . THR A 5  ? 0.3002 0.3227 0.1445 0.0562  -0.0673 0.0217  2835 THR A CG2 
22  N N   . LEU A 6  ? 0.2378 0.2397 0.1208 0.0119  -0.0195 0.0361  2836 LEU A N   
23  C CA  . LEU A 6  ? 0.2158 0.2236 0.1185 0.0066  -0.0112 0.0372  2836 LEU A CA  
24  C C   . LEU A 6  ? 0.3174 0.3366 0.2332 0.0138  -0.0166 0.0363  2836 LEU A C   
25  O O   . LEU A 6  ? 0.2223 0.2240 0.1254 0.0216  -0.0183 0.0402  2836 LEU A O   
26  C CB  . LEU A 6  ? 0.2207 0.2101 0.1165 0.0034  0.0008  0.0422  2836 LEU A CB  
27  C CG  . LEU A 6  ? 0.2884 0.2854 0.2040 0.0006  0.0075  0.0425  2836 LEU A CG  
28  C CD1 . LEU A 6  ? 0.1843 0.1940 0.1138 -0.0029 0.0079  0.0381  2836 LEU A CD1 
29  C CD2 . LEU A 6  ? 0.2823 0.2699 0.1920 -0.0037 0.0189  0.0449  2836 LEU A CD2 
30  N N   . HIS A 7  ? 0.1873 0.2317 0.1235 0.0105  -0.0189 0.0308  2837 HIS A N   
31  C CA  . HIS A 7  ? 0.1955 0.2549 0.1446 0.0185  -0.0241 0.0282  2837 HIS A CA  
32  C C   . HIS A 7  ? 0.2172 0.2964 0.1878 0.0097  -0.0202 0.0244  2837 HIS A C   
33  O O   . HIS A 7  ? 0.2259 0.3059 0.1979 -0.0027 -0.0151 0.0230  2837 HIS A O   
34  C CB  . HIS A 7  ? 0.1906 0.2699 0.1367 0.0304  -0.0374 0.0212  2837 HIS A CB  
35  C CG  . HIS A 7  ? 0.1822 0.2952 0.1398 0.0203  -0.0405 0.0119  2837 HIS A CG  
36  N ND1 . HIS A 7  ? 0.2258 0.3327 0.1712 0.0104  -0.0395 0.0115  2837 HIS A ND1 
37  C CD2 . HIS A 7  ? 0.1936 0.3464 0.1709 0.0156  -0.0434 0.0017  2837 HIS A CD2 
38  C CE1 . HIS A 7  ? 0.2528 0.3918 0.2082 -0.0015 -0.0422 0.0018  2837 HIS A CE1 
39  N NE2 . HIS A 7  ? 0.1724 0.3419 0.1480 0.0003  -0.0439 -0.0046 2837 HIS A NE2 
40  N N   . ILE A 8  ? 0.1496 0.2395 0.1314 0.0171  -0.0229 0.0226  2838 ILE A N   
41  C CA  . ILE A 8  ? 0.1689 0.2757 0.1685 0.0094  -0.0191 0.0190  2838 ILE A CA  
42  C C   . ILE A 8  ? 0.1456 0.2894 0.1547 0.0045  -0.0241 0.0083  2838 ILE A C   
43  O O   . ILE A 8  ? 0.1353 0.3007 0.1462 0.0169  -0.0334 0.0021  2838 ILE A O   
44  C CB  . ILE A 8  ? 0.1868 0.2888 0.1924 0.0190  -0.0194 0.0211  2838 ILE A CB  
45  C CG1 . ILE A 8  ? 0.1962 0.2670 0.1938 0.0171  -0.0126 0.0299  2838 ILE A CG1 
46  C CG2 . ILE A 8  ? 0.1798 0.3034 0.2026 0.0125  -0.0169 0.0156  2838 ILE A CG2 
47  C CD1 . ILE A 8  ? 0.1382 0.1949 0.1320 0.0254  -0.0138 0.0327  2838 ILE A CD1 
48  N N   . THR A 9  ? 0.1237 0.2745 0.1352 -0.0137 -0.0184 0.0049  2839 THR A N   
49  C CA  . THR A 9  ? 0.1255 0.3124 0.1427 -0.0261 -0.0207 -0.0065 2839 THR A CA  
50  C C   . THR A 9  ? 0.1153 0.3299 0.1480 -0.0326 -0.0176 -0.0138 2839 THR A C   
51  O O   . THR A 9  ? 0.1154 0.3728 0.1583 -0.0403 -0.0197 -0.0261 2839 THR A O   
52  C CB  . THR A 9  ? 0.2097 0.3806 0.2091 -0.0472 -0.0160 -0.0067 2839 THR A CB  
53  O OG1 . THR A 9  ? 0.1700 0.3085 0.1597 -0.0548 -0.0081 -0.0007 2839 THR A OG1 
54  C CG2 . THR A 9  ? 0.2379 0.3872 0.2219 -0.0406 -0.0192 -0.0016 2839 THR A CG2 
55  N N   . LYS A 10 ? 0.1194 0.3122 0.1532 -0.0309 -0.0122 -0.0075 2840 LYS A N   
56  C CA  . LYS A 10 ? 0.1449 0.3590 0.1906 -0.0363 -0.0087 -0.0136 2840 LYS A CA  
57  C C   . LYS A 10 ? 0.1456 0.3391 0.1961 -0.0214 -0.0082 -0.0062 2840 LYS A C   
58  O O   . LYS A 10 ? 0.1139 0.2718 0.1555 -0.0212 -0.0048 0.0032  2840 LYS A O   
59  C CB  . LYS A 10 ? 0.2372 0.4413 0.2694 -0.0629 -0.0005 -0.0159 2840 LYS A CB  
60  C CG  . LYS A 10 ? 0.3032 0.5179 0.3414 -0.0701 0.0051  -0.0200 2840 LYS A CG  
61  C CD  . LYS A 10 ? 0.3873 0.5903 0.4016 -0.0958 0.0122  -0.0255 2840 LYS A CD  
62  C CE  . LYS A 10 ? 0.5149 0.7458 0.5255 -0.1052 0.0117  -0.0360 2840 LYS A CE  
63  N NZ  . LYS A 10 ? 0.5572 0.8326 0.5907 -0.0877 0.0076  -0.0452 2840 LYS A NZ  
64  N N   . THR A 11 ? 0.0867 0.3054 0.1504 -0.0088 -0.0118 -0.0121 2841 THR A N   
65  C CA  . THR A 11 ? 0.2465 0.4457 0.3115 0.0063  -0.0128 -0.0063 2841 THR A CA  
66  C C   . THR A 11 ? 0.2617 0.4529 0.3290 -0.0047 -0.0054 -0.0054 2841 THR A C   
67  O O   . THR A 11 ? 0.0790 0.2794 0.1442 -0.0235 0.0004  -0.0099 2841 THR A O   
68  C CB  . THR A 11 ? 0.2685 0.4917 0.3400 0.0284  -0.0215 -0.0139 2841 THR A CB  
69  O OG1 . THR A 11 ? 0.3274 0.5764 0.4052 0.0221  -0.0175 -0.0254 2841 THR A OG1 
70  C CG2 . THR A 11 ? 0.3544 0.5843 0.4189 0.0407  -0.0304 -0.0167 2841 THR A CG2 
71  N N   . MET A 12 ? 0.2427 0.4131 0.3095 0.0059  -0.0060 0.0003  2842 MET A N   
72  C CA  . MET A 12 ? 0.1426 0.3004 0.2093 -0.0017 -0.0006 0.0020  2842 MET A CA  
73  C C   . MET A 12 ? 0.1031 0.2864 0.1789 0.0031  -0.0006 -0.0064 2842 MET A C   
74  O O   . MET A 12 ? 0.0735 0.2801 0.1555 0.0183  -0.0063 -0.0129 2842 MET A O   
75  C CB  . MET A 12 ? 0.1552 0.2794 0.2168 0.0048  -0.0010 0.0115  2842 MET A CB  
76  C CG  . MET A 12 ? 0.2295 0.3364 0.2840 0.0040  -0.0011 0.0178  2842 MET A CG  
77  S SD  . MET A 12 ? 0.5135 0.5920 0.5640 0.0066  0.0004  0.0258  2842 MET A SD  
78  C CE  . MET A 12 ? 0.1291 0.2005 0.1750 0.0192  -0.0043 0.0260  2842 MET A CE  
79  N N   . LYS A 13 ? 0.0870 0.2646 0.1607 -0.0078 0.0052  -0.0071 2843 LYS A N   
80  C CA  . LYS A 13 ? 0.0703 0.2745 0.1515 -0.0066 0.0073  -0.0163 2843 LYS A CA  
81  C C   . LYS A 13 ? 0.1136 0.2928 0.1915 0.0027  0.0066  -0.0113 2843 LYS A C   
82  O O   . LYS A 13 ? 0.0715 0.2173 0.1413 -0.0014 0.0073  -0.0025 2843 LYS A O   
83  C CB  . LYS A 13 ? 0.2396 0.4489 0.3106 -0.0302 0.0152  -0.0223 2843 LYS A CB  
84  C CG  . LYS A 13 ? 0.3506 0.5769 0.4214 -0.0323 0.0187  -0.0314 2843 LYS A CG  
85  C CD  . LYS A 13 ? 0.4566 0.7187 0.5348 -0.0218 0.0149  -0.0433 2843 LYS A CD  
86  C CE  . LYS A 13 ? 0.4877 0.7687 0.5673 -0.0196 0.0177  -0.0526 2843 LYS A CE  
87  N NZ  . LYS A 13 ? 0.5261 0.8479 0.6094 -0.0153 0.0154  -0.0674 2843 LYS A NZ  
88  N N   . ASN A 14 ? 0.1077 0.3045 0.1913 0.0169  0.0042  -0.0181 2844 ASN A N   
89  C CA  . ASN A 14 ? 0.1086 0.2813 0.1864 0.0232  0.0038  -0.0145 2844 ASN A CA  
90  C C   . ASN A 14 ? 0.0781 0.2457 0.1511 0.0043  0.0116  -0.0151 2844 ASN A C   
91  O O   . ASN A 14 ? 0.0796 0.2711 0.1532 -0.0112 0.0179  -0.0222 2844 ASN A O   
92  C CB  . ASN A 14 ? 0.0869 0.2773 0.1668 0.0441  -0.0008 -0.0231 2844 ASN A CB  
93  C CG  . ASN A 14 ? 0.1533 0.3382 0.2277 0.0654  -0.0107 -0.0225 2844 ASN A CG  
94  O OD1 . ASN A 14 ? 0.1238 0.2778 0.1889 0.0645  -0.0134 -0.0125 2844 ASN A OD1 
95  N ND2 . ASN A 14 ? 0.1840 0.3832 0.2527 0.0798  -0.0152 -0.0325 2844 ASN A ND2 
96  N N   . ILE A 15 ? 0.1648 0.2998 0.2294 0.0040  0.0111  -0.0082 2845 ILE A N   
97  C CA  . ILE A 15 ? 0.1848 0.3062 0.2383 -0.0112 0.0165  -0.0081 2845 ILE A CA  
98  C C   . ILE A 15 ? 0.1659 0.2666 0.2141 -0.0044 0.0145  -0.0059 2845 ILE A C   
99  O O   . ILE A 15 ? 0.0915 0.1755 0.1413 0.0069  0.0087  -0.0008 2845 ILE A O   
100 C CB  . ILE A 15 ? 0.1426 0.2378 0.1845 -0.0223 0.0165  -0.0012 2845 ILE A CB  
101 C CG1 . ILE A 15 ? 0.1744 0.2475 0.1947 -0.0360 0.0203  -0.0017 2845 ILE A CG1 
102 C CG2 . ILE A 15 ? 0.1124 0.1864 0.1576 -0.0120 0.0103  0.0070  2845 ILE A CG2 
103 C CD1 . ILE A 15 ? 0.1539 0.1974 0.1552 -0.0430 0.0187  0.0031  2845 ILE A CD1 
104 N N   . GLU A 16 ? 0.1026 0.2040 0.1416 -0.0135 0.0198  -0.0107 2846 GLU A N   
105 C CA  . GLU A 16 ? 0.1107 0.1902 0.1409 -0.0097 0.0182  -0.0091 2846 GLU A CA  
106 C C   . GLU A 16 ? 0.1253 0.1776 0.1346 -0.0241 0.0203  -0.0064 2846 GLU A C   
107 O O   . GLU A 16 ? 0.2269 0.2825 0.2231 -0.0399 0.0270  -0.0101 2846 GLU A O   
108 C CB  . GLU A 16 ? 0.1161 0.2177 0.1487 -0.0037 0.0219  -0.0183 2846 GLU A CB  
109 C CG  . GLU A 16 ? 0.2464 0.3768 0.2934 0.0136  0.0188  -0.0241 2846 GLU A CG  
110 C CD  . GLU A 16 ? 0.3974 0.5421 0.4436 0.0274  0.0193  -0.0331 2846 GLU A CD  
111 O OE1 . GLU A 16 ? 0.4146 0.5487 0.4505 0.0206  0.0236  -0.0347 2846 GLU A OE1 
112 O OE2 . GLU A 16 ? 0.4623 0.6267 0.5152 0.0472  0.0146  -0.0393 2846 GLU A OE2 
113 N N   . VAL A 17 ? 0.1291 0.1531 0.1318 -0.0188 0.0139  -0.0009 2847 VAL A N   
114 C CA  . VAL A 17 ? 0.2130 0.2063 0.1916 -0.0263 0.0124  0.0009  2847 VAL A CA  
115 C C   . VAL A 17 ? 0.1706 0.1475 0.1443 -0.0191 0.0074  0.0014  2847 VAL A C   
116 O O   . VAL A 17 ? 0.1660 0.1498 0.1553 -0.0093 0.0036  0.0023  2847 VAL A O   
117 C CB  . VAL A 17 ? 0.1502 0.1264 0.1240 -0.0241 0.0063  0.0059  2847 VAL A CB  
118 C CG1 . VAL A 17 ? 0.1437 0.1342 0.1224 -0.0302 0.0103  0.0059  2847 VAL A CG1 
119 C CG2 . VAL A 17 ? 0.1857 0.1634 0.1770 -0.0115 -0.0017 0.0091  2847 VAL A CG2 
120 N N   . PRO A 18 ? 0.2440 0.1947 0.1914 -0.0250 0.0070  0.0005  2848 PRO A N   
121 C CA  . PRO A 18 ? 0.1868 0.1216 0.1290 -0.0178 0.0007  0.0006  2848 PRO A CA  
122 C C   . PRO A 18 ? 0.1796 0.1077 0.1309 -0.0079 -0.0105 0.0039  2848 PRO A C   
123 O O   . PRO A 18 ? 0.2062 0.1306 0.1557 -0.0065 -0.0140 0.0056  2848 PRO A O   
124 C CB  . PRO A 18 ? 0.2205 0.1253 0.1262 -0.0270 0.0025  -0.0013 2848 PRO A CB  
125 C CG  . PRO A 18 ? 0.2326 0.1395 0.1234 -0.0428 0.0126  -0.0032 2848 PRO A CG  
126 C CD  . PRO A 18 ? 0.2304 0.1597 0.1456 -0.0395 0.0119  -0.0009 2848 PRO A CD  
127 N N   . GLU A 19 ? 0.1979 0.1255 0.1571 -0.0020 -0.0161 0.0035  2849 GLU A N   
128 C CA  . GLU A 19 ? 0.1716 0.1007 0.1407 0.0040  -0.0258 0.0038  2849 GLU A CA  
129 C C   . GLU A 19 ? 0.3177 0.2293 0.2679 0.0088  -0.0339 0.0023  2849 GLU A C   
130 O O   . GLU A 19 ? 0.2156 0.1013 0.1373 0.0076  -0.0347 0.0013  2849 GLU A O   
131 C CB  . GLU A 19 ? 0.1745 0.1013 0.1471 0.0053  -0.0303 0.0021  2849 GLU A CB  
132 C CG  . GLU A 19 ? 0.2692 0.2096 0.2584 0.0064  -0.0378 0.0007  2849 GLU A CG  
133 C CD  . GLU A 19 ? 0.3445 0.2830 0.3367 0.0021  -0.0393 -0.0004 2849 GLU A CD  
134 O OE1 . GLU A 19 ? 0.3290 0.2511 0.3073 0.0025  -0.0375 -0.0008 2849 GLU A OE1 
135 O OE2 . GLU A 19 ? 0.4177 0.3700 0.4233 -0.0029 -0.0418 -0.0017 2849 GLU A OE2 
136 N N   . THR A 20 ? 0.1812 0.1061 0.1445 0.0151  -0.0396 0.0015  2850 THR A N   
137 C CA  . THR A 20 ? 0.2165 0.1310 0.1654 0.0264  -0.0501 -0.0020 2850 THR A CA  
138 C C   . THR A 20 ? 0.2386 0.1351 0.1670 0.0263  -0.0470 0.0002  2850 THR A C   
139 O O   . THR A 20 ? 0.2498 0.1367 0.1649 0.0383  -0.0555 -0.0027 2850 THR A O   
140 C CB  . THR A 20 ? 0.2864 0.1748 0.2081 0.0335  -0.0604 -0.0059 2850 THR A CB  
141 O OG1 . THR A 20 ? 0.2547 0.1080 0.1420 0.0260  -0.0546 -0.0031 2850 THR A OG1 
142 C CG2 . THR A 20 ? 0.2189 0.1234 0.1584 0.0321  -0.0642 -0.0088 2850 THR A CG2 
143 N N   . LYS A 21 ? 0.2652 0.1590 0.1900 0.0134  -0.0353 0.0040  2851 LYS A N   
144 C CA  . LYS A 21 ? 0.2813 0.1587 0.1853 0.0086  -0.0312 0.0056  2851 LYS A CA  
145 C C   . LYS A 21 ? 0.2202 0.1248 0.1511 0.0099  -0.0283 0.0072  2851 LYS A C   
146 O O   . LYS A 21 ? 0.1809 0.1156 0.1445 0.0113  -0.0272 0.0077  2851 LYS A O   
147 C CB  . LYS A 21 ? 0.2604 0.1279 0.1473 -0.0091 -0.0194 0.0066  2851 LYS A CB  
148 C CG  . LYS A 21 ? 0.2591 0.1039 0.1216 -0.0135 -0.0191 0.0049  2851 LYS A CG  
149 C CD  . LYS A 21 ? 0.3601 0.1541 0.1685 -0.0172 -0.0223 0.0045  2851 LYS A CD  
150 C CE  . LYS A 21 ? 0.4699 0.2390 0.2609 0.0034  -0.0389 0.0030  2851 LYS A CE  
151 N NZ  . LYS A 21 ? 0.6327 0.3402 0.3594 0.0020  -0.0436 0.0025  2851 LYS A NZ  
152 N N   . THR A 22 ? 0.2245 0.1132 0.1359 0.0075  -0.0268 0.0080  2852 THR A N   
153 C CA  . THR A 22 ? 0.1946 0.1043 0.1256 0.0089  -0.0243 0.0093  2852 THR A CA  
154 C C   . THR A 22 ? 0.2623 0.1910 0.2072 -0.0056 -0.0130 0.0117  2852 THR A C   
155 O O   . THR A 22 ? 0.2772 0.1945 0.2030 -0.0192 -0.0065 0.0112  2852 THR A O   
156 C CB  . THR A 22 ? 0.2585 0.1385 0.1578 0.0164  -0.0300 0.0080  2852 THR A CB  
157 O OG1 . THR A 22 ? 0.2415 0.1111 0.1310 0.0356  -0.0427 0.0035  2852 THR A OG1 
158 C CG2 . THR A 22 ? 0.3028 0.2026 0.2196 0.0181  -0.0271 0.0089  2852 THR A CG2 
159 N N   . ALA A 23 ? 0.1462 0.1050 0.1225 -0.0032 -0.0109 0.0132  2853 ALA A N   
160 C CA  . ALA A 23 ? 0.1317 0.1098 0.1203 -0.0119 -0.0031 0.0144  2853 ALA A CA  
161 C C   . ALA A 23 ? 0.1273 0.1103 0.1194 -0.0101 -0.0031 0.0158  2853 ALA A C   
162 O O   . ALA A 23 ? 0.1297 0.1081 0.1217 -0.0006 -0.0084 0.0156  2853 ALA A O   
163 C CB  . ALA A 23 ? 0.1099 0.1111 0.1240 -0.0090 -0.0016 0.0150  2853 ALA A CB  
164 N N   . SER A 24 ? 0.1217 0.1176 0.1174 -0.0185 0.0023  0.0158  2854 SER A N   
165 C CA  . SER A 24 ? 0.1157 0.1181 0.1168 -0.0163 0.0024  0.0175  2854 SER A CA  
166 C C   . SER A 24 ? 0.1729 0.2010 0.1904 -0.0201 0.0063  0.0174  2854 SER A C   
167 O O   . SER A 24 ? 0.0971 0.1403 0.1193 -0.0251 0.0093  0.0143  2854 SER A O   
168 C CB  . SER A 24 ? 0.1428 0.1184 0.1135 -0.0213 0.0017  0.0166  2854 SER A CB  
169 O OG  . SER A 24 ? 0.1577 0.1293 0.1116 -0.0384 0.0074  0.0142  2854 SER A OG  
170 N N   . PHE A 25 ? 0.1809 0.2153 0.2063 -0.0156 0.0055  0.0196  2855 PHE A N   
171 C CA  . PHE A 25 ? 0.1728 0.2267 0.2080 -0.0168 0.0071  0.0194  2855 PHE A CA  
172 C C   . PHE A 25 ? 0.0921 0.1394 0.1163 -0.0211 0.0076  0.0198  2855 PHE A C   
173 O O   . PHE A 25 ? 0.0987 0.1305 0.1149 -0.0166 0.0060  0.0215  2855 PHE A O   
174 C CB  . PHE A 25 ? 0.0729 0.1341 0.1224 -0.0073 0.0052  0.0224  2855 PHE A CB  
175 C CG  . PHE A 25 ? 0.0806 0.1437 0.1359 -0.0029 0.0041  0.0217  2855 PHE A CG  
176 C CD1 . PHE A 25 ? 0.0704 0.1484 0.1292 0.0008  0.0037  0.0181  2855 PHE A CD1 
177 C CD2 . PHE A 25 ? 0.0709 0.1229 0.1275 -0.0010 0.0028  0.0235  2855 PHE A CD2 
178 C CE1 . PHE A 25 ? 0.0731 0.1489 0.1330 0.0074  0.0021  0.0169  2855 PHE A CE1 
179 C CE2 . PHE A 25 ? 0.1631 0.2123 0.2211 0.0023  0.0015  0.0228  2855 PHE A CE2 
180 C CZ  . PHE A 25 ? 0.0751 0.1334 0.1333 0.0072  0.0011  0.0200  2855 PHE A CZ  
181 N N   . GLU A 26 ? 0.1476 0.2091 0.1704 -0.0288 0.0093  0.0168  2856 GLU A N   
182 C CA  . GLU A 26 ? 0.1550 0.2087 0.1661 -0.0329 0.0094  0.0173  2856 GLU A CA  
183 C C   . GLU A 26 ? 0.1320 0.2089 0.1555 -0.0300 0.0080  0.0166  2856 GLU A C   
184 O O   . GLU A 26 ? 0.0865 0.1888 0.1222 -0.0289 0.0072  0.0125  2856 GLU A O   
185 C CB  . GLU A 26 ? 0.2185 0.2569 0.2035 -0.0497 0.0120  0.0134  2856 GLU A CB  
186 C CG  . GLU A 26 ? 0.1494 0.1524 0.1100 -0.0504 0.0113  0.0144  2856 GLU A CG  
187 C CD  . GLU A 26 ? 0.1759 0.1838 0.1409 -0.0533 0.0130  0.0126  2856 GLU A CD  
188 O OE1 . GLU A 26 ? 0.1770 0.2128 0.1539 -0.0624 0.0169  0.0082  2856 GLU A OE1 
189 O OE2 . GLU A 26 ? 0.1632 0.1495 0.1193 -0.0456 0.0101  0.0144  2856 GLU A OE2 
190 N N   . CYS A 27 ? 0.0973 0.1649 0.1154 -0.0266 0.0071  0.0196  2857 CYS A N   
191 C CA  . CYS A 27 ? 0.1590 0.2414 0.1824 -0.0234 0.0050  0.0194  2857 CYS A CA  
192 C C   . CYS A 27 ? 0.1764 0.2474 0.1827 -0.0311 0.0056  0.0188  2857 CYS A C   
193 O O   . CYS A 27 ? 0.2012 0.2481 0.1938 -0.0302 0.0069  0.0210  2857 CYS A O   
194 C CB  . CYS A 27 ? 0.0884 0.1663 0.1188 -0.0110 0.0037  0.0246  2857 CYS A CB  
195 S SG  . CYS A 27 ? 0.2516 0.3376 0.2794 -0.0044 -0.0005 0.0250  2857 CYS A SG  
196 N N   . GLU A 28 ? 0.1917 0.2804 0.1974 -0.0371 0.0037  0.0145  2858 GLU A N   
197 C CA  . GLU A 28 ? 0.2010 0.2769 0.1885 -0.0443 0.0036  0.0141  2858 GLU A CA  
198 C C   . GLU A 28 ? 0.2133 0.2971 0.2054 -0.0345 0.0000  0.0161  2858 GLU A C   
199 O O   . GLU A 28 ? 0.1883 0.2944 0.1939 -0.0262 -0.0042 0.0144  2858 GLU A O   
200 C CB  . GLU A 28 ? 0.2011 0.2871 0.1771 -0.0647 0.0047  0.0064  2858 GLU A CB  
201 C CG  . GLU A 28 ? 0.2399 0.3023 0.1968 -0.0776 0.0091  0.0054  2858 GLU A CG  
202 C CD  . GLU A 28 ? 0.2581 0.3361 0.2045 -0.1028 0.0126  -0.0035 2858 GLU A CD  
203 O OE1 . GLU A 28 ? 0.2333 0.3353 0.1815 -0.1130 0.0113  -0.0096 2858 GLU A OE1 
204 O OE2 . GLU A 28 ? 0.3250 0.3918 0.2598 -0.1141 0.0169  -0.0053 2858 GLU A OE2 
205 N N   . VAL A 29 ? 0.1368 0.1995 0.1136 -0.0335 0.0011  0.0192  2859 VAL A N   
206 C CA  . VAL A 29 ? 0.1395 0.2028 0.1145 -0.0256 -0.0014 0.0217  2859 VAL A CA  
207 C C   . VAL A 29 ? 0.1588 0.2144 0.1147 -0.0341 -0.0027 0.0190  2859 VAL A C   
208 O O   . VAL A 29 ? 0.1723 0.2144 0.1119 -0.0463 -0.0009 0.0161  2859 VAL A O   
209 C CB  . VAL A 29 ? 0.1378 0.1844 0.1125 -0.0155 0.0027  0.0278  2859 VAL A CB  
210 C CG1 . VAL A 29 ? 0.1243 0.1770 0.1147 -0.0093 0.0036  0.0302  2859 VAL A CG1 
211 C CG2 . VAL A 29 ? 0.1613 0.1882 0.1237 -0.0165 0.0068  0.0276  2859 VAL A CG2 
212 N N   . SER A 30 ? 0.1624 0.2209 0.1149 -0.0279 -0.0061 0.0202  2860 SER A N   
213 C CA  . SER A 30 ? 0.2199 0.2742 0.1552 -0.0349 -0.0089 0.0173  2860 SER A CA  
214 C C   . SER A 30 ? 0.2593 0.2813 0.1716 -0.0366 -0.0042 0.0197  2860 SER A C   
215 O O   . SER A 30 ? 0.2181 0.2286 0.1099 -0.0472 -0.0054 0.0162  2860 SER A O   
216 C CB  . SER A 30 ? 0.2523 0.3153 0.1876 -0.0241 -0.0149 0.0182  2860 SER A CB  
217 O OG  . SER A 30 ? 0.1835 0.2279 0.1162 -0.0129 -0.0110 0.0256  2860 SER A OG  
218 N N   . HIS A 31 ? 0.2326 0.2413 0.1471 -0.0259 0.0011  0.0244  2861 HIS A N   
219 C CA  . HIS A 31 ? 0.2368 0.2218 0.1324 -0.0214 0.0052  0.0251  2861 HIS A CA  
220 C C   . HIS A 31 ? 0.2273 0.2000 0.1213 -0.0156 0.0089  0.0242  2861 HIS A C   
221 O O   . HIS A 31 ? 0.1945 0.1780 0.1063 -0.0139 0.0096  0.0249  2861 HIS A O   
222 C CB  . HIS A 31 ? 0.2098 0.1964 0.1069 -0.0126 0.0086  0.0286  2861 HIS A CB  
223 C CG  . HIS A 31 ? 0.2573 0.2445 0.1437 -0.0149 0.0039  0.0290  2861 HIS A CG  
224 N ND1 . HIS A 31 ? 0.2428 0.2474 0.1385 -0.0155 -0.0034 0.0287  2861 HIS A ND1 
225 C CD2 . HIS A 31 ? 0.2410 0.2141 0.1066 -0.0143 0.0043  0.0289  2861 HIS A CD2 
226 C CE1 . HIS A 31 ? 0.3088 0.3102 0.1898 -0.0148 -0.0082 0.0281  2861 HIS A CE1 
227 N NE2 . HIS A 31 ? 0.3252 0.3061 0.1874 -0.0155 -0.0031 0.0288  2861 HIS A NE2 
228 N N   . PHE A 32 ? 0.2563 0.2056 0.1269 -0.0102 0.0103  0.0217  2862 PHE A N   
229 C CA  . PHE A 32 ? 0.2414 0.1794 0.1072 0.0017  0.0117  0.0190  2862 PHE A CA  
230 C C   . PHE A 32 ? 0.2264 0.1858 0.1121 0.0139  0.0176  0.0187  2862 PHE A C   
231 O O   . PHE A 32 ? 0.2200 0.1917 0.1127 0.0116  0.0213  0.0212  2862 PHE A O   
232 C CB  . PHE A 32 ? 0.2811 0.1810 0.1068 0.0056  0.0089  0.0147  2862 PHE A CB  
233 C CG  . PHE A 32 ? 0.3049 0.1780 0.1035 -0.0116 0.0045  0.0140  2862 PHE A CG  
234 C CD1 . PHE A 32 ? 0.3180 0.1888 0.1050 -0.0286 0.0030  0.0139  2862 PHE A CD1 
235 C CD2 . PHE A 32 ? 0.3213 0.1716 0.1036 -0.0127 0.0020  0.0123  2862 PHE A CD2 
236 C CE1 . PHE A 32 ? 0.3398 0.1907 0.1013 -0.0494 0.0005  0.0114  2862 PHE A CE1 
237 C CE2 . PHE A 32 ? 0.3499 0.1731 0.1018 -0.0335 -0.0003 0.0111  2862 PHE A CE2 
238 C CZ  . PHE A 32 ? 0.4169 0.2427 0.1595 -0.0536 -0.0002 0.0102  2862 PHE A CZ  
239 N N   . ASN A 33 ? 0.2729 0.2374 0.1655 0.0256  0.0184  0.0147  2863 ASN A N   
240 C CA  . ASN A 33 ? 0.2606 0.2518 0.1719 0.0354  0.0247  0.0110  2863 ASN A CA  
241 C C   . ASN A 33 ? 0.2361 0.2525 0.1737 0.0251  0.0300  0.0158  2863 ASN A C   
242 O O   . ASN A 33 ? 0.2334 0.2678 0.1787 0.0246  0.0376  0.0141  2863 ASN A O   
243 C CB  . ASN A 33 ? 0.3060 0.2942 0.2013 0.0436  0.0288  0.0066  2863 ASN A CB  
244 C CG  . ASN A 33 ? 0.3712 0.3727 0.2670 0.0634  0.0302  -0.0040 2863 ASN A CG  
245 O OD1 . ASN A 33 ? 0.3783 0.3800 0.2770 0.0735  0.0248  -0.0080 2863 ASN A OD1 
246 N ND2 . ASN A 33 ? 0.4710 0.4857 0.3629 0.0705  0.0368  -0.0098 2863 ASN A ND2 
247 N N   . VAL A 34 ? 0.1748 0.1900 0.1215 0.0162  0.0262  0.0211  2864 VAL A N   
248 C CA  . VAL A 34 ? 0.2091 0.2391 0.1735 0.0088  0.0291  0.0254  2864 VAL A CA  
249 C C   . VAL A 34 ? 0.2304 0.2783 0.2137 0.0116  0.0315  0.0221  2864 VAL A C   
250 O O   . VAL A 34 ? 0.2292 0.2750 0.2143 0.0183  0.0270  0.0187  2864 VAL A O   
251 C CB  . VAL A 34 ? 0.3043 0.3285 0.2699 0.0020  0.0228  0.0302  2864 VAL A CB  
252 C CG1 . VAL A 34 ? 0.3015 0.3338 0.2798 -0.0014 0.0238  0.0339  2864 VAL A CG1 
253 C CG2 . VAL A 34 ? 0.3405 0.3549 0.2901 -0.0012 0.0198  0.0319  2864 VAL A CG2 
254 N N   . PRO A 35 ? 0.1429 0.2063 0.1363 0.0054  0.0385  0.0222  2865 PRO A N   
255 C CA  . PRO A 35 ? 0.1321 0.2156 0.1440 0.0052  0.0403  0.0180  2865 PRO A CA  
256 C C   . PRO A 35 ? 0.1983 0.2738 0.2172 0.0021  0.0345  0.0227  2865 PRO A C   
257 O O   . PRO A 35 ? 0.1956 0.2570 0.2080 -0.0032 0.0321  0.0291  2865 PRO A O   
258 C CB  . PRO A 35 ? 0.1383 0.2365 0.1528 -0.0069 0.0506  0.0170  2865 PRO A CB  
259 C CG  . PRO A 35 ? 0.1534 0.2314 0.1476 -0.0126 0.0529  0.0230  2865 PRO A CG  
260 C CD  . PRO A 35 ? 0.1930 0.2549 0.1763 -0.0027 0.0457  0.0246  2865 PRO A CD  
261 N N   . SER A 36 ? 0.1832 0.2682 0.2135 0.0075  0.0313  0.0184  2866 SER A N   
262 C CA  . SER A 36 ? 0.1952 0.2737 0.2317 0.0048  0.0265  0.0218  2866 SER A CA  
263 C C   . SER A 36 ? 0.1975 0.2845 0.2429 -0.0054 0.0307  0.0233  2866 SER A C   
264 O O   . SER A 36 ? 0.2120 0.3171 0.2700 -0.0065 0.0323  0.0179  2866 SER A O   
265 C CB  . SER A 36 ? 0.2025 0.2813 0.2413 0.0143  0.0208  0.0169  2866 SER A CB  
266 O OG  . SER A 36 ? 0.2732 0.3387 0.2954 0.0238  0.0177  0.0141  2866 SER A OG  
267 N N   . MET A 37 ? 0.2052 0.2770 0.2403 -0.0125 0.0316  0.0296  2867 MET A N   
268 C CA  . MET A 37 ? 0.2250 0.2917 0.2570 -0.0232 0.0350  0.0318  2867 MET A CA  
269 C C   . MET A 37 ? 0.1113 0.1675 0.1454 -0.0209 0.0287  0.0346  2867 MET A C   
270 O O   . MET A 37 ? 0.1187 0.1571 0.1412 -0.0176 0.0242  0.0390  2867 MET A O   
271 C CB  . MET A 37 ? 0.2315 0.2779 0.2409 -0.0299 0.0384  0.0370  2867 MET A CB  
272 C CG  . MET A 37 ? 0.2722 0.3037 0.2667 -0.0444 0.0433  0.0389  2867 MET A CG  
273 S SD  . MET A 37 ? 0.3722 0.4362 0.3804 -0.0607 0.0551  0.0301  2867 MET A SD  
274 C CE  . MET A 37 ? 0.2957 0.3264 0.2718 -0.0833 0.0607  0.0342  2867 MET A CE  
275 N N   . TRP A 38 ? 0.1006 0.1699 0.1492 -0.0208 0.0277  0.0304  2868 TRP A N   
276 C CA  . TRP A 38 ? 0.0962 0.1573 0.1471 -0.0185 0.0223  0.0319  2868 TRP A CA  
277 C C   . TRP A 38 ? 0.1161 0.1693 0.1610 -0.0296 0.0251  0.0325  2868 TRP A C   
278 O O   . TRP A 38 ? 0.1373 0.2050 0.1868 -0.0404 0.0310  0.0282  2868 TRP A O   
279 C CB  . TRP A 38 ? 0.0820 0.1553 0.1462 -0.0114 0.0184  0.0272  2868 TRP A CB  
280 C CG  . TRP A 38 ? 0.1329 0.2020 0.1929 -0.0034 0.0150  0.0272  2868 TRP A CG  
281 C CD1 . TRP A 38 ? 0.1508 0.2242 0.2083 0.0022  0.0151  0.0238  2868 TRP A CD1 
282 C CD2 . TRP A 38 ? 0.0765 0.1358 0.1310 -0.0017 0.0114  0.0296  2868 TRP A CD2 
283 N NE1 . TRP A 38 ? 0.1643 0.2243 0.2105 0.0048  0.0118  0.0249  2868 TRP A NE1 
284 C CE2 . TRP A 38 ? 0.1550 0.2105 0.2015 0.0008  0.0103  0.0280  2868 TRP A CE2 
285 C CE3 . TRP A 38 ? 0.0758 0.1307 0.1297 -0.0021 0.0092  0.0315  2868 TRP A CE3 
286 C CZ2 . TRP A 38 ? 0.1532 0.2031 0.1921 -0.0018 0.0082  0.0280  2868 TRP A CZ2 
287 C CZ3 . TRP A 38 ? 0.1610 0.2174 0.2122 -0.0013 0.0070  0.0304  2868 TRP A CZ3 
288 C CH2 . TRP A 38 ? 0.1771 0.2322 0.2213 -0.0035 0.0072  0.0286  2868 TRP A CH2 
289 N N   . LEU A 39 ? 0.1380 0.1691 0.1709 -0.0274 0.0209  0.0365  2869 LEU A N   
290 C CA  . LEU A 39 ? 0.1865 0.1986 0.2043 -0.0378 0.0221  0.0376  2869 LEU A CA  
291 C C   . LEU A 39 ? 0.2582 0.2656 0.2805 -0.0317 0.0163  0.0368  2869 LEU A C   
292 O O   . LEU A 39 ? 0.1249 0.1335 0.1520 -0.0186 0.0110  0.0373  2869 LEU A O   
293 C CB  . LEU A 39 ? 0.2205 0.1970 0.2057 -0.0384 0.0214  0.0432  2869 LEU A CB  
294 C CG  . LEU A 39 ? 0.2605 0.2307 0.2313 -0.0429 0.0261  0.0454  2869 LEU A CG  
295 C CD1 . LEU A 39 ? 0.3097 0.2340 0.2393 -0.0401 0.0221  0.0509  2869 LEU A CD1 
296 C CD2 . LEU A 39 ? 0.2443 0.2316 0.2198 -0.0624 0.0370  0.0416  2869 LEU A CD2 
297 N N   . LYS A 40 ? 0.1463 0.1507 0.1665 -0.0432 0.0180  0.0345  2870 LYS A N   
298 C CA  . LYS A 40 ? 0.2452 0.2369 0.2619 -0.0394 0.0129  0.0342  2870 LYS A CA  
299 C C   . LYS A 40 ? 0.1903 0.1423 0.1729 -0.0482 0.0131  0.0374  2870 LYS A C   
300 O O   . LYS A 40 ? 0.2101 0.1567 0.1819 -0.0681 0.0189  0.0360  2870 LYS A O   
301 C CB  . LYS A 40 ? 0.1341 0.1503 0.1716 -0.0446 0.0127  0.0283  2870 LYS A CB  
302 C CG  . LYS A 40 ? 0.1982 0.1988 0.2290 -0.0438 0.0080  0.0277  2870 LYS A CG  
303 C CD  . LYS A 40 ? 0.2001 0.2268 0.2521 -0.0447 0.0057  0.0213  2870 LYS A CD  
304 C CE  . LYS A 40 ? 0.2871 0.2974 0.3318 -0.0419 0.0006  0.0209  2870 LYS A CE  
305 N NZ  . LYS A 40 ? 0.3254 0.3184 0.3533 -0.0585 0.0018  0.0198  2870 LYS A NZ  
306 N N   . ASN A 41 ? 0.2071 0.1312 0.1696 -0.0335 0.0067  0.0404  2871 ASN A N   
307 C CA  . ASN A 41 ? 0.2569 0.1311 0.1754 -0.0366 0.0046  0.0437  2871 ASN A CA  
308 C C   . ASN A 41 ? 0.3179 0.1699 0.2093 -0.0529 0.0108  0.0469  2871 ASN A C   
309 O O   . ASN A 41 ? 0.3881 0.2003 0.2417 -0.0697 0.0135  0.0484  2871 ASN A O   
310 C CB  . ASN A 41 ? 0.3321 0.1886 0.2389 -0.0479 0.0043  0.0417  2871 ASN A CB  
311 C CG  . ASN A 41 ? 0.2820 0.1468 0.2026 -0.0301 -0.0024 0.0392  2871 ASN A CG  
312 O OD1 . ASN A 41 ? 0.2854 0.1588 0.2131 -0.0090 -0.0072 0.0388  2871 ASN A OD1 
313 N ND2 . ASN A 41 ? 0.2586 0.1238 0.1827 -0.0401 -0.0023 0.0363  2871 ASN A ND2 
314 N N   . GLY A 42 ? 0.2687 0.1436 0.1754 -0.0498 0.0136  0.0476  2872 GLY A N   
315 C CA  . GLY A 42 ? 0.2975 0.1537 0.1790 -0.0640 0.0201  0.0504  2872 GLY A CA  
316 C C   . GLY A 42 ? 0.3216 0.2094 0.2211 -0.0892 0.0320  0.0460  2872 GLY A C   
317 O O   . GLY A 42 ? 0.3250 0.2062 0.2083 -0.1026 0.0394  0.0467  2872 GLY A O   
318 N N   . VAL A 43 ? 0.3297 0.2544 0.2624 -0.0941 0.0333  0.0401  2873 VAL A N   
319 C CA  . VAL A 43 ? 0.3011 0.2660 0.2550 -0.1147 0.0431  0.0325  2873 VAL A CA  
320 C C   . VAL A 43 ? 0.2446 0.2573 0.2380 -0.1000 0.0428  0.0284  2873 VAL A C   
321 O O   . VAL A 43 ? 0.1719 0.1969 0.1860 -0.0806 0.0351  0.0284  2873 VAL A O   
322 C CB  . VAL A 43 ? 0.2439 0.2241 0.2094 -0.1247 0.0420  0.0253  2873 VAL A CB  
323 C CG1 . VAL A 43 ? 0.2923 0.3212 0.2826 -0.1347 0.0478  0.0137  2873 VAL A CG1 
324 C CG2 . VAL A 43 ? 0.2923 0.2222 0.2158 -0.1347 0.0402  0.0277  2873 VAL A CG2 
325 N N   . GLU A 44 ? 0.2624 0.2985 0.2618 -0.1085 0.0510  0.0242  2874 GLU A N   
326 C CA  . GLU A 44 ? 0.2569 0.3318 0.2861 -0.0940 0.0507  0.0200  2874 GLU A CA  
327 C C   . GLU A 44 ? 0.1623 0.2737 0.2236 -0.0841 0.0453  0.0120  2874 GLU A C   
328 O O   . GLU A 44 ? 0.1659 0.2935 0.2342 -0.0929 0.0459  0.0044  2874 GLU A O   
329 C CB  . GLU A 44 ? 0.3026 0.3952 0.3309 -0.1015 0.0590  0.0142  2874 GLU A CB  
330 C CG  . GLU A 44 ? 0.3074 0.4302 0.3569 -0.0858 0.0589  0.0106  2874 GLU A CG  
331 C CD  . GLU A 44 ? 0.4222 0.5585 0.4671 -0.0923 0.0667  0.0050  2874 GLU A CD  
332 O OE1 . GLU A 44 ? 0.4482 0.5670 0.4707 -0.1105 0.0726  0.0052  2874 GLU A OE1 
333 O OE2 . GLU A 44 ? 0.4564 0.6188 0.5168 -0.0790 0.0668  -0.0003 2874 GLU A OE2 
334 N N   . ILE A 45 ? 0.2053 0.3197 0.2787 -0.0621 0.0375  0.0133  2875 ILE A N   
335 C CA  . ILE A 45 ? 0.0962 0.2359 0.1913 -0.0502 0.0309  0.0061  2875 ILE A CA  
336 C C   . ILE A 45 ? 0.1378 0.3171 0.2500 -0.0426 0.0327  -0.0043 2875 ILE A C   
337 O O   . ILE A 45 ? 0.0947 0.2731 0.2029 -0.0354 0.0350  -0.0031 2875 ILE A O   
338 C CB  . ILE A 45 ? 0.0850 0.2036 0.1774 -0.0325 0.0220  0.0116  2875 ILE A CB  
339 C CG1 . ILE A 45 ? 0.1833 0.2732 0.2634 -0.0364 0.0192  0.0179  2875 ILE A CG1 
340 C CG2 . ILE A 45 ? 0.2623 0.3988 0.3676 -0.0187 0.0149  0.0043  2875 ILE A CG2 
341 C CD1 . ILE A 45 ? 0.1777 0.2519 0.2547 -0.0227 0.0129  0.0220  2875 ILE A CD1 
342 N N   . GLU A 46 ? 0.0890 0.2928 0.2135 -0.0404 0.0294  -0.0146 2876 GLU A N   
343 C CA  . GLU A 46 ? 0.2322 0.4644 0.3662 -0.0261 0.0268  -0.0255 2876 GLU A CA  
344 C C   . GLU A 46 ? 0.1946 0.4258 0.3320 -0.0027 0.0149  -0.0285 2876 GLU A C   
345 O O   . GLU A 46 ? 0.1532 0.3734 0.2913 -0.0018 0.0090  -0.0258 2876 GLU A O   
346 C CB  . GLU A 46 ? 0.3121 0.5729 0.4526 -0.0376 0.0297  -0.0364 2876 GLU A CB  
347 C CG  . GLU A 46 ? 0.3666 0.6237 0.4962 -0.0619 0.0412  -0.0347 2876 GLU A CG  
348 C CD  . GLU A 46 ? 0.4347 0.6950 0.5595 -0.0592 0.0474  -0.0345 2876 GLU A CD  
349 O OE1 . GLU A 46 ? 0.4284 0.7132 0.5628 -0.0419 0.0442  -0.0431 2876 GLU A OE1 
350 O OE2 . GLU A 46 ? 0.4845 0.7200 0.5925 -0.0733 0.0549  -0.0261 2876 GLU A OE2 
351 N N   . MET A 47 ? 0.1795 0.4175 0.3140 0.0163  0.0111  -0.0342 2877 MET A N   
352 C CA  . MET A 47 ? 0.2337 0.4616 0.3608 0.0397  -0.0013 -0.0379 2877 MET A CA  
353 C C   . MET A 47 ? 0.2023 0.4487 0.3358 0.0428  -0.0078 -0.0476 2877 MET A C   
354 O O   . MET A 47 ? 0.1077 0.3860 0.2512 0.0369  -0.0045 -0.0573 2877 MET A O   
355 C CB  . MET A 47 ? 0.3351 0.5610 0.4499 0.0598  -0.0046 -0.0434 2877 MET A CB  
356 C CG  . MET A 47 ? 0.3794 0.5964 0.4895 0.0553  0.0035  -0.0365 2877 MET A CG  
357 S SD  . MET A 47 ? 0.8098 1.0242 0.9026 0.0788  -0.0002 -0.0444 2877 MET A SD  
358 C CE  . MET A 47 ? 0.1987 0.4165 0.2946 0.0630  0.0142  -0.0370 2877 MET A CE  
359 N N   . SER A 48 ? 0.2238 0.4512 0.3505 0.0515  -0.0170 -0.0456 2878 SER A N   
360 C CA  . SER A 48 ? 0.2102 0.4532 0.3393 0.0585  -0.0249 -0.0558 2878 SER A CA  
361 C C   . SER A 48 ? 0.2499 0.4605 0.3575 0.0788  -0.0377 -0.0550 2878 SER A C   
362 O O   . SER A 48 ? 0.2901 0.4663 0.3788 0.0870  -0.0399 -0.0477 2878 SER A O   
363 C CB  . SER A 48 ? 0.1971 0.4540 0.3412 0.0366  -0.0206 -0.0546 2878 SER A CB  
364 O OG  . SER A 48 ? 0.2026 0.4325 0.3439 0.0273  -0.0199 -0.0429 2878 SER A OG  
365 N N   . GLU A 49 ? 0.2861 0.5052 0.3926 0.0861  -0.0457 -0.0633 2879 GLU A N   
366 C CA  . GLU A 49 ? 0.3640 0.5476 0.4455 0.1022  -0.0575 -0.0627 2879 GLU A CA  
367 C C   . GLU A 49 ? 0.3978 0.5478 0.4731 0.0920  -0.0561 -0.0487 2879 GLU A C   
368 O O   . GLU A 49 ? 0.4510 0.5583 0.4968 0.1023  -0.0625 -0.0440 2879 GLU A O   
369 C CB  . GLU A 49 ? 0.4258 0.6292 0.5119 0.1074  -0.0652 -0.0737 2879 GLU A CB  
370 C CG  . GLU A 49 ? 0.4612 0.6888 0.5728 0.0845  -0.0597 -0.0716 2879 GLU A CG  
371 C CD  . GLU A 49 ? 0.4869 0.7546 0.6233 0.0645  -0.0475 -0.0746 2879 GLU A CD  
372 O OE1 . GLU A 49 ? 0.4803 0.7735 0.6201 0.0714  -0.0454 -0.0841 2879 GLU A OE1 
373 O OE2 . GLU A 49 ? 0.4956 0.7657 0.6438 0.0413  -0.0399 -0.0678 2879 GLU A OE2 
374 N N   . LYS A 50 ? 0.3145 0.4820 0.4133 0.0706  -0.0474 -0.0430 2880 LYS A N   
375 C CA  . LYS A 50 ? 0.2445 0.3850 0.3388 0.0593  -0.0449 -0.0316 2880 LYS A CA  
376 C C   . LYS A 50 ? 0.2450 0.3610 0.3287 0.0520  -0.0357 -0.0208 2880 LYS A C   
377 O O   . LYS A 50 ? 0.2309 0.3088 0.2912 0.0533  -0.0364 -0.0136 2880 LYS A O   
378 C CB  . LYS A 50 ? 0.2768 0.4357 0.3904 0.0379  -0.0387 -0.0304 2880 LYS A CB  
379 C CG  . LYS A 50 ? 0.2970 0.4200 0.3983 0.0253  -0.0342 -0.0185 2880 LYS A CG  
380 C CD  . LYS A 50 ? 0.2638 0.3974 0.3764 0.0059  -0.0290 -0.0179 2880 LYS A CD  
381 C CE  . LYS A 50 ? 0.2005 0.2991 0.2983 0.0001  -0.0277 -0.0091 2880 LYS A CE  
382 N NZ  . LYS A 50 ? 0.1624 0.2457 0.2485 0.0106  -0.0367 -0.0114 2880 LYS A NZ  
383 N N   . PHE A 51 ? 0.0902 0.2290 0.1898 0.0428  -0.0268 -0.0204 2881 PHE A N   
384 C CA  . PHE A 51 ? 0.0866 0.2055 0.1774 0.0361  -0.0191 -0.0110 2881 PHE A CA  
385 C C   . PHE A 51 ? 0.1450 0.2608 0.2245 0.0508  -0.0212 -0.0145 2881 PHE A C   
386 O O   . PHE A 51 ? 0.1704 0.3176 0.2622 0.0578  -0.0209 -0.0233 2881 PHE A O   
387 C CB  . PHE A 51 ? 0.1881 0.3227 0.2934 0.0181  -0.0088 -0.0074 2881 PHE A CB  
388 C CG  . PHE A 51 ? 0.0719 0.1959 0.1780 0.0041  -0.0066 -0.0023 2881 PHE A CG  
389 C CD1 . PHE A 51 ? 0.0720 0.1671 0.1657 0.0013  -0.0052 0.0067  2881 PHE A CD1 
390 C CD2 . PHE A 51 ? 0.1117 0.2564 0.2294 -0.0063 -0.0059 -0.0078 2881 PHE A CD2 
391 C CE1 . PHE A 51 ? 0.0744 0.1578 0.1654 -0.0075 -0.0041 0.0103  2881 PHE A CE1 
392 C CE2 . PHE A 51 ? 0.1520 0.2797 0.2641 -0.0186 -0.0045 -0.0031 2881 PHE A CE2 
393 C CZ  . PHE A 51 ? 0.1709 0.2659 0.2686 -0.0172 -0.0041 0.0061  2881 PHE A CZ  
394 N N   . LYS A 52 ? 0.1304 0.2089 0.1842 0.0544  -0.0230 -0.0087 2882 LYS A N   
395 C CA  . LYS A 52 ? 0.1527 0.2186 0.1880 0.0668  -0.0251 -0.0111 2882 LYS A CA  
396 C C   . LYS A 52 ? 0.1668 0.2267 0.2019 0.0539  -0.0161 -0.0034 2882 LYS A C   
397 O O   . LYS A 52 ? 0.2200 0.2634 0.2503 0.0407  -0.0123 0.0044  2882 LYS A O   
398 C CB  . LYS A 52 ? 0.2573 0.2790 0.2545 0.0784  -0.0341 -0.0115 2882 LYS A CB  
399 C CG  . LYS A 52 ? 0.3592 0.3822 0.3517 0.0936  -0.0453 -0.0192 2882 LYS A CG  
400 C CD  . LYS A 52 ? 0.3222 0.3852 0.3322 0.1117  -0.0504 -0.0322 2882 LYS A CD  
401 C CE  . LYS A 52 ? 0.3542 0.4185 0.3575 0.1206  -0.0594 -0.0405 2882 LYS A CE  
402 N NZ  . LYS A 52 ? 0.4121 0.5090 0.4225 0.1333  -0.0623 -0.0545 2882 LYS A NZ  
403 N N   . ILE A 53 ? 0.1191 0.1960 0.1599 0.0585  -0.0127 -0.0070 2883 ILE A N   
404 C CA  . ILE A 53 ? 0.1140 0.1851 0.1522 0.0480  -0.0052 -0.0005 2883 ILE A CA  
405 C C   . ILE A 53 ? 0.2001 0.2446 0.2098 0.0584  -0.0086 -0.0019 2883 ILE A C   
406 O O   . ILE A 53 ? 0.2058 0.2594 0.2114 0.0743  -0.0114 -0.0099 2883 ILE A O   
407 C CB  . ILE A 53 ? 0.1898 0.2949 0.2504 0.0413  0.0028  -0.0026 2883 ILE A CB  
408 C CG1 . ILE A 53 ? 0.2333 0.3613 0.3154 0.0309  0.0052  -0.0037 2883 ILE A CG1 
409 C CG2 . ILE A 53 ? 0.1736 0.2679 0.2289 0.0302  0.0092  0.0053  2883 ILE A CG2 
410 C CD1 . ILE A 53 ? 0.1949 0.3151 0.2799 0.0133  0.0115  0.0052  2883 ILE A CD1 
411 N N   . VAL A 54 ? 0.2230 0.2356 0.2114 0.0491  -0.0084 0.0046  2884 VAL A N   
412 C CA  . VAL A 54 ? 0.2719 0.2475 0.2228 0.0550  -0.0124 0.0035  2884 VAL A CA  
413 C C   . VAL A 54 ? 0.3085 0.2770 0.2528 0.0417  -0.0068 0.0085  2884 VAL A C   
414 O O   . VAL A 54 ? 0.1624 0.1421 0.1213 0.0260  -0.0019 0.0139  2884 VAL A O   
415 C CB  . VAL A 54 ? 0.2727 0.2086 0.1916 0.0525  -0.0180 0.0045  2884 VAL A CB  
416 C CG1 . VAL A 54 ? 0.3322 0.2208 0.2020 0.0619  -0.0241 0.0015  2884 VAL A CG1 
417 C CG2 . VAL A 54 ? 0.2691 0.2138 0.1970 0.0633  -0.0239 0.0005  2884 VAL A CG2 
418 N N   . VAL A 55 ? 0.2059 0.1568 0.1271 0.0501  -0.0083 0.0056  2885 VAL A N   
419 C CA  . VAL A 55 ? 0.2107 0.1517 0.1209 0.0376  -0.0042 0.0095  2885 VAL A CA  
420 C C   . VAL A 55 ? 0.3381 0.2299 0.1994 0.0377  -0.0088 0.0079  2885 VAL A C   
421 O O   . VAL A 55 ? 0.2884 0.1554 0.1225 0.0568  -0.0153 0.0023  2885 VAL A O   
422 C CB  . VAL A 55 ? 0.2961 0.2620 0.2227 0.0432  0.0004  0.0082  2885 VAL A CB  
423 C CG1 . VAL A 55 ? 0.2555 0.2091 0.1685 0.0307  0.0032  0.0120  2885 VAL A CG1 
424 C CG2 . VAL A 55 ? 0.2558 0.2616 0.2214 0.0390  0.0058  0.0100  2885 VAL A CG2 
425 N N   . GLN A 56 ? 0.2827 0.1604 0.1301 0.0162  -0.0060 0.0116  2886 GLN A N   
426 C CA  . GLN A 56 ? 0.3759 0.2057 0.1732 0.0089  -0.0084 0.0103  2886 GLN A CA  
427 C C   . GLN A 56 ? 0.3944 0.2355 0.1960 -0.0079 -0.0037 0.0123  2886 GLN A C   
428 O O   . GLN A 56 ? 0.2934 0.1481 0.1031 -0.0295 -0.0004 0.0138  2886 GLN A O   
429 C CB  . GLN A 56 ? 0.3970 0.1921 0.1621 -0.0065 -0.0098 0.0106  2886 GLN A CB  
430 C CG  . GLN A 56 ? 0.4795 0.2173 0.1840 -0.0205 -0.0113 0.0091  2886 GLN A CG  
431 C CD  . GLN A 56 ? 0.5649 0.2859 0.2555 -0.0454 -0.0083 0.0078  2886 GLN A CD  
432 O OE1 . GLN A 56 ? 0.5482 0.3052 0.2658 -0.0600 -0.0029 0.0101  2886 GLN A OE1 
433 N NE2 . GLN A 56 ? 0.6750 0.3404 0.3233 -0.0503 -0.0114 0.0038  2886 GLN A NE2 
434 N N   . GLY A 57 ? 0.3104 0.1499 0.1071 0.0036  -0.0041 0.0110  2887 GLY A N   
435 C CA  . GLY A 57 ? 0.3215 0.1709 0.1206 -0.0088 -0.0010 0.0125  2887 GLY A CA  
436 C C   . GLY A 57 ? 0.2810 0.1798 0.1267 -0.0156 0.0031  0.0160  2887 GLY A C   
437 O O   . GLY A 57 ? 0.2485 0.1743 0.1232 -0.0032 0.0053  0.0173  2887 GLY A O   
438 N N   . LYS A 58 ? 0.2862 0.1963 0.1358 -0.0356 0.0040  0.0163  2888 LYS A N   
439 C CA  . LYS A 58 ? 0.2624 0.2150 0.1493 -0.0388 0.0054  0.0182  2888 LYS A CA  
440 C C   . LYS A 58 ? 0.1950 0.1672 0.1048 -0.0401 0.0061  0.0187  2888 LYS A C   
441 O O   . LYS A 58 ? 0.2001 0.2036 0.1371 -0.0399 0.0062  0.0195  2888 LYS A O   
442 C CB  . LYS A 58 ? 0.2239 0.1873 0.1048 -0.0557 0.0044  0.0154  2888 LYS A CB  
443 C CG  . LYS A 58 ? 0.2979 0.2419 0.1562 -0.0541 0.0034  0.0153  2888 LYS A CG  
444 C CD  . LYS A 58 ? 0.3806 0.3413 0.2366 -0.0697 0.0012  0.0118  2888 LYS A CD  
445 C CE  . LYS A 58 ? 0.4448 0.3991 0.2806 -0.0949 0.0017  0.0059  2888 LYS A CE  
446 N NZ  . LYS A 58 ? 0.5242 0.4952 0.3533 -0.1127 -0.0007 0.0001  2888 LYS A NZ  
447 N N   . LEU A 59 ? 0.2097 0.1592 0.1043 -0.0396 0.0057  0.0178  2889 LEU A N   
448 C CA  . LEU A 59 ? 0.1931 0.1560 0.1051 -0.0403 0.0064  0.0181  2889 LEU A CA  
449 C C   . LEU A 59 ? 0.1762 0.1450 0.1067 -0.0216 0.0056  0.0202  2889 LEU A C   
450 O O   . LEU A 59 ? 0.1912 0.1415 0.1079 -0.0090 0.0036  0.0189  2889 LEU A O   
451 C CB  . LEU A 59 ? 0.2241 0.1567 0.1041 -0.0535 0.0066  0.0154  2889 LEU A CB  
452 C CG  . LEU A 59 ? 0.2115 0.1516 0.1047 -0.0514 0.0069  0.0156  2889 LEU A CG  
453 C CD1 . LEU A 59 ? 0.1838 0.1652 0.1071 -0.0609 0.0101  0.0141  2889 LEU A CD1 
454 C CD2 . LEU A 59 ? 0.2517 0.1486 0.1036 -0.0598 0.0062  0.0139  2889 LEU A CD2 
455 N N   . HIS A 60 ? 0.1480 0.1445 0.1083 -0.0197 0.0067  0.0219  2890 HIS A N   
456 C CA  . HIS A 60 ? 0.1333 0.1388 0.1114 -0.0075 0.0067  0.0231  2890 HIS A CA  
457 C C   . HIS A 60 ? 0.1259 0.1345 0.1118 -0.0097 0.0059  0.0228  2890 HIS A C   
458 O O   . HIS A 60 ? 0.1175 0.1387 0.1116 -0.0177 0.0069  0.0228  2890 HIS A O   
459 C CB  . HIS A 60 ? 0.1149 0.1417 0.1139 -0.0042 0.0091  0.0259  2890 HIS A CB  
460 C CG  . HIS A 60 ? 0.1230 0.1470 0.1142 -0.0009 0.0108  0.0260  2890 HIS A CG  
461 N ND1 . HIS A 60 ? 0.1425 0.1736 0.1400 0.0068  0.0138  0.0248  2890 HIS A ND1 
462 C CD2 . HIS A 60 ? 0.1650 0.1824 0.1426 -0.0054 0.0105  0.0262  2890 HIS A CD2 
463 C CE1 . HIS A 60 ? 0.1739 0.2011 0.1608 0.0080  0.0157  0.0246  2890 HIS A CE1 
464 N NE2 . HIS A 60 ? 0.1395 0.1561 0.1135 0.0011  0.0132  0.0259  2890 HIS A NE2 
465 N N   . GLN A 61 ? 0.1779 0.1780 0.1615 -0.0008 0.0035  0.0213  2891 GLN A N   
466 C CA  . GLN A 61 ? 0.1270 0.1264 0.1145 -0.0026 0.0023  0.0209  2891 GLN A CA  
467 C C   . GLN A 61 ? 0.1763 0.1872 0.1807 0.0079  0.0004  0.0198  2891 GLN A C   
468 O O   . GLN A 61 ? 0.1582 0.1694 0.1606 0.0191  -0.0021 0.0163  2891 GLN A O   
469 C CB  . GLN A 61 ? 0.1572 0.1242 0.1117 -0.0071 -0.0001 0.0187  2891 GLN A CB  
470 C CG  . GLN A 61 ? 0.1629 0.1236 0.1148 -0.0094 -0.0013 0.0180  2891 GLN A CG  
471 C CD  . GLN A 61 ? 0.2076 0.1255 0.1161 -0.0137 -0.0040 0.0161  2891 GLN A CD  
472 O OE1 . GLN A 61 ? 0.2267 0.1181 0.1113 -0.0006 -0.0099 0.0142  2891 GLN A OE1 
473 N NE2 . GLN A 61 ? 0.2135 0.1232 0.1074 -0.0319 0.0004  0.0154  2891 GLN A NE2 
474 N N   . LEU A 62 ? 0.1006 0.1239 0.1211 0.0042  0.0013  0.0213  2892 LEU A N   
475 C CA  . LEU A 62 ? 0.0930 0.1258 0.1270 0.0096  -0.0006 0.0197  2892 LEU A CA  
476 C C   . LEU A 62 ? 0.1659 0.1833 0.1883 0.0102  -0.0044 0.0181  2892 LEU A C   
477 O O   . LEU A 62 ? 0.1268 0.1409 0.1469 0.0023  -0.0024 0.0196  2892 LEU A O   
478 C CB  . LEU A 62 ? 0.0778 0.1258 0.1296 0.0047  0.0026  0.0226  2892 LEU A CB  
479 C CG  . LEU A 62 ? 0.1604 0.2169 0.2237 0.0053  0.0014  0.0208  2892 LEU A CG  
480 C CD1 . LEU A 62 ? 0.1458 0.2183 0.2168 0.0097  0.0012  0.0156  2892 LEU A CD1 
481 C CD2 . LEU A 62 ? 0.0997 0.1576 0.1685 -0.0010 0.0041  0.0243  2892 LEU A CD2 
482 N N   . ILE A 63 ? 0.2230 0.2321 0.2364 0.0206  -0.0101 0.0138  2893 ILE A N   
483 C CA  . ILE A 63 ? 0.2109 0.2019 0.2095 0.0231  -0.0150 0.0120  2893 ILE A CA  
484 C C   . ILE A 63 ? 0.1644 0.1759 0.1848 0.0265  -0.0176 0.0097  2893 ILE A C   
485 O O   . ILE A 63 ? 0.1569 0.1889 0.1911 0.0345  -0.0202 0.0049  2893 ILE A O   
486 C CB  . ILE A 63 ? 0.1645 0.1260 0.1309 0.0355  -0.0228 0.0079  2893 ILE A CB  
487 C CG1 . ILE A 63 ? 0.1830 0.1229 0.1254 0.0313  -0.0203 0.0095  2893 ILE A CG1 
488 C CG2 . ILE A 63 ? 0.2038 0.1360 0.1447 0.0355  -0.0276 0.0071  2893 ILE A CG2 
489 C CD1 . ILE A 63 ? 0.2394 0.1385 0.1390 0.0446  -0.0286 0.0055  2893 ILE A CD1 
490 N N   . ILE A 64 ? 0.1349 0.1433 0.1578 0.0192  -0.0161 0.0120  2894 ILE A N   
491 C CA  . ILE A 64 ? 0.1546 0.1767 0.1933 0.0198  -0.0185 0.0099  2894 ILE A CA  
492 C C   . ILE A 64 ? 0.2056 0.2090 0.2273 0.0253  -0.0254 0.0070  2894 ILE A C   
493 O O   . ILE A 64 ? 0.2077 0.1932 0.2157 0.0191  -0.0235 0.0094  2894 ILE A O   
494 C CB  . ILE A 64 ? 0.1837 0.2120 0.2339 0.0098  -0.0128 0.0142  2894 ILE A CB  
495 C CG1 . ILE A 64 ? 0.0795 0.1185 0.1388 0.0056  -0.0073 0.0176  2894 ILE A CG1 
496 C CG2 . ILE A 64 ? 0.2203 0.2576 0.2816 0.0080  -0.0152 0.0120  2894 ILE A CG2 
497 C CD1 . ILE A 64 ? 0.0948 0.1335 0.1580 0.0007  -0.0042 0.0207  2894 ILE A CD1 
498 N N   . MET A 65 ? 0.2084 0.2182 0.2299 0.0378  -0.0339 0.0004  2895 MET A N   
499 C CA  . MET A 65 ? 0.1534 0.1411 0.1527 0.0470  -0.0432 -0.0032 2895 MET A CA  
500 C C   . MET A 65 ? 0.1960 0.1986 0.2107 0.0445  -0.0462 -0.0059 2895 MET A C   
501 O O   . MET A 65 ? 0.1618 0.1942 0.2036 0.0373  -0.0427 -0.0069 2895 MET A O   
502 C CB  . MET A 65 ? 0.2863 0.2699 0.2708 0.0673  -0.0538 -0.0109 2895 MET A CB  
503 C CG  . MET A 65 ? 0.3018 0.2597 0.2613 0.0703  -0.0518 -0.0084 2895 MET A CG  
504 S SD  . MET A 65 ? 0.6274 0.5757 0.5634 0.0997  -0.0659 -0.0187 2895 MET A SD  
505 C CE  . MET A 65 ? 0.3437 0.2436 0.2343 0.1082  -0.0768 -0.0212 2895 MET A CE  
506 N N   . ASN A 66 ? 0.2403 0.2174 0.2323 0.0484  -0.0524 -0.0069 2896 ASN A N   
507 C CA  . ASN A 66 ? 0.1640 0.1499 0.1647 0.0475  -0.0572 -0.0103 2896 ASN A CA  
508 C C   . ASN A 66 ? 0.1420 0.1413 0.1633 0.0314  -0.0480 -0.0057 2896 ASN A C   
509 O O   . ASN A 66 ? 0.2291 0.2515 0.2696 0.0271  -0.0495 -0.0094 2896 ASN A O   
510 C CB  . ASN A 66 ? 0.1634 0.1812 0.1805 0.0601  -0.0675 -0.0208 2896 ASN A CB  
511 C CG  . ASN A 66 ? 0.2279 0.2304 0.2202 0.0826  -0.0795 -0.0272 2896 ASN A CG  
512 O OD1 . ASN A 66 ? 0.2698 0.2927 0.2706 0.0934  -0.0816 -0.0325 2896 ASN A OD1 
513 N ND2 . ASN A 66 ? 0.2508 0.2127 0.2070 0.0905  -0.0875 -0.0269 2896 ASN A ND2 
514 N N   . THR A 67 ? 0.1384 0.1232 0.1528 0.0225  -0.0390 0.0010  2897 THR A N   
515 C CA  . THR A 67 ? 0.2816 0.2761 0.3111 0.0123  -0.0316 0.0046  2897 THR A CA  
516 C C   . THR A 67 ? 0.2644 0.2554 0.2938 0.0094  -0.0348 0.0026  2897 THR A C   
517 O O   . THR A 67 ? 0.2347 0.2090 0.2481 0.0128  -0.0395 0.0007  2897 THR A O   
518 C CB  . THR A 67 ? 0.2450 0.2297 0.2668 0.0073  -0.0233 0.0092  2897 THR A CB  
519 O OG1 . THR A 67 ? 0.2403 0.2039 0.2395 0.0068  -0.0236 0.0083  2897 THR A OG1 
520 C CG2 . THR A 67 ? 0.1135 0.1059 0.1392 0.0066  -0.0190 0.0114  2897 THR A CG2 
521 N N   . SER A 68 ? 0.2658 0.2675 0.3079 0.0018  -0.0323 0.0032  2898 SER A N   
522 C CA  . SER A 68 ? 0.2459 0.2386 0.2835 -0.0037 -0.0340 0.0020  2898 SER A CA  
523 C C   . SER A 68 ? 0.2386 0.2193 0.2712 -0.0077 -0.0273 0.0068  2898 SER A C   
524 O O   . SER A 68 ? 0.1255 0.1105 0.1621 -0.0069 -0.0223 0.0102  2898 SER A O   
525 C CB  . SER A 68 ? 0.2298 0.2415 0.2788 -0.0108 -0.0390 -0.0040 2898 SER A CB  
526 O OG  . SER A 68 ? 0.2455 0.2738 0.3063 -0.0197 -0.0338 -0.0036 2898 SER A OG  
527 N N   . THR A 69 ? 0.2381 0.2015 0.2588 -0.0099 -0.0285 0.0062  2899 THR A N   
528 C CA  . THR A 69 ? 0.1994 0.1451 0.2080 -0.0090 -0.0248 0.0091  2899 THR A CA  
529 C C   . THR A 69 ? 0.1696 0.1155 0.1792 -0.0154 -0.0220 0.0119  2899 THR A C   
530 O O   . THR A 69 ? 0.2385 0.1756 0.2405 -0.0092 -0.0191 0.0149  2899 THR A O   
531 C CB  . THR A 69 ? 0.2710 0.1938 0.2621 -0.0117 -0.0285 0.0069  2899 THR A CB  
532 O OG1 . THR A 69 ? 0.2409 0.1620 0.2287 -0.0067 -0.0311 0.0041  2899 THR A OG1 
533 C CG2 . THR A 69 ? 0.2563 0.1544 0.2276 -0.0051 -0.0264 0.0087  2899 THR A CG2 
534 N N   . GLU A 70 ? 0.1849 0.1426 0.2023 -0.0279 -0.0230 0.0098  2900 GLU A N   
535 C CA  . GLU A 70 ? 0.2342 0.1922 0.2494 -0.0390 -0.0189 0.0116  2900 GLU A CA  
536 C C   . GLU A 70 ? 0.2571 0.2279 0.2824 -0.0318 -0.0149 0.0150  2900 GLU A C   
537 O O   . GLU A 70 ? 0.3306 0.2906 0.3459 -0.0362 -0.0113 0.0184  2900 GLU A O   
538 C CB  . GLU A 70 ? 0.2627 0.2444 0.2899 -0.0556 -0.0196 0.0054  2900 GLU A CB  
539 C CG  . GLU A 70 ? 0.3630 0.3319 0.3771 -0.0692 -0.0230 0.0011  2900 GLU A CG  
540 C CD  . GLU A 70 ? 0.4638 0.4508 0.4908 -0.0630 -0.0308 -0.0053 2900 GLU A CD  
541 O OE1 . GLU A 70 ? 0.3430 0.3328 0.3762 -0.0455 -0.0336 -0.0040 2900 GLU A OE1 
542 O OE2 . GLU A 70 ? 0.5264 0.5232 0.5538 -0.0768 -0.0344 -0.0123 2900 GLU A OE2 
543 N N   . ASP A 71 ? 0.1314 0.1205 0.1715 -0.0219 -0.0158 0.0142  2901 ASP A N   
544 C CA  . ASP A 71 ? 0.1339 0.1341 0.1816 -0.0162 -0.0125 0.0169  2901 ASP A CA  
545 C C   . ASP A 71 ? 0.1859 0.1737 0.2238 -0.0075 -0.0105 0.0203  2901 ASP A C   
546 O O   . ASP A 71 ? 0.2105 0.2067 0.2526 -0.0041 -0.0079 0.0222  2901 ASP A O   
547 C CB  . ASP A 71 ? 0.1342 0.1490 0.1914 -0.0095 -0.0147 0.0143  2901 ASP A CB  
548 C CG  . ASP A 71 ? 0.2113 0.2437 0.2786 -0.0117 -0.0190 0.0085  2901 ASP A CG  
549 O OD1 . ASP A 71 ? 0.2749 0.3212 0.3498 -0.0211 -0.0171 0.0062  2901 ASP A OD1 
550 O OD2 . ASP A 71 ? 0.1858 0.2184 0.2511 -0.0040 -0.0245 0.0052  2901 ASP A OD2 
551 N N   . SER A 72 ? 0.1536 0.1250 0.1789 -0.0026 -0.0122 0.0195  2902 SER A N   
552 C CA  . SER A 72 ? 0.1421 0.1064 0.1576 0.0088  -0.0117 0.0199  2902 SER A CA  
553 C C   . SER A 72 ? 0.1892 0.1380 0.1916 0.0079  -0.0118 0.0234  2902 SER A C   
554 O O   . SER A 72 ? 0.2610 0.1827 0.2434 0.0023  -0.0133 0.0246  2902 SER A O   
555 C CB  . SER A 72 ? 0.1592 0.1076 0.1604 0.0164  -0.0141 0.0169  2902 SER A CB  
556 O OG  . SER A 72 ? 0.2126 0.1711 0.2211 0.0152  -0.0135 0.0138  2902 SER A OG  
557 N N   . ALA A 73 ? 0.1490 0.1106 0.1580 0.0118  -0.0102 0.0248  2903 ALA A N   
558 C CA  . ALA A 73 ? 0.1673 0.1121 0.1611 0.0096  -0.0100 0.0285  2903 ALA A CA  
559 C C   . ALA A 73 ? 0.2113 0.1702 0.2097 0.0204  -0.0104 0.0286  2903 ALA A C   
560 O O   . ALA A 73 ? 0.1871 0.1717 0.2017 0.0267  -0.0099 0.0251  2903 ALA A O   
561 C CB  . ALA A 73 ? 0.1630 0.1129 0.1635 -0.0082 -0.0059 0.0302  2903 ALA A CB  
562 N N   . GLU A 74 ? 0.1848 0.1257 0.1657 0.0206  -0.0112 0.0319  2904 GLU A N   
563 C CA  . GLU A 74 ? 0.1900 0.1458 0.1759 0.0286  -0.0119 0.0319  2904 GLU A CA  
564 C C   . GLU A 74 ? 0.1848 0.1557 0.1856 0.0146  -0.0061 0.0347  2904 GLU A C   
565 O O   . GLU A 74 ? 0.2026 0.1615 0.1965 0.0010  -0.0023 0.0373  2904 GLU A O   
566 C CB  . GLU A 74 ? 0.2732 0.1971 0.2263 0.0403  -0.0176 0.0336  2904 GLU A CB  
567 C CG  . GLU A 74 ? 0.2035 0.1451 0.1608 0.0525  -0.0209 0.0318  2904 GLU A CG  
568 C CD  . GLU A 74 ? 0.3518 0.2601 0.2722 0.0711  -0.0300 0.0315  2904 GLU A CD  
569 O OE1 . GLU A 74 ? 0.3772 0.2430 0.2649 0.0636  -0.0297 0.0375  2904 GLU A OE1 
570 O OE2 . GLU A 74 ? 0.3177 0.2424 0.2393 0.0934  -0.0376 0.0243  2904 GLU A OE2 
571 N N   . TYR A 75 ? 0.1282 0.1264 0.1476 0.0169  -0.0050 0.0329  2905 TYR A N   
572 C CA  . TYR A 75 ? 0.1648 0.1753 0.1950 0.0076  -0.0004 0.0344  2905 TYR A CA  
573 C C   . TYR A 75 ? 0.1879 0.2012 0.2124 0.0129  -0.0016 0.0355  2905 TYR A C   
574 O O   . TYR A 75 ? 0.1606 0.1832 0.1852 0.0237  -0.0058 0.0324  2905 TYR A O   
575 C CB  . TYR A 75 ? 0.1428 0.1734 0.1909 0.0047  0.0011  0.0314  2905 TYR A CB  
576 C CG  . TYR A 75 ? 0.0906 0.1177 0.1424 0.0001  0.0010  0.0300  2905 TYR A CG  
577 C CD1 . TYR A 75 ? 0.0944 0.1156 0.1433 0.0041  -0.0014 0.0282  2905 TYR A CD1 
578 C CD2 . TYR A 75 ? 0.0880 0.1205 0.1460 -0.0074 0.0031  0.0292  2905 TYR A CD2 
579 C CE1 . TYR A 75 ? 0.1126 0.1294 0.1629 -0.0002 -0.0023 0.0268  2905 TYR A CE1 
580 C CE2 . TYR A 75 ? 0.1624 0.1960 0.2245 -0.0111 0.0017  0.0265  2905 TYR A CE2 
581 C CZ  . TYR A 75 ? 0.1341 0.1576 0.1914 -0.0080 -0.0013 0.0259  2905 TYR A CZ  
582 O OH  . TYR A 75 ? 0.1190 0.1426 0.1789 -0.0118 -0.0036 0.0229  2905 TYR A OH  
583 N N   . THR A 76 ? 0.1696 0.1775 0.1890 0.0056  0.0020  0.0385  2906 THR A N   
584 C CA  . THR A 76 ? 0.1336 0.1372 0.1417 0.0103  0.0004  0.0402  2906 THR A CA  
585 C C   . THR A 76 ? 0.1474 0.1657 0.1656 0.0035  0.0053  0.0403  2906 THR A C   
586 O O   . THR A 76 ? 0.1142 0.1375 0.1392 -0.0055 0.0107  0.0401  2906 THR A O   
587 C CB  . THR A 76 ? 0.2111 0.1796 0.1882 0.0089  -0.0002 0.0443  2906 THR A CB  
588 O OG1 . THR A 76 ? 0.2340 0.1809 0.1952 0.0160  -0.0052 0.0439  2906 THR A OG1 
589 C CG2 . THR A 76 ? 0.1904 0.1492 0.1501 0.0178  -0.0044 0.0457  2906 THR A CG2 
590 N N   . PHE A 77 ? 0.1254 0.1528 0.1439 0.0087  0.0028  0.0394  2907 PHE A N   
591 C CA  . PHE A 77 ? 0.1116 0.1450 0.1315 0.0036  0.0067  0.0399  2907 PHE A CA  
592 C C   . PHE A 77 ? 0.1750 0.1942 0.1758 0.0060  0.0054  0.0427  2907 PHE A C   
593 O O   . PHE A 77 ? 0.1700 0.1862 0.1617 0.0158  -0.0016 0.0420  2907 PHE A O   
594 C CB  . PHE A 77 ? 0.1000 0.1504 0.1299 0.0038  0.0054  0.0362  2907 PHE A CB  
595 C CG  . PHE A 77 ? 0.1044 0.1553 0.1319 -0.0002 0.0090  0.0361  2907 PHE A CG  
596 C CD1 . PHE A 77 ? 0.1443 0.1939 0.1622 0.0006  0.0078  0.0365  2907 PHE A CD1 
597 C CD2 . PHE A 77 ? 0.1086 0.1610 0.1413 -0.0022 0.0125  0.0345  2907 PHE A CD2 
598 C CE1 . PHE A 77 ? 0.1934 0.2406 0.2060 -0.0020 0.0110  0.0361  2907 PHE A CE1 
599 C CE2 . PHE A 77 ? 0.0958 0.1474 0.1230 -0.0019 0.0149  0.0329  2907 PHE A CE2 
600 C CZ  . PHE A 77 ? 0.2208 0.2685 0.2374 -0.0024 0.0147  0.0341  2907 PHE A CZ  
601 N N   . VAL A 78 ? 0.2124 0.2252 0.2062 -0.0020 0.0119  0.0448  2908 VAL A N   
602 C CA  . VAL A 78 ? 0.2860 0.2793 0.2559 -0.0023 0.0121  0.0481  2908 VAL A CA  
603 C C   . VAL A 78 ? 0.2730 0.2760 0.2441 -0.0031 0.0143  0.0471  2908 VAL A C   
604 O O   . VAL A 78 ? 0.1472 0.1642 0.1307 -0.0082 0.0203  0.0447  2908 VAL A O   
605 C CB  . VAL A 78 ? 0.3080 0.2816 0.2607 -0.0151 0.0198  0.0507  2908 VAL A CB  
606 C CG1 . VAL A 78 ? 0.2228 0.1689 0.1428 -0.0175 0.0208  0.0544  2908 VAL A CG1 
607 C CG2 . VAL A 78 ? 0.2469 0.2044 0.1925 -0.0158 0.0172  0.0516  2908 VAL A CG2 
608 N N   . CYS A 79 ? 0.1740 0.1689 0.1302 0.0038  0.0083  0.0480  2909 CYS A N   
609 C CA  . CYS A 79 ? 0.1729 0.1739 0.1268 0.0027  0.0094  0.0470  2909 CYS A CA  
610 C C   . CYS A 79 ? 0.2449 0.2309 0.1756 0.0100  0.0021  0.0484  2909 CYS A C   
611 O O   . CYS A 79 ? 0.2559 0.2440 0.1838 0.0211  -0.0080 0.0465  2909 CYS A O   
612 C CB  . CYS A 79 ? 0.1838 0.2070 0.1569 0.0031  0.0073  0.0424  2909 CYS A CB  
613 S SG  . CYS A 79 ? 0.2483 0.2742 0.2129 0.0015  0.0062  0.0401  2909 CYS A SG  
614 N N   . GLY A 80 ? 0.2907 0.2638 0.2039 0.0056  0.0066  0.0505  2910 GLY A N   
615 C CA  . GLY A 80 ? 0.3518 0.3047 0.2368 0.0129  -0.0008 0.0523  2910 GLY A CA  
616 C C   . GLY A 80 ? 0.3390 0.2602 0.1973 0.0181  -0.0049 0.0560  2910 GLY A C   
617 O O   . GLY A 80 ? 0.2959 0.2038 0.1496 0.0079  0.0034  0.0588  2910 GLY A O   
618 N N   . ASN A 81 ? 0.2995 0.2074 0.1371 0.0343  -0.0184 0.0550  2911 ASN A N   
619 C CA  . ASN A 81 ? 0.4413 0.3131 0.2480 0.0435  -0.0248 0.0576  2911 ASN A CA  
620 C C   . ASN A 81 ? 0.4100 0.3054 0.2403 0.0564  -0.0327 0.0524  2911 ASN A C   
621 O O   . ASN A 81 ? 0.4946 0.3660 0.3005 0.0723  -0.0429 0.0516  2911 ASN A O   
622 C CB  . ASN A 81 ? 0.5132 0.3477 0.2737 0.0587  -0.0369 0.0588  2911 ASN A CB  
623 C CG  . ASN A 81 ? 0.5007 0.3664 0.2754 0.0809  -0.0533 0.0499  2911 ASN A CG  
624 O OD1 . ASN A 81 ? 0.4959 0.4101 0.3105 0.0817  -0.0546 0.0440  2911 ASN A OD1 
625 N ND2 . ASN A 81 ? 0.4792 0.3229 0.2291 0.0943  -0.0629 0.0453  2911 ASN A ND2 
626 N N   . ASP A 82 ? 0.3455 0.2843 0.2188 0.0498  -0.0281 0.0482  2912 ASP A N   
627 C CA  . ASP A 82 ? 0.3856 0.3499 0.2829 0.0576  -0.0326 0.0428  2912 ASP A CA  
628 C C   . ASP A 82 ? 0.3286 0.2864 0.2360 0.0464  -0.0234 0.0458  2912 ASP A C   
629 O O   . ASP A 82 ? 0.3056 0.2579 0.2166 0.0297  -0.0120 0.0499  2912 ASP A O   
630 C CB  . ASP A 82 ? 0.4338 0.4457 0.3658 0.0543  -0.0329 0.0357  2912 ASP A CB  
631 C CG  . ASP A 82 ? 0.5410 0.5734 0.4701 0.0674  -0.0449 0.0284  2912 ASP A CG  
632 O OD1 . ASP A 82 ? 0.5948 0.6109 0.5000 0.0870  -0.0565 0.0267  2912 ASP A OD1 
633 O OD2 . ASP A 82 ? 0.5237 0.5865 0.4714 0.0580  -0.0432 0.0237  2912 ASP A OD2 
634 N N   . GLN A 83 ? 0.3303 0.2948 0.2448 0.0564  -0.0287 0.0423  2913 GLN A N   
635 C CA  . GLN A 83 ? 0.3404 0.3146 0.2760 0.0459  -0.0211 0.0427  2913 GLN A CA  
636 C C   . GLN A 83 ? 0.2942 0.2943 0.2473 0.0584  -0.0279 0.0354  2913 GLN A C   
637 O O   . GLN A 83 ? 0.3401 0.3365 0.2789 0.0779  -0.0386 0.0310  2913 GLN A O   
638 C CB  . GLN A 83 ? 0.4122 0.3477 0.3241 0.0372  -0.0159 0.0486  2913 GLN A CB  
639 C CG  . GLN A 83 ? 0.4676 0.3678 0.3472 0.0517  -0.0250 0.0488  2913 GLN A CG  
640 C CD  . GLN A 83 ? 0.5047 0.3650 0.3586 0.0364  -0.0181 0.0542  2913 GLN A CD  
641 O OE1 . GLN A 83 ? 0.5281 0.3797 0.3761 0.0162  -0.0076 0.0580  2913 GLN A OE1 
642 N NE2 . GLN A 83 ? 0.5414 0.3792 0.3790 0.0450  -0.0236 0.0532  2913 GLN A NE2 
643 N N   . VAL A 84 ? 0.2224 0.2489 0.2039 0.0485  -0.0217 0.0330  2914 VAL A N   
644 C CA  . VAL A 84 ? 0.2324 0.2860 0.2309 0.0559  -0.0252 0.0256  2914 VAL A CA  
645 C C   . VAL A 84 ? 0.2452 0.2890 0.2497 0.0492  -0.0200 0.0278  2914 VAL A C   
646 O O   . VAL A 84 ? 0.2190 0.2508 0.2256 0.0355  -0.0126 0.0331  2914 VAL A O   
647 C CB  . VAL A 84 ? 0.1745 0.2679 0.1963 0.0475  -0.0229 0.0190  2914 VAL A CB  
648 C CG1 . VAL A 84 ? 0.1678 0.2799 0.1863 0.0555  -0.0303 0.0135  2914 VAL A CG1 
649 C CG2 . VAL A 84 ? 0.1502 0.2381 0.1787 0.0291  -0.0137 0.0238  2914 VAL A CG2 
650 N N   . SER A 85 ? 0.1440 0.1961 0.1512 0.0600  -0.0240 0.0225  2915 SER A N   
651 C CA  . SER A 85 ? 0.1419 0.1816 0.1506 0.0556  -0.0205 0.0243  2915 SER A CA  
652 C C   . SER A 85 ? 0.1709 0.2416 0.1984 0.0582  -0.0202 0.0162  2915 SER A C   
653 O O   . SER A 85 ? 0.1226 0.2241 0.1580 0.0676  -0.0242 0.0076  2915 SER A O   
654 C CB  . SER A 85 ? 0.2082 0.2077 0.1868 0.0663  -0.0258 0.0273  2915 SER A CB  
655 O OG  . SER A 85 ? 0.2814 0.2484 0.2398 0.0558  -0.0226 0.0350  2915 SER A OG  
656 N N   . ALA A 86 ? 0.1392 0.2044 0.1732 0.0489  -0.0151 0.0180  2916 ALA A N   
657 C CA  . ALA A 86 ? 0.1055 0.1933 0.1515 0.0499  -0.0138 0.0109  2916 ALA A CA  
658 C C   . ALA A 86 ? 0.1098 0.1739 0.1504 0.0465  -0.0119 0.0144  2916 ALA A C   
659 O O   . ALA A 86 ? 0.1146 0.1538 0.1479 0.0390  -0.0105 0.0213  2916 ALA A O   
660 C CB  . ALA A 86 ? 0.0858 0.2002 0.1470 0.0349  -0.0077 0.0076  2916 ALA A CB  
661 N N   . THR A 87 ? 0.1408 0.2156 0.1848 0.0512  -0.0117 0.0085  2917 THR A N   
662 C CA  A THR A 87 ? 0.1169 0.1685 0.1536 0.0493  -0.0113 0.0111  2917 THR A CA  
663 C CA  B THR A 87 ? 0.1169 0.1685 0.1536 0.0492  -0.0113 0.0111  2917 THR A CA  
664 C C   . THR A 87 ? 0.1184 0.1798 0.1663 0.0356  -0.0056 0.0102  2917 THR A C   
665 O O   . THR A 87 ? 0.0909 0.1778 0.1476 0.0309  -0.0018 0.0046  2917 THR A O   
666 C CB  A THR A 87 ? 0.1632 0.2101 0.1878 0.0675  -0.0164 0.0051  2917 THR A CB  
667 C CB  B THR A 87 ? 0.1630 0.2088 0.1870 0.0677  -0.0165 0.0052  2917 THR A CB  
668 O OG1 A THR A 87 ? 0.1689 0.2542 0.2081 0.0710  -0.0138 -0.0049 2917 THR A OG1 
669 O OG1 B THR A 87 ? 0.1613 0.1933 0.1820 0.0633  -0.0146 0.0055  2917 THR A OG1 
670 C CG2 A THR A 87 ? 0.1628 0.1949 0.1684 0.0854  -0.0244 0.0048  2917 THR A CG2 
671 C CG2 B THR A 87 ? 0.1782 0.2659 0.2145 0.0784  -0.0169 -0.0060 2917 THR A CG2 
672 N N   . LEU A 88 ? 0.1460 0.1858 0.1902 0.0282  -0.0051 0.0149  2918 LEU A N   
673 C CA  . LEU A 88 ? 0.1891 0.2297 0.2364 0.0196  -0.0024 0.0137  2918 LEU A CA  
674 C C   . LEU A 88 ? 0.2081 0.2359 0.2470 0.0252  -0.0043 0.0116  2918 LEU A C   
675 O O   . LEU A 88 ? 0.1221 0.1283 0.1508 0.0285  -0.0078 0.0143  2918 LEU A O   
676 C CB  . LEU A 88 ? 0.1883 0.2190 0.2379 0.0104  -0.0023 0.0182  2918 LEU A CB  
677 C CG  . LEU A 88 ? 0.1501 0.1728 0.1967 0.0057  -0.0030 0.0170  2918 LEU A CG  
678 C CD1 . LEU A 88 ? 0.0922 0.1201 0.1334 0.0009  0.0002  0.0138  2918 LEU A CD1 
679 C CD2 . LEU A 88 ? 0.0891 0.1073 0.1389 0.0022  -0.0057 0.0188  2918 LEU A CD2 
680 N N   . THR A 89 ? 0.1072 0.1458 0.1466 0.0243  -0.0014 0.0064  2919 THR A N   
681 C CA  . THR A 89 ? 0.1969 0.2223 0.2270 0.0281  -0.0026 0.0040  2919 THR A CA  
682 C C   . THR A 89 ? 0.1409 0.1582 0.1685 0.0168  -0.0010 0.0050  2919 THR A C   
683 O O   . THR A 89 ? 0.1142 0.1418 0.1412 0.0090  0.0036  0.0026  2919 THR A O   
684 C CB  . THR A 89 ? 0.2390 0.2844 0.2683 0.0387  -0.0005 -0.0049 2919 THR A CB  
685 O OG1 . THR A 89 ? 0.2686 0.3219 0.2977 0.0539  -0.0045 -0.0072 2919 THR A OG1 
686 C CG2 . THR A 89 ? 0.2346 0.2625 0.2514 0.0443  -0.0019 -0.0074 2919 THR A CG2 
687 N N   . VAL A 90 ? 0.1240 0.1205 0.1461 0.0153  -0.0053 0.0078  2920 VAL A N   
688 C CA  . VAL A 90 ? 0.1571 0.1442 0.1739 0.0084  -0.0065 0.0079  2920 VAL A CA  
689 C C   . VAL A 90 ? 0.2491 0.2266 0.2540 0.0103  -0.0060 0.0040  2920 VAL A C   
690 O O   . VAL A 90 ? 0.2757 0.2400 0.2751 0.0145  -0.0096 0.0039  2920 VAL A O   
691 C CB  . VAL A 90 ? 0.1861 0.1649 0.2067 0.0053  -0.0123 0.0107  2920 VAL A CB  
692 C CG1 . VAL A 90 ? 0.1666 0.1366 0.1795 0.0033  -0.0162 0.0090  2920 VAL A CG1 
693 C CG2 . VAL A 90 ? 0.1130 0.1034 0.1448 0.0036  -0.0115 0.0135  2920 VAL A CG2 
694 N N   . THR A 91 ? 0.3397 0.3204 0.3363 0.0049  -0.0012 0.0008  2921 THR A N   
695 C CA  . THR A 91 ? 0.4403 0.4200 0.4247 0.0046  0.0033  -0.0047 2921 THR A CA  
696 C C   . THR A 91 ? 0.5466 0.5496 0.5379 0.0135  0.0080  -0.0109 2921 THR A C   
697 O O   . THR A 91 ? 0.5844 0.6131 0.5869 0.0139  0.0117  -0.0136 2921 THR A O   
698 C CB  . THR A 91 ? 0.3943 0.3499 0.3666 0.0073  -0.0023 -0.0044 2921 THR A CB  
699 O OG1 . THR A 91 ? 0.4774 0.4268 0.4546 0.0154  -0.0073 -0.0029 2921 THR A OG1 
700 C CG2 . THR A 91 ? 0.2990 0.2365 0.2634 0.0022  -0.0084 -0.0012 2921 THR A CG2 
701 O OXT . THR A 91 ? 0.6561 0.6538 0.6406 0.0222  0.0071  -0.0147 2921 THR A OXT 
# 
